data_7Z0O
#
_entry.id   7Z0O
#
loop_
_entity.id
_entity.type
_entity.pdbx_description
1 polymer 'Histone H3'
2 polymer 'Histone H4'
3 polymer 'RNA polymerase I-specific transcription initiation factor RRN5'
4 polymer 'RNA polymerase I-specific transcription initiation factor RRN9'
5 polymer 'RNA polymerase I-specific transcription initiation factor RRN10'
6 polymer 'Upstream activation factor subunit UAF30'
7 polymer 'TATA-box-binding protein'
8 polymer 'Non-template DNA'
9 polymer 'Template DNA'
#
loop_
_entity_poly.entity_id
_entity_poly.type
_entity_poly.pdbx_seq_one_letter_code
_entity_poly.pdbx_strand_id
1 'polypeptide(L)'
;MARTKQTARKSTGGKAPRKQLASKAARKSAPSTGGVKKPHRYKPGTVALREIRRFQKSTELLIRKLPFQRLVREIAQDFK
TDLRFQSSAIGALQESVEAYLVSLFEDTNLAAIHAKRVTIQKKDIKLARRLRGERS
;
A,C
2 'polypeptide(L)'
;MSGRGKGGKGLGKGGAKRHRKILRDNIQGITKPAIRRLARRGGVKRISGLIYEEVRAVLKSFLESVIRDSVTYTEHAKRK
TVTSLDVVYALKRQGRTLYGFGG
;
B
3 'polypeptide(L)'
;SMEHQQLRKYVELYNKEVEEFYNGAASGRPAEFHPSKVHVKSIHEKAGTANAGVEISSVGVDWDSEEKNTFFWCLSRYSI
HRVDEWRSLLPRKSAMEILGYYRLLRRASASARSRKAGDDGAPIAYEMSAEWVALETKLSETVMAITEGAAEVADEEGHC
EGLIDYESWKRRWVAIYSHSRIAEIRPLPRHALPLSRSATQTLERCVSRYTRTLLWCTALAGMASRSVSARAAESRGHKS
LPTVVTRRQVERALCTEARSRDLHVLPRRIVLTLRKWELDYPREGKLFRTKEMAHLFLQSQLSRRDAPPVHQDENQENQE
NQENQEQDNTASEGESEAERDEIDEADLFRSALHENQLLKWLSK
;
D
4 'polypeptide(L)'
;SMSDLDEESQIETQIDAPIEDIIRGSELTTTTADKETLKSANELLDSLEHSHRVDLSLHLYSAYLLKRLLYKANEKKHFY
EVNQFVKTQIKDNWTSWPNPNTIIDPSVDKLYEDIPEGIANVSVQPGEISNRALMHASDMMRVELDAQWQKFLSKSALDH
DVTLDVDELNIPNEISRNILVKLDSLFEGLHDKIAKENEFDVRQDKHSNNIRANQIDDEPMQANRRIKYTYHDLVSRGCE
MNEDMTDIYMKSLELYNDIPEKYKKRKFRLPKQILKKYHQPKKTSSYLKELLSKTREDFIPVEKLLKDKRLTSKDKSKLQ
RLNREETEDALNKRTFFQVKGYLEDENEISDYELDDCLIELPNGNI
;
E
5 'polypeptide(L)'
;MDRNVYEACSNIIKEFGTHVVSADEVLAEKIDNAVPIPFKTREEIDADVEKDRNEGVFEGNIIPDIDLRVVHYYATQLCL
NKYPHLINAFDETSLITLGLLIEKWVKDYLTSIQTEQGRQSKVIGKGPCEFISKHIDYRHAPGNI
;
F
6 'polypeptide(L)'
;MAELNDYSTMIDILLSDMDLETVTTKKVRMALKEVYAIDVESQGKAINKLIRKHLDLVKERPRFERSLEDLLKENATLAI
ELTKEITVSKRSSGEEKNDSETKGTHVEKKKGTVSKSPISTRKVTLSKSLASLLGEHELTRTEVVRRLWAYIKAHNLQNP
NNKKEILCDEKLELILGKSTNMFEMHKILASHMTEPKKISDCPPLIQEVRRKEKPIVSDSEQSDTKGI
;
G
7 'polypeptide(L)'
;GHMADEERLKEFKEANKIVFDPNTRQVWENQNRDGTKPATTFQSEEDIKRAAPESEKDTSATSGIVPTLQNIVATVTLGC
RLDLKTVALHARNAEYNPKRFAAVIMRIREPKTTALIFASGKMVVTGAKSEDDSKLASRKYARIIQKIGFAAKFTDFKIQ
NIVGSCDVKFPIRLEGLAFSHGTFSSYEPELFPGLIYRMVKPKIVLLIFVSGKIVLTGAKQREEIYQAFEAIYPVLSEFR
KM
;
H
8 'polydeoxyribonucleotide'
;(DG)(DA)(DA)(DA)(DA)(DA)(DA)(DA)(DA)(DA)(DA)(DT)(DA)(DT)(DA)(DC)(DG)(DC)(DT)(DA)
(DA)(DG)(DA)(DT)(DT)(DT)(DT)(DT)(DG)(DG)(DA)(DG)(DA)(DA)(DT)(DA)(DG)(DC)(DT)(DT)
(DA)(DA)(DA)(DT)(DT)(DG)(DA)(DA)(DG)(DT)(DT)(DT)(DT)(DT)(DC)(DT)(DC)(DG)(DG)(DC)
(DG)(DA)(DG)(DA)(DA)(DA)(DT)(DA)(DC)(DG)(DT)(DA)(DG)(DT)(DT)(DA)(DA)(DG)(DG)(DC)
(DA)(DG)(DA)(DG)(DC)(DG)(DA)(DC)(DA)(DG)(DA)(DG)(DA)(DG)(DG)(DG)(DC)(DA)(DA)(DA)
(DA)(DG)(DA)(DA)(DA)(DA)(DT)(DA)(DA)(DA)(DA)(DG)(DT)(DA)(DA)(DG)(DA)(DT)(DT)(DT)
(DT)(DA)(DG)(DT)(DT)(DT)(DG)(DT)(DA)(DA)(DT)(DG)(DG)(DG)(DA)(DG)(DG)(DG)(DG)(DG)
(DG)(DG)(DT)(DT)(DT)(DA)(DG)(DT)(DC)(DA)(DT)
;
N
9 'polydeoxyribonucleotide'
;(DA)(DT)(DG)(DA)(DC)(DT)(DA)(DA)(DA)(DC)(DC)(DC)(DC)(DC)(DC)(DC)(DT)(DC)(DC)(DC)
(DA)(DT)(DT)(DA)(DC)(DA)(DA)(DA)(DC)(DT)(DA)(DA)(DA)(DA)(DT)(DC)(DT)(DT)(DA)(DC)
(DT)(DT)(DT)(DT)(DA)(DT)(DT)(DT)(DT)(DC)(DT)(DT)(DT)(DT)(DG)(DC)(DC)(DC)(DT)(DC)
(DT)(DC)(DT)(DG)(DT)(DC)(DG)(DC)(DT)(DC)(DT)(DG)(DC)(DC)(DT)(DT)(DA)(DA)(DC)(DT)
(DA)(DC)(DG)(DT)(DA)(DT)(DT)(DT)(DC)(DT)(DC)(DG)(DC)(DC)(DG)(DA)(DG)(DA)(DA)(DA)
(DA)(DA)(DC)(DT)(DT)(DC)(DA)(DA)(DT)(DT)(DT)(DA)(DA)(DG)(DC)(DT)(DA)(DT)(DT)(DC)
(DT)(DC)(DC)(DA)(DA)(DA)(DA)(DA)(DT)(DC)(DT)(DT)(DA)(DG)(DC)(DG)(DT)(DA)(DT)(DA)
(DT)(DT)(DT)(DT)(DT)(DT)(DT)(DT)(DT)(DT)(DC)
;
T
#
# COMPACT_ATOMS: atom_id res chain seq x y z
N HIS A 40 -20.09 9.64 38.78
CA HIS A 40 -18.95 10.10 37.99
C HIS A 40 -19.37 10.40 36.56
N ARG A 41 -18.50 11.08 35.82
CA ARG A 41 -18.76 11.48 34.46
C ARG A 41 -17.66 10.94 33.55
N TYR A 42 -18.05 10.29 32.47
CA TYR A 42 -17.12 9.81 31.45
C TYR A 42 -17.02 10.89 30.39
N LYS A 43 -15.84 11.49 30.26
CA LYS A 43 -15.66 12.62 29.37
C LYS A 43 -14.49 12.37 28.43
N PRO A 44 -14.59 12.78 27.16
CA PRO A 44 -13.46 12.62 26.25
C PRO A 44 -12.24 13.39 26.73
N GLY A 45 -11.08 12.78 26.58
CA GLY A 45 -9.84 13.43 26.96
C GLY A 45 -9.58 14.69 26.16
N THR A 46 -9.28 15.79 26.84
CA THR A 46 -9.06 17.06 26.18
C THR A 46 -7.66 17.14 25.58
N VAL A 47 -7.54 17.88 24.49
CA VAL A 47 -6.24 18.14 23.88
C VAL A 47 -5.68 19.42 24.47
N ALA A 48 -4.46 19.35 25.00
CA ALA A 48 -3.83 20.51 25.60
C ALA A 48 -3.55 21.57 24.55
N LEU A 49 -3.53 22.84 24.99
CA LEU A 49 -3.28 23.93 24.07
C LEU A 49 -1.87 23.87 23.49
N ARG A 50 -0.91 23.34 24.24
CA ARG A 50 0.44 23.19 23.70
C ARG A 50 0.47 22.15 22.57
N GLU A 51 -0.47 21.21 22.59
CA GLU A 51 -0.57 20.26 21.49
C GLU A 51 -1.12 20.94 20.23
N ILE A 52 -2.06 21.87 20.41
CA ILE A 52 -2.61 22.57 19.26
C ILE A 52 -1.54 23.45 18.61
N ARG A 53 -0.76 24.16 19.42
CA ARG A 53 0.28 25.02 18.87
C ARG A 53 1.34 24.20 18.13
N ARG A 54 1.73 23.06 18.68
CA ARG A 54 2.69 22.20 18.00
C ARG A 54 2.14 21.67 16.69
N PHE A 55 0.86 21.29 16.68
CA PHE A 55 0.23 20.84 15.44
C PHE A 55 0.20 21.96 14.42
N GLN A 56 -0.12 23.18 14.85
CA GLN A 56 -0.12 24.32 13.95
C GLN A 56 1.28 24.58 13.40
N LYS A 57 2.30 24.43 14.23
CA LYS A 57 3.67 24.62 13.78
C LYS A 57 4.06 23.57 12.74
N SER A 58 3.64 22.31 12.96
CA SER A 58 4.06 21.22 12.09
C SER A 58 3.35 21.23 10.74
N THR A 59 2.05 21.52 10.73
CA THR A 59 1.23 21.32 9.53
C THR A 59 0.86 22.61 8.83
N GLU A 60 1.42 23.75 9.23
CA GLU A 60 1.11 25.00 8.56
C GLU A 60 1.67 25.01 7.14
N LEU A 61 0.89 25.54 6.21
CA LEU A 61 1.33 25.70 4.83
C LEU A 61 2.24 26.93 4.76
N LEU A 62 3.53 26.69 4.52
CA LEU A 62 4.50 27.78 4.58
C LEU A 62 4.45 28.67 3.35
N ILE A 63 4.19 28.10 2.17
CA ILE A 63 4.12 28.90 0.96
C ILE A 63 2.80 29.65 0.91
N ARG A 64 2.86 30.94 0.59
CA ARG A 64 1.66 31.75 0.48
C ARG A 64 0.80 31.28 -0.69
N LYS A 65 -0.52 31.34 -0.49
CA LYS A 65 -1.44 30.78 -1.47
C LYS A 65 -1.41 31.57 -2.78
N LEU A 66 -1.46 32.91 -2.69
CA LEU A 66 -1.57 33.71 -3.91
C LEU A 66 -0.37 33.55 -4.83
N PRO A 67 0.89 33.69 -4.36
CA PRO A 67 2.01 33.46 -5.28
C PRO A 67 2.05 32.05 -5.86
N PHE A 68 1.66 31.05 -5.06
CA PHE A 68 1.64 29.68 -5.57
C PHE A 68 0.55 29.49 -6.62
N GLN A 69 -0.60 30.14 -6.42
CA GLN A 69 -1.68 30.03 -7.40
C GLN A 69 -1.27 30.59 -8.75
N ARG A 70 -0.58 31.74 -8.76
CA ARG A 70 -0.16 32.33 -10.01
C ARG A 70 0.83 31.43 -10.74
N LEU A 71 1.73 30.78 -10.00
CA LEU A 71 2.66 29.85 -10.64
C LEU A 71 1.94 28.67 -11.26
N VAL A 72 0.88 28.19 -10.61
CA VAL A 72 0.11 27.08 -11.18
C VAL A 72 -0.56 27.51 -12.48
N ARG A 73 -1.11 28.72 -12.51
CA ARG A 73 -1.76 29.20 -13.74
C ARG A 73 -0.76 29.34 -14.88
N GLU A 74 0.46 29.81 -14.57
CA GLU A 74 1.45 30.01 -15.63
C GLU A 74 1.84 28.69 -16.26
N ILE A 75 1.98 27.63 -15.46
CA ILE A 75 2.31 26.32 -16.00
C ILE A 75 1.19 25.82 -16.91
N ALA A 76 -0.06 26.02 -16.50
CA ALA A 76 -1.19 25.57 -17.31
C ALA A 76 -1.22 26.27 -18.67
N GLN A 77 -1.00 27.58 -18.69
CA GLN A 77 -1.00 28.29 -19.96
C GLN A 77 0.26 28.00 -20.76
N ASP A 78 1.37 27.66 -20.09
CA ASP A 78 2.58 27.25 -20.79
C ASP A 78 2.46 25.86 -21.39
N PHE A 79 1.46 25.08 -20.97
CA PHE A 79 1.18 23.79 -21.58
C PHE A 79 0.16 23.89 -22.71
N LYS A 80 -0.28 25.10 -23.05
CA LYS A 80 -1.36 25.30 -24.01
C LYS A 80 -2.60 24.50 -23.62
N THR A 81 -2.91 24.52 -22.33
CA THR A 81 -3.99 23.72 -21.78
C THR A 81 -5.14 24.63 -21.37
N ASP A 82 -6.34 24.30 -21.82
CA ASP A 82 -7.54 25.06 -21.49
C ASP A 82 -8.24 24.56 -20.24
N LEU A 83 -7.71 23.53 -19.59
CA LEU A 83 -8.30 23.02 -18.37
C LEU A 83 -8.18 24.05 -17.24
N ARG A 84 -9.18 24.06 -16.38
CA ARG A 84 -9.23 24.95 -15.23
C ARG A 84 -9.02 24.17 -13.95
N PHE A 85 -8.22 24.73 -13.05
CA PHE A 85 -7.89 24.08 -11.79
C PHE A 85 -8.83 24.58 -10.70
N GLN A 86 -9.44 23.65 -9.98
CA GLN A 86 -10.26 24.01 -8.84
C GLN A 86 -9.38 24.49 -7.69
N SER A 87 -10.01 25.18 -6.74
CA SER A 87 -9.27 25.65 -5.57
C SER A 87 -8.76 24.48 -4.73
N SER A 88 -9.56 23.43 -4.59
CA SER A 88 -9.12 22.25 -3.88
C SER A 88 -7.95 21.58 -4.59
N ALA A 89 -7.99 21.54 -5.92
CA ALA A 89 -6.88 20.97 -6.68
C ALA A 89 -5.59 21.76 -6.46
N ILE A 90 -5.69 23.09 -6.44
CA ILE A 90 -4.52 23.92 -6.18
C ILE A 90 -4.00 23.67 -4.77
N GLY A 91 -4.91 23.56 -3.80
CA GLY A 91 -4.48 23.25 -2.44
C GLY A 91 -3.82 21.89 -2.32
N ALA A 92 -4.37 20.89 -3.03
CA ALA A 92 -3.75 19.57 -3.02
C ALA A 92 -2.37 19.60 -3.67
N LEU A 93 -2.22 20.37 -4.74
CA LEU A 93 -0.91 20.52 -5.36
C LEU A 93 0.08 21.14 -4.40
N GLN A 94 -0.35 22.17 -3.67
CA GLN A 94 0.55 22.87 -2.75
C GLN A 94 0.96 21.95 -1.60
N GLU A 95 0.01 21.26 -0.99
CA GLU A 95 0.33 20.48 0.19
C GLU A 95 1.18 19.26 -0.13
N SER A 96 1.20 18.85 -1.41
CA SER A 96 2.09 17.76 -1.81
C SER A 96 3.45 18.30 -2.20
N VAL A 97 3.53 19.57 -2.57
CA VAL A 97 4.82 20.18 -2.88
C VAL A 97 5.66 20.35 -1.61
N GLU A 98 5.04 20.79 -0.52
CA GLU A 98 5.77 20.92 0.74
C GLU A 98 6.31 19.58 1.21
N ALA A 99 5.51 18.52 1.08
CA ALA A 99 5.99 17.20 1.47
C ALA A 99 7.19 16.78 0.64
N TYR A 100 7.18 17.13 -0.65
CA TYR A 100 8.32 16.80 -1.51
C TYR A 100 9.55 17.61 -1.13
N LEU A 101 9.38 18.92 -0.89
CA LEU A 101 10.51 19.78 -0.58
C LEU A 101 11.17 19.39 0.74
N VAL A 102 10.37 19.06 1.75
CA VAL A 102 10.92 18.67 3.04
C VAL A 102 11.73 17.38 2.90
N SER A 103 11.22 16.44 2.10
CA SER A 103 11.96 15.20 1.86
C SER A 103 13.29 15.48 1.15
N LEU A 104 13.29 16.42 0.21
CA LEU A 104 14.52 16.78 -0.48
C LEU A 104 15.54 17.38 0.48
N PHE A 105 15.08 18.26 1.38
CA PHE A 105 15.99 18.89 2.33
C PHE A 105 16.55 17.87 3.32
N GLU A 106 15.76 16.85 3.66
CA GLU A 106 16.28 15.78 4.52
C GLU A 106 17.41 15.03 3.82
N ASP A 107 17.25 14.76 2.53
CA ASP A 107 18.33 14.11 1.78
C ASP A 107 19.51 15.06 1.56
N THR A 108 19.22 16.36 1.38
CA THR A 108 20.29 17.33 1.23
C THR A 108 21.15 17.42 2.48
N ASN A 109 20.52 17.34 3.66
CA ASN A 109 21.28 17.36 4.90
C ASN A 109 22.18 16.15 5.03
N LEU A 110 21.73 15.00 4.52
CA LEU A 110 22.58 13.81 4.54
C LEU A 110 23.83 14.00 3.71
N ALA A 111 23.72 14.71 2.58
CA ALA A 111 24.89 15.01 1.77
C ALA A 111 25.87 15.89 2.54
N ALA A 112 25.36 16.91 3.24
CA ALA A 112 26.23 17.78 4.03
C ALA A 112 26.88 17.01 5.18
N ILE A 113 26.12 16.13 5.83
CA ILE A 113 26.68 15.30 6.90
C ILE A 113 27.82 14.43 6.35
N HIS A 114 27.64 13.91 5.13
CA HIS A 114 28.67 13.09 4.52
C HIS A 114 29.97 13.86 4.30
N ALA A 115 29.86 15.18 4.10
CA ALA A 115 31.03 16.04 3.91
C ALA A 115 31.49 16.68 5.21
N LYS A 116 30.95 16.24 6.35
CA LYS A 116 31.31 16.77 7.67
C LYS A 116 31.04 18.27 7.75
N ARG A 117 29.88 18.68 7.25
CA ARG A 117 29.47 20.08 7.26
C ARG A 117 28.14 20.21 7.99
N VAL A 118 27.96 21.35 8.65
CA VAL A 118 26.74 21.63 9.39
C VAL A 118 25.79 22.55 8.65
N THR A 119 26.21 23.15 7.54
CA THR A 119 25.35 23.96 6.70
C THR A 119 25.26 23.33 5.32
N ILE A 120 24.11 23.48 4.67
CA ILE A 120 23.92 22.92 3.34
C ILE A 120 24.20 24.00 2.31
N GLN A 121 24.82 23.60 1.20
CA GLN A 121 25.19 24.50 0.12
C GLN A 121 24.47 24.09 -1.15
N LYS A 122 24.74 24.82 -2.23
CA LYS A 122 24.17 24.47 -3.53
C LYS A 122 24.64 23.10 -3.99
N LYS A 123 25.93 22.81 -3.78
CA LYS A 123 26.47 21.52 -4.22
C LYS A 123 25.82 20.35 -3.49
N ASP A 124 25.29 20.58 -2.29
CA ASP A 124 24.62 19.50 -1.57
C ASP A 124 23.28 19.16 -2.21
N ILE A 125 22.54 20.17 -2.68
CA ILE A 125 21.28 19.91 -3.37
C ILE A 125 21.53 19.24 -4.71
N LYS A 126 22.59 19.64 -5.40
CA LYS A 126 22.92 19.04 -6.70
C LYS A 126 23.22 17.56 -6.56
N LEU A 127 23.97 17.19 -5.52
CA LEU A 127 24.29 15.78 -5.30
C LEU A 127 23.03 14.97 -5.01
N ALA A 128 22.13 15.51 -4.18
CA ALA A 128 20.90 14.79 -3.86
C ALA A 128 20.01 14.63 -5.09
N ARG A 129 19.96 15.68 -5.93
CA ARG A 129 19.16 15.58 -7.16
C ARG A 129 19.72 14.54 -8.11
N ARG A 130 21.04 14.53 -8.30
CA ARG A 130 21.65 13.60 -9.23
C ARG A 130 21.43 12.16 -8.81
N LEU A 131 21.58 11.87 -7.51
CA LEU A 131 21.46 10.49 -7.05
C LEU A 131 20.01 10.02 -7.04
N ARG A 132 19.08 10.92 -6.68
CA ARG A 132 17.67 10.54 -6.65
C ARG A 132 17.13 10.29 -8.05
N GLY A 133 17.47 11.16 -9.01
CA GLY A 133 16.98 11.03 -10.36
C GLY A 133 17.52 9.83 -11.11
N ASN B 26 7.64 34.46 -12.62
CA ASN B 26 6.63 34.39 -11.58
C ASN B 26 7.02 33.32 -10.56
N ILE B 27 8.12 32.62 -10.85
CA ILE B 27 8.65 31.64 -9.89
C ILE B 27 9.18 32.35 -8.65
N GLN B 28 9.44 33.65 -8.75
CA GLN B 28 9.92 34.42 -7.61
C GLN B 28 8.86 34.63 -6.55
N GLY B 29 7.60 34.25 -6.82
CA GLY B 29 6.57 34.39 -5.81
C GLY B 29 6.86 33.61 -4.55
N ILE B 30 7.48 32.44 -4.69
CA ILE B 30 7.91 31.63 -3.55
C ILE B 30 9.11 32.35 -2.94
N THR B 31 8.88 33.03 -1.82
CA THR B 31 9.85 33.96 -1.27
C THR B 31 10.90 33.23 -0.44
N LYS B 32 11.89 33.99 0.03
CA LYS B 32 12.94 33.43 0.87
C LYS B 32 12.43 32.82 2.17
N PRO B 33 11.55 33.47 2.95
CA PRO B 33 11.13 32.86 4.23
C PRO B 33 10.46 31.52 4.07
N ALA B 34 9.77 31.29 2.94
CA ALA B 34 9.13 30.00 2.72
C ALA B 34 10.15 28.87 2.65
N ILE B 35 11.26 29.10 1.96
CA ILE B 35 12.28 28.07 1.81
C ILE B 35 13.00 27.84 3.13
N ARG B 36 13.26 28.91 3.88
CA ARG B 36 13.97 28.78 5.15
C ARG B 36 13.18 27.93 6.13
N ARG B 37 11.87 28.16 6.21
CA ARG B 37 11.04 27.37 7.11
C ARG B 37 10.88 25.94 6.61
N LEU B 38 10.83 25.74 5.29
CA LEU B 38 10.74 24.39 4.76
C LEU B 38 12.00 23.59 5.04
N ALA B 39 13.17 24.24 4.94
CA ALA B 39 14.42 23.55 5.21
C ALA B 39 14.50 23.08 6.65
N ARG B 40 14.03 23.89 7.59
CA ARG B 40 14.07 23.52 8.99
C ARG B 40 13.20 22.30 9.27
N ARG B 41 12.09 22.17 8.54
CA ARG B 41 11.21 21.01 8.75
C ARG B 41 11.93 19.71 8.39
N GLY B 42 12.83 19.76 7.41
CA GLY B 42 13.58 18.60 7.01
C GLY B 42 14.80 18.29 7.85
N GLY B 43 15.04 19.07 8.91
CA GLY B 43 16.19 18.88 9.77
C GLY B 43 17.37 19.77 9.46
N VAL B 44 17.29 20.58 8.42
CA VAL B 44 18.38 21.47 8.05
C VAL B 44 18.34 22.69 8.96
N LYS B 45 19.45 22.96 9.64
CA LYS B 45 19.52 24.05 10.60
C LYS B 45 20.12 25.32 10.01
N ARG B 46 21.12 25.19 9.14
CA ARG B 46 21.75 26.34 8.50
C ARG B 46 21.82 26.10 7.00
N ILE B 47 21.67 27.17 6.23
CA ILE B 47 21.71 27.09 4.77
C ILE B 47 22.69 28.14 4.25
N SER B 48 23.13 27.93 3.01
CA SER B 48 24.20 28.74 2.43
C SER B 48 23.73 30.14 2.05
N GLY B 49 22.46 30.29 1.67
CA GLY B 49 21.95 31.56 1.20
C GLY B 49 22.03 31.77 -0.29
N LEU B 50 22.69 30.87 -1.02
CA LEU B 50 22.69 30.86 -2.47
C LEU B 50 21.89 29.70 -3.04
N ILE B 51 21.19 28.95 -2.19
CA ILE B 51 20.46 27.76 -2.61
C ILE B 51 19.05 28.06 -3.06
N TYR B 52 18.59 29.30 -2.89
CA TYR B 52 17.19 29.63 -3.15
C TYR B 52 16.85 29.43 -4.63
N GLU B 53 17.74 29.84 -5.54
CA GLU B 53 17.47 29.63 -6.95
C GLU B 53 17.46 28.15 -7.30
N GLU B 54 18.35 27.36 -6.69
CA GLU B 54 18.36 25.93 -6.94
C GLU B 54 17.08 25.26 -6.46
N VAL B 55 16.58 25.67 -5.29
CA VAL B 55 15.36 25.07 -4.75
C VAL B 55 14.17 25.40 -5.63
N ARG B 56 14.14 26.62 -6.18
CA ARG B 56 13.03 27.00 -7.05
C ARG B 56 13.02 26.16 -8.32
N ALA B 57 14.21 25.78 -8.82
CA ALA B 57 14.27 24.89 -9.97
C ALA B 57 13.65 23.54 -9.64
N VAL B 58 13.96 23.01 -8.45
CA VAL B 58 13.33 21.78 -7.98
C VAL B 58 11.84 22.01 -7.79
N LEU B 59 11.47 23.21 -7.32
CA LEU B 59 10.07 23.54 -7.11
C LEU B 59 9.28 23.43 -8.41
N LYS B 60 9.76 24.06 -9.47
CA LYS B 60 9.05 24.06 -10.74
C LYS B 60 9.08 22.68 -11.38
N SER B 61 10.22 22.00 -11.33
CA SER B 61 10.36 20.72 -12.03
C SER B 61 9.39 19.68 -11.48
N PHE B 62 9.27 19.59 -10.16
CA PHE B 62 8.31 18.67 -9.57
C PHE B 62 6.88 19.09 -9.90
N LEU B 63 6.61 20.39 -9.89
CA LEU B 63 5.26 20.88 -10.16
C LEU B 63 4.85 20.58 -11.60
N GLU B 64 5.82 20.53 -12.51
CA GLU B 64 5.51 20.17 -13.89
C GLU B 64 4.94 18.77 -14.00
N SER B 65 5.55 17.80 -13.31
CA SER B 65 5.15 16.40 -13.44
C SER B 65 3.74 16.19 -12.90
N VAL B 66 3.43 16.77 -11.73
CA VAL B 66 2.12 16.55 -11.14
C VAL B 66 1.03 17.22 -11.95
N ILE B 67 1.29 18.41 -12.48
CA ILE B 67 0.30 19.09 -13.30
C ILE B 67 0.09 18.35 -14.62
N ARG B 68 1.18 17.85 -15.21
CA ARG B 68 1.07 17.12 -16.48
C ARG B 68 0.21 15.87 -16.31
N ASP B 69 0.44 15.10 -15.25
CA ASP B 69 -0.34 13.90 -15.02
C ASP B 69 -1.77 14.23 -14.61
N SER B 70 -1.95 15.34 -13.89
CA SER B 70 -3.30 15.74 -13.51
C SER B 70 -4.14 16.09 -14.74
N VAL B 71 -3.55 16.82 -15.68
CA VAL B 71 -4.26 17.14 -16.93
C VAL B 71 -4.49 15.87 -17.74
N THR B 72 -3.48 15.01 -17.81
CA THR B 72 -3.62 13.76 -18.57
C THR B 72 -4.73 12.89 -18.00
N TYR B 73 -4.80 12.78 -16.67
CA TYR B 73 -5.86 12.00 -16.05
C TYR B 73 -7.23 12.64 -16.28
N THR B 74 -7.26 13.96 -16.47
CA THR B 74 -8.52 14.64 -16.71
C THR B 74 -9.04 14.34 -18.11
N GLU B 75 -8.15 14.32 -19.11
CA GLU B 75 -8.57 14.00 -20.47
C GLU B 75 -9.12 12.58 -20.56
N HIS B 76 -8.46 11.64 -19.89
CA HIS B 76 -8.93 10.25 -19.89
C HIS B 76 -10.29 10.12 -19.24
N ALA B 77 -10.66 11.03 -18.35
CA ALA B 77 -11.99 11.09 -17.80
C ALA B 77 -12.91 12.03 -18.58
N LYS B 78 -12.40 12.68 -19.62
CA LYS B 78 -13.16 13.58 -20.50
C LYS B 78 -13.83 14.72 -19.74
N ARG B 79 -13.22 15.19 -18.66
CA ARG B 79 -13.78 16.28 -17.89
C ARG B 79 -13.15 17.61 -18.29
N LYS B 80 -13.80 18.70 -17.89
CA LYS B 80 -13.39 20.05 -18.28
C LYS B 80 -12.69 20.79 -17.15
N THR B 81 -12.39 20.13 -16.04
CA THR B 81 -11.70 20.78 -14.94
C THR B 81 -10.86 19.75 -14.20
N VAL B 82 -9.90 20.27 -13.43
CA VAL B 82 -9.01 19.44 -12.61
C VAL B 82 -9.42 19.58 -11.16
N THR B 83 -9.72 18.47 -10.51
CA THR B 83 -10.14 18.45 -9.11
C THR B 83 -9.02 17.86 -8.26
N SER B 84 -9.26 17.81 -6.95
CA SER B 84 -8.27 17.28 -6.02
C SER B 84 -8.04 15.79 -6.25
N LEU B 85 -9.07 15.06 -6.69
CA LEU B 85 -8.91 13.63 -6.96
C LEU B 85 -7.94 13.38 -8.11
N ASP B 86 -8.00 14.21 -9.16
CA ASP B 86 -7.06 14.05 -10.26
C ASP B 86 -5.63 14.22 -9.80
N VAL B 87 -5.38 15.18 -8.91
CA VAL B 87 -4.05 15.35 -8.34
C VAL B 87 -3.66 14.13 -7.50
N VAL B 88 -4.64 13.58 -6.76
CA VAL B 88 -4.36 12.40 -5.94
C VAL B 88 -3.99 11.22 -6.83
N TYR B 89 -4.75 11.02 -7.91
CA TYR B 89 -4.42 9.94 -8.84
C TYR B 89 -3.10 10.22 -9.56
N ALA B 90 -2.83 11.49 -9.86
CA ALA B 90 -1.57 11.84 -10.50
C ALA B 90 -0.38 11.49 -9.61
N LEU B 91 -0.50 11.76 -8.31
CA LEU B 91 0.57 11.43 -7.38
C LEU B 91 0.69 9.93 -7.15
N LYS B 92 -0.43 9.21 -7.25
CA LYS B 92 -0.39 7.76 -7.07
C LYS B 92 0.45 7.09 -8.14
N ARG B 93 0.40 7.61 -9.37
CA ARG B 93 1.22 7.07 -10.45
C ARG B 93 2.71 7.24 -10.17
N GLN B 94 3.08 8.19 -9.33
CA GLN B 94 4.47 8.40 -8.93
C GLN B 94 4.79 7.70 -7.61
N GLY B 95 3.88 6.89 -7.09
CA GLY B 95 4.11 6.22 -5.83
C GLY B 95 3.99 7.09 -4.60
N ARG B 96 3.30 8.23 -4.70
CA ARG B 96 3.17 9.17 -3.60
C ARG B 96 1.73 9.23 -3.15
N THR B 97 1.53 9.20 -1.83
CA THR B 97 0.20 9.21 -1.25
C THR B 97 -0.22 10.62 -0.86
N LEU B 98 -1.50 10.90 -1.00
CA LEU B 98 -2.09 12.14 -0.53
C LEU B 98 -3.42 11.82 0.14
N TYR B 99 -3.70 12.50 1.25
CA TYR B 99 -4.92 12.28 2.01
C TYR B 99 -5.81 13.51 1.89
N GLY B 100 -7.05 13.30 1.46
CA GLY B 100 -7.99 14.39 1.28
C GLY B 100 -8.74 14.77 2.53
N PHE B 101 -8.08 15.46 3.45
CA PHE B 101 -8.72 15.93 4.67
C PHE B 101 -9.58 17.16 4.40
N LYS C 38 45.99 11.45 -8.07
CA LYS C 38 46.78 12.68 -8.08
C LYS C 38 46.72 13.41 -9.44
N PRO C 39 46.93 12.72 -10.57
CA PRO C 39 46.77 13.39 -11.86
C PRO C 39 45.34 13.87 -12.07
N HIS C 40 45.20 15.01 -12.74
CA HIS C 40 43.91 15.64 -12.95
C HIS C 40 43.76 16.06 -14.40
N ARG C 41 42.51 16.11 -14.87
CA ARG C 41 42.17 16.59 -16.20
C ARG C 41 41.54 17.96 -16.03
N TYR C 42 42.31 19.02 -16.27
CA TYR C 42 41.83 20.38 -16.07
C TYR C 42 41.02 20.91 -17.24
N LYS C 43 41.06 20.24 -18.39
CA LYS C 43 40.24 20.62 -19.54
C LYS C 43 39.37 19.43 -19.93
N PRO C 44 38.08 19.44 -19.58
CA PRO C 44 37.21 18.33 -19.97
C PRO C 44 37.01 18.31 -21.48
N GLY C 45 37.56 17.31 -22.15
CA GLY C 45 37.49 17.24 -23.59
C GLY C 45 36.15 16.73 -24.10
N THR C 46 36.18 15.96 -25.16
CA THR C 46 34.99 15.40 -25.76
C THR C 46 35.05 13.88 -25.72
N VAL C 47 33.97 13.26 -25.26
CA VAL C 47 33.86 11.81 -25.22
C VAL C 47 33.49 11.33 -26.61
N ALA C 48 34.47 10.83 -27.36
CA ALA C 48 34.21 10.36 -28.71
C ALA C 48 33.39 9.08 -28.67
N LEU C 49 32.78 8.74 -29.80
CA LEU C 49 31.87 7.62 -29.85
C LEU C 49 32.58 6.27 -29.75
N ARG C 50 33.90 6.23 -29.97
CA ARG C 50 34.60 4.95 -29.99
C ARG C 50 34.59 4.28 -28.62
N GLU C 51 34.98 5.01 -27.58
CA GLU C 51 34.97 4.40 -26.25
C GLU C 51 33.57 4.40 -25.63
N ILE C 52 32.64 5.18 -26.16
CA ILE C 52 31.24 4.99 -25.79
C ILE C 52 30.75 3.65 -26.32
N ARG C 53 31.09 3.34 -27.58
CA ARG C 53 30.70 2.06 -28.16
C ARG C 53 31.55 0.91 -27.64
N ARG C 54 32.75 1.22 -27.15
CA ARG C 54 33.67 0.16 -26.74
C ARG C 54 33.13 -0.65 -25.57
N PHE C 55 32.51 0.02 -24.61
CA PHE C 55 32.04 -0.63 -23.39
C PHE C 55 30.62 -1.16 -23.51
N GLN C 56 30.04 -1.12 -24.71
CA GLN C 56 28.78 -1.80 -24.98
C GLN C 56 29.01 -3.24 -25.43
N LYS C 57 30.26 -3.64 -25.62
CA LYS C 57 30.59 -5.00 -26.01
C LYS C 57 30.31 -5.97 -24.86
N SER C 58 30.09 -7.24 -25.21
CA SER C 58 29.88 -8.27 -24.20
C SER C 58 31.14 -8.57 -23.40
N THR C 59 32.31 -8.38 -24.00
CA THR C 59 33.56 -8.68 -23.29
C THR C 59 33.98 -7.53 -22.37
N GLU C 60 33.47 -6.33 -22.62
CA GLU C 60 33.84 -5.16 -21.84
C GLU C 60 32.89 -4.89 -20.68
N LEU C 61 31.89 -5.75 -20.46
CA LEU C 61 30.96 -5.55 -19.37
C LEU C 61 31.65 -5.76 -18.02
N LEU C 62 31.16 -5.04 -17.00
CA LEU C 62 31.73 -5.19 -15.67
C LEU C 62 31.49 -6.58 -15.09
N ILE C 63 30.32 -7.15 -15.34
CA ILE C 63 29.97 -8.47 -14.82
C ILE C 63 30.72 -9.53 -15.60
N ARG C 64 31.29 -10.51 -14.90
CA ARG C 64 32.04 -11.57 -15.54
C ARG C 64 31.10 -12.66 -16.04
N LYS C 65 31.48 -13.29 -17.15
CA LYS C 65 30.66 -14.29 -17.81
C LYS C 65 30.40 -15.51 -16.94
N LEU C 66 31.46 -16.26 -16.61
CA LEU C 66 31.29 -17.52 -15.88
C LEU C 66 30.72 -17.34 -14.47
N PRO C 67 31.25 -16.45 -13.62
CA PRO C 67 30.66 -16.33 -12.27
C PRO C 67 29.19 -15.94 -12.29
N PHE C 68 28.78 -15.10 -13.25
CA PHE C 68 27.38 -14.73 -13.33
C PHE C 68 26.51 -15.92 -13.73
N GLN C 69 27.03 -16.78 -14.61
CA GLN C 69 26.29 -17.97 -14.99
C GLN C 69 26.05 -18.87 -13.80
N ARG C 70 27.08 -19.11 -12.99
CA ARG C 70 26.92 -19.95 -11.81
C ARG C 70 25.95 -19.31 -10.81
N LEU C 71 26.03 -17.99 -10.64
CA LEU C 71 25.12 -17.30 -9.74
C LEU C 71 23.68 -17.42 -10.23
N VAL C 72 23.45 -17.25 -11.53
CA VAL C 72 22.11 -17.35 -12.07
C VAL C 72 21.55 -18.75 -11.88
N ARG C 73 22.36 -19.78 -12.17
CA ARG C 73 21.90 -21.15 -12.01
C ARG C 73 21.60 -21.47 -10.56
N GLU C 74 22.44 -20.99 -9.64
CA GLU C 74 22.21 -21.25 -8.22
C GLU C 74 20.91 -20.61 -7.73
N ILE C 75 20.65 -19.36 -8.12
CA ILE C 75 19.41 -18.70 -7.74
C ILE C 75 18.23 -19.42 -8.39
N ALA C 76 18.36 -19.79 -9.66
CA ALA C 76 17.29 -20.52 -10.33
C ALA C 76 17.05 -21.89 -9.71
N GLN C 77 18.07 -22.45 -9.05
CA GLN C 77 17.89 -23.73 -8.38
C GLN C 77 16.94 -23.63 -7.19
N ASP C 78 16.74 -22.42 -6.65
CA ASP C 78 15.75 -22.25 -5.59
C ASP C 78 14.36 -22.61 -6.08
N PHE C 79 14.01 -22.17 -7.29
CA PHE C 79 12.75 -22.55 -7.92
C PHE C 79 12.83 -24.04 -8.24
N LYS C 80 12.11 -24.85 -7.47
CA LYS C 80 12.18 -26.30 -7.64
C LYS C 80 11.45 -26.75 -8.89
N THR C 81 11.97 -26.37 -10.06
CA THR C 81 11.35 -26.71 -11.32
C THR C 81 12.44 -26.88 -12.38
N ASP C 82 12.08 -27.54 -13.47
CA ASP C 82 13.00 -27.78 -14.58
C ASP C 82 13.04 -26.50 -15.42
N LEU C 83 13.86 -25.56 -14.97
CA LEU C 83 14.01 -24.26 -15.63
C LEU C 83 15.33 -24.23 -16.39
N ARG C 84 15.28 -23.77 -17.63
CA ARG C 84 16.45 -23.74 -18.49
C ARG C 84 16.60 -22.35 -19.09
N PHE C 85 17.85 -21.95 -19.29
CA PHE C 85 18.20 -20.67 -19.88
C PHE C 85 18.83 -20.88 -21.24
N GLN C 86 18.40 -20.10 -22.22
CA GLN C 86 19.10 -20.03 -23.49
C GLN C 86 20.40 -19.25 -23.30
N SER C 87 21.34 -19.47 -24.22
CA SER C 87 22.63 -18.78 -24.12
C SER C 87 22.44 -17.27 -24.23
N SER C 88 21.58 -16.81 -25.13
CA SER C 88 21.34 -15.38 -25.28
C SER C 88 20.58 -14.82 -24.09
N ALA C 89 19.77 -15.65 -23.42
CA ALA C 89 19.03 -15.18 -22.25
C ALA C 89 19.96 -14.79 -21.11
N ILE C 90 21.00 -15.59 -20.89
CA ILE C 90 21.98 -15.26 -19.85
C ILE C 90 22.68 -13.94 -20.19
N GLY C 91 23.04 -13.77 -21.45
CA GLY C 91 23.68 -12.52 -21.87
C GLY C 91 22.78 -11.32 -21.66
N ALA C 92 21.49 -11.45 -21.98
CA ALA C 92 20.56 -10.35 -21.81
C ALA C 92 20.43 -9.96 -20.35
N LEU C 93 20.41 -10.95 -19.46
CA LEU C 93 20.39 -10.64 -18.03
C LEU C 93 21.67 -9.94 -17.59
N GLN C 94 22.80 -10.29 -18.22
CA GLN C 94 24.07 -9.69 -17.86
C GLN C 94 24.09 -8.19 -18.16
N GLU C 95 23.56 -7.78 -19.31
CA GLU C 95 23.53 -6.35 -19.61
C GLU C 95 22.66 -5.60 -18.61
N SER C 96 21.52 -6.16 -18.22
CA SER C 96 20.68 -5.50 -17.23
C SER C 96 21.37 -5.42 -15.88
N VAL C 97 22.05 -6.50 -15.47
CA VAL C 97 22.77 -6.48 -14.21
C VAL C 97 23.93 -5.48 -14.28
N GLU C 98 24.64 -5.46 -15.40
CA GLU C 98 25.76 -4.53 -15.55
C GLU C 98 25.28 -3.08 -15.55
N ALA C 99 24.07 -2.84 -16.08
CA ALA C 99 23.52 -1.49 -16.04
C ALA C 99 23.28 -1.03 -14.61
N TYR C 100 22.79 -1.93 -13.76
CA TYR C 100 22.58 -1.58 -12.36
C TYR C 100 23.89 -1.28 -11.65
N LEU C 101 24.91 -2.10 -11.90
CA LEU C 101 26.20 -1.90 -11.25
C LEU C 101 26.86 -0.61 -11.72
N VAL C 102 26.70 -0.27 -13.00
CA VAL C 102 27.25 0.97 -13.52
C VAL C 102 26.61 2.16 -12.82
N SER C 103 25.28 2.12 -12.64
CA SER C 103 24.60 3.19 -11.92
C SER C 103 25.05 3.26 -10.47
N LEU C 104 25.22 2.11 -9.82
CA LEU C 104 25.67 2.11 -8.43
C LEU C 104 27.09 2.64 -8.30
N PHE C 105 27.97 2.26 -9.22
CA PHE C 105 29.34 2.78 -9.20
C PHE C 105 29.37 4.29 -9.41
N GLU C 106 28.54 4.80 -10.32
CA GLU C 106 28.52 6.23 -10.59
C GLU C 106 28.09 7.02 -9.36
N ASP C 107 27.05 6.55 -8.66
CA ASP C 107 26.59 7.25 -7.47
C ASP C 107 27.55 7.07 -6.30
N THR C 108 28.18 5.90 -6.18
CA THR C 108 29.18 5.69 -5.14
C THR C 108 30.37 6.62 -5.32
N ASN C 109 30.81 6.79 -6.55
CA ASN C 109 31.95 7.67 -6.81
C ASN C 109 31.58 9.13 -6.61
N LEU C 110 30.35 9.50 -6.94
CA LEU C 110 29.89 10.88 -6.70
C LEU C 110 29.88 11.19 -5.21
N ALA C 111 29.43 10.24 -4.39
CA ALA C 111 29.46 10.43 -2.95
C ALA C 111 30.89 10.51 -2.43
N ALA C 112 31.79 9.67 -2.96
CA ALA C 112 33.18 9.70 -2.53
C ALA C 112 33.86 11.01 -2.91
N ILE C 113 33.58 11.52 -4.11
CA ILE C 113 34.12 12.82 -4.50
C ILE C 113 33.53 13.92 -3.62
N HIS C 114 32.26 13.78 -3.24
CA HIS C 114 31.64 14.76 -2.36
C HIS C 114 32.36 14.84 -1.02
N ALA C 115 32.76 13.70 -0.47
CA ALA C 115 33.44 13.65 0.81
C ALA C 115 34.95 13.80 0.69
N LYS C 116 35.46 14.02 -0.52
CA LYS C 116 36.89 14.19 -0.76
C LYS C 116 37.69 12.99 -0.25
N ARG C 117 37.18 11.80 -0.51
CA ARG C 117 37.86 10.58 -0.10
C ARG C 117 39.08 10.32 -0.98
N VAL C 118 40.03 9.56 -0.42
CA VAL C 118 41.11 9.00 -1.22
C VAL C 118 40.86 7.53 -1.54
N THR C 119 39.98 6.87 -0.81
CA THR C 119 39.59 5.50 -1.08
C THR C 119 38.09 5.39 -0.84
N ILE C 120 37.38 4.78 -1.79
CA ILE C 120 35.94 4.62 -1.65
C ILE C 120 35.66 3.70 -0.47
N GLN C 121 34.85 4.17 0.47
CA GLN C 121 34.55 3.44 1.69
C GLN C 121 33.20 2.75 1.58
N LYS C 122 32.93 1.88 2.55
CA LYS C 122 31.64 1.20 2.58
C LYS C 122 30.50 2.18 2.79
N LYS C 123 30.70 3.19 3.63
CA LYS C 123 29.62 4.14 3.90
C LYS C 123 29.31 5.00 2.68
N ASP C 124 30.26 5.13 1.75
CA ASP C 124 29.97 5.81 0.49
C ASP C 124 28.94 5.03 -0.32
N ILE C 125 29.04 3.71 -0.34
CA ILE C 125 28.02 2.88 -0.96
C ILE C 125 26.71 3.01 -0.21
N LYS C 126 26.78 3.02 1.13
CA LYS C 126 25.57 3.09 1.93
C LYS C 126 24.88 4.43 1.78
N LEU C 127 25.64 5.50 1.60
CA LEU C 127 25.02 6.80 1.37
C LEU C 127 24.35 6.85 0.00
N ALA C 128 25.02 6.32 -1.02
CA ALA C 128 24.44 6.33 -2.37
C ALA C 128 23.15 5.55 -2.42
N ARG C 129 23.12 4.38 -1.78
CA ARG C 129 21.88 3.61 -1.70
C ARG C 129 20.80 4.39 -0.94
N ARG C 130 21.20 5.08 0.13
CA ARG C 130 20.24 5.87 0.89
C ARG C 130 19.63 6.98 0.04
N LEU C 131 20.45 7.66 -0.76
CA LEU C 131 19.94 8.72 -1.61
C LEU C 131 19.27 8.22 -2.88
N ARG C 132 19.37 6.92 -3.17
CA ARG C 132 18.71 6.31 -4.32
C ARG C 132 17.35 5.73 -3.98
N GLY C 133 16.89 5.88 -2.73
CA GLY C 133 15.69 5.21 -2.32
C GLY C 133 15.88 3.75 -1.98
N GLU C 134 17.07 3.37 -1.53
CA GLU C 134 17.41 1.99 -1.19
C GLU C 134 17.23 1.07 -2.38
N HIS D 4 43.37 28.81 20.25
CA HIS D 4 43.41 28.11 18.98
C HIS D 4 42.95 26.66 19.16
N GLN D 5 41.63 26.49 19.31
CA GLN D 5 41.05 25.15 19.46
C GLN D 5 39.71 25.05 18.73
N GLN D 6 39.55 25.78 17.62
CA GLN D 6 38.30 25.75 16.88
C GLN D 6 38.00 24.37 16.33
N LEU D 7 39.04 23.58 16.06
CA LEU D 7 38.84 22.27 15.45
C LEU D 7 38.02 21.36 16.35
N ARG D 8 38.37 21.31 17.64
CA ARG D 8 37.63 20.45 18.56
C ARG D 8 36.24 21.02 18.82
N LYS D 9 36.11 22.35 18.88
CA LYS D 9 34.80 22.95 19.10
C LYS D 9 33.87 22.66 17.93
N TYR D 10 34.38 22.68 16.71
CA TYR D 10 33.57 22.35 15.55
C TYR D 10 33.14 20.89 15.58
N VAL D 11 34.02 20.00 16.06
CA VAL D 11 33.72 18.56 16.04
C VAL D 11 32.54 18.24 16.95
N GLU D 12 32.53 18.80 18.17
CA GLU D 12 31.40 18.56 19.06
C GLU D 12 30.12 19.17 18.50
N LEU D 13 30.23 20.34 17.88
CA LEU D 13 29.05 20.94 17.25
C LEU D 13 28.50 20.05 16.15
N TYR D 14 29.39 19.49 15.33
CA TYR D 14 28.94 18.57 14.29
C TYR D 14 28.36 17.30 14.89
N ASN D 15 29.02 16.74 15.90
CA ASN D 15 28.54 15.48 16.49
C ASN D 15 27.19 15.66 17.15
N LYS D 16 27.00 16.75 17.89
CA LYS D 16 25.73 16.99 18.55
C LYS D 16 24.62 17.24 17.53
N GLU D 17 24.94 17.94 16.44
CA GLU D 17 23.94 18.17 15.41
C GLU D 17 23.54 16.87 14.73
N VAL D 18 24.50 15.98 14.47
CA VAL D 18 24.20 14.72 13.80
C VAL D 18 23.29 13.85 14.65
N GLU D 19 23.56 13.79 15.96
CA GLU D 19 22.70 13.00 16.85
C GLU D 19 21.27 13.55 16.87
N GLU D 20 21.13 14.87 16.92
CA GLU D 20 19.81 15.48 16.90
C GLU D 20 19.08 15.20 15.60
N PHE D 21 19.79 15.21 14.47
CA PHE D 21 19.16 14.92 13.19
C PHE D 21 18.63 13.49 13.16
N TYR D 22 19.37 12.54 13.72
CA TYR D 22 18.93 11.15 13.72
C TYR D 22 18.00 10.86 14.89
N ASN D 23 18.48 11.06 16.12
CA ASN D 23 17.69 10.79 17.32
C ASN D 23 17.00 12.08 17.75
N GLY D 24 16.02 12.51 16.96
CA GLY D 24 15.30 13.73 17.24
C GLY D 24 13.97 13.48 17.94
N ALA D 25 13.38 12.33 17.69
CA ALA D 25 12.10 11.98 18.30
C ALA D 25 12.26 11.66 19.78
N GLU D 32 7.60 17.17 28.22
CA GLU D 32 7.16 17.87 27.01
C GLU D 32 5.65 17.76 26.84
N PHE D 33 5.18 16.55 26.57
CA PHE D 33 3.76 16.28 26.38
C PHE D 33 3.28 15.35 27.49
N HIS D 34 2.25 15.77 28.20
CA HIS D 34 1.72 14.94 29.27
C HIS D 34 0.88 13.80 28.70
N PRO D 35 0.91 12.63 29.34
CA PRO D 35 0.05 11.53 28.89
C PRO D 35 -1.41 11.91 28.99
N SER D 36 -2.20 11.44 28.02
CA SER D 36 -3.62 11.75 27.99
C SER D 36 -4.34 10.69 27.16
N LYS D 37 -5.65 10.65 27.33
CA LYS D 37 -6.51 9.76 26.54
C LYS D 37 -7.10 10.56 25.39
N VAL D 38 -7.02 10.00 24.18
CA VAL D 38 -7.47 10.68 22.97
C VAL D 38 -8.74 9.99 22.49
N HIS D 39 -9.80 10.77 22.30
CA HIS D 39 -11.08 10.27 21.86
C HIS D 39 -11.53 11.06 20.64
N VAL D 40 -12.41 10.44 19.85
CA VAL D 40 -12.86 11.07 18.61
C VAL D 40 -13.69 12.32 18.87
N LYS D 41 -14.20 12.48 20.09
CA LYS D 41 -15.03 13.63 20.45
C LYS D 41 -14.25 14.72 21.17
N SER D 42 -12.93 14.59 21.26
CA SER D 42 -12.11 15.63 21.87
C SER D 42 -12.32 16.94 21.13
N ILE D 43 -12.61 18.01 21.87
CA ILE D 43 -13.21 19.21 21.30
C ILE D 43 -12.28 20.42 21.38
N HIS D 44 -11.79 20.75 22.58
CA HIS D 44 -11.19 22.06 22.81
C HIS D 44 -9.88 21.92 23.56
N GLU D 45 -9.21 23.05 23.75
CA GLU D 45 -7.97 23.14 24.49
C GLU D 45 -8.17 22.75 25.96
N ILE D 56 -15.38 11.69 37.95
CA ILE D 56 -15.09 12.04 36.56
C ILE D 56 -13.87 11.26 36.05
N SER D 57 -14.01 10.66 34.86
CA SER D 57 -12.94 9.89 34.26
C SER D 57 -12.79 10.29 32.79
N SER D 58 -11.56 10.19 32.30
CA SER D 58 -11.28 10.46 30.90
C SER D 58 -11.48 9.18 30.08
N VAL D 59 -11.93 9.34 28.84
CA VAL D 59 -12.17 8.22 27.96
C VAL D 59 -11.43 8.46 26.64
N GLY D 60 -11.11 7.37 25.96
CA GLY D 60 -10.37 7.41 24.73
C GLY D 60 -9.26 6.40 24.76
N VAL D 61 -8.28 6.59 23.87
CA VAL D 61 -7.13 5.69 23.76
C VAL D 61 -5.92 6.39 24.37
N ASP D 62 -5.07 5.62 25.05
CA ASP D 62 -3.92 6.18 25.73
C ASP D 62 -2.85 6.59 24.73
N TRP D 63 -2.40 7.84 24.83
CA TRP D 63 -1.31 8.37 24.03
C TRP D 63 -0.19 8.78 24.98
N ASP D 64 0.85 7.95 25.06
CA ASP D 64 1.93 8.20 25.99
C ASP D 64 2.76 9.40 25.54
N SER D 65 3.61 9.88 26.45
CA SER D 65 4.44 11.04 26.15
C SER D 65 5.40 10.76 25.00
N GLU D 66 6.01 9.57 24.99
CA GLU D 66 6.89 9.23 23.88
C GLU D 66 6.10 9.07 22.58
N GLU D 67 4.83 8.70 22.67
CA GLU D 67 4.00 8.58 21.47
C GLU D 67 3.62 9.95 20.92
N LYS D 68 3.25 10.88 21.80
CA LYS D 68 2.93 12.23 21.36
C LYS D 68 4.16 12.92 20.76
N ASN D 69 5.32 12.74 21.40
CA ASN D 69 6.53 13.33 20.87
C ASN D 69 6.87 12.75 19.50
N THR D 70 6.73 11.43 19.35
CA THR D 70 6.99 10.80 18.06
C THR D 70 6.00 11.27 17.01
N PHE D 71 4.72 11.40 17.39
CA PHE D 71 3.69 11.80 16.43
C PHE D 71 3.97 13.20 15.88
N PHE D 72 4.34 14.14 16.75
CA PHE D 72 4.54 15.52 16.31
C PHE D 72 5.85 15.68 15.57
N TRP D 73 6.90 14.96 15.98
CA TRP D 73 8.15 15.01 15.24
C TRP D 73 8.01 14.37 13.86
N CYS D 74 7.31 13.23 13.79
CA CYS D 74 7.08 12.59 12.51
C CYS D 74 6.26 13.47 11.58
N LEU D 75 5.29 14.19 12.15
CA LEU D 75 4.42 15.04 11.35
C LEU D 75 5.21 16.15 10.65
N SER D 76 6.20 16.71 11.33
CA SER D 76 7.03 17.75 10.72
C SER D 76 7.98 17.16 9.69
N ARG D 77 8.64 16.05 10.04
CA ARG D 77 9.64 15.48 9.14
C ARG D 77 9.00 14.85 7.90
N TYR D 78 7.93 14.09 8.10
CA TYR D 78 7.15 13.52 7.01
C TYR D 78 5.71 14.02 7.14
N SER D 79 5.10 14.35 6.02
CA SER D 79 3.71 14.76 6.06
C SER D 79 2.85 13.63 6.62
N ILE D 80 1.61 13.97 6.99
CA ILE D 80 0.65 12.95 7.38
C ILE D 80 0.39 11.99 6.22
N HIS D 81 0.64 12.44 4.99
CA HIS D 81 0.42 11.60 3.83
C HIS D 81 1.35 10.39 3.79
N ARG D 82 2.49 10.46 4.48
CA ARG D 82 3.42 9.34 4.54
C ARG D 82 3.28 8.54 5.83
N VAL D 83 2.09 8.59 6.44
CA VAL D 83 1.87 7.89 7.70
C VAL D 83 2.04 6.39 7.53
N ASP D 84 1.81 5.88 6.32
CA ASP D 84 1.97 4.45 6.07
C ASP D 84 3.39 3.97 6.35
N GLU D 85 4.38 4.86 6.26
CA GLU D 85 5.76 4.49 6.51
C GLU D 85 6.16 4.67 7.98
N TRP D 86 5.94 5.85 8.54
CA TRP D 86 6.43 6.15 9.88
C TRP D 86 5.49 5.69 10.98
N ARG D 87 4.38 5.02 10.64
CA ARG D 87 3.54 4.44 11.68
C ARG D 87 4.24 3.29 12.40
N SER D 88 5.35 2.78 11.87
CA SER D 88 6.11 1.76 12.57
C SER D 88 6.74 2.31 13.84
N LEU D 89 7.00 3.62 13.89
CA LEU D 89 7.52 4.25 15.10
C LEU D 89 6.48 4.37 16.19
N LEU D 90 5.21 4.05 15.88
CA LEU D 90 4.12 4.00 16.87
C LEU D 90 3.52 2.60 16.80
N PRO D 91 4.23 1.60 17.33
CA PRO D 91 3.82 0.21 17.08
C PRO D 91 2.44 -0.14 17.61
N ARG D 92 2.04 0.44 18.73
CA ARG D 92 0.76 0.10 19.35
C ARG D 92 -0.39 0.97 18.86
N LYS D 93 -0.13 1.86 17.90
CA LYS D 93 -1.16 2.74 17.36
C LYS D 93 -1.45 2.33 15.92
N SER D 94 -2.70 2.03 15.63
CA SER D 94 -3.12 1.71 14.28
C SER D 94 -3.24 2.97 13.45
N ALA D 95 -3.35 2.80 12.12
CA ALA D 95 -3.46 3.94 11.23
C ALA D 95 -4.72 4.74 11.48
N MET D 96 -5.79 4.09 11.96
CA MET D 96 -7.01 4.81 12.30
C MET D 96 -6.77 5.78 13.45
N GLU D 97 -6.08 5.31 14.49
CA GLU D 97 -5.82 6.17 15.64
C GLU D 97 -4.91 7.34 15.29
N ILE D 98 -3.89 7.09 14.47
CA ILE D 98 -2.97 8.16 14.09
C ILE D 98 -3.69 9.18 13.21
N LEU D 99 -4.40 8.71 12.19
CA LEU D 99 -5.16 9.63 11.34
C LEU D 99 -6.31 10.26 12.11
N GLY D 100 -6.90 9.52 13.05
CA GLY D 100 -7.95 10.08 13.87
C GLY D 100 -7.44 11.22 14.75
N TYR D 101 -6.26 11.04 15.35
CA TYR D 101 -5.68 12.11 16.15
C TYR D 101 -5.38 13.34 15.31
N TYR D 102 -4.91 13.13 14.08
CA TYR D 102 -4.66 14.26 13.18
C TYR D 102 -5.95 15.02 12.89
N ARG D 103 -7.06 14.30 12.75
CA ARG D 103 -8.33 14.94 12.43
C ARG D 103 -8.80 15.85 13.56
N LEU D 104 -8.67 15.41 14.82
CA LEU D 104 -9.09 16.24 15.93
C LEU D 104 -8.24 17.50 16.03
N LEU D 105 -6.91 17.36 15.90
CA LEU D 105 -6.04 18.51 16.02
C LEU D 105 -6.31 19.54 14.94
N ARG D 106 -6.56 19.08 13.72
CA ARG D 106 -6.90 20.00 12.64
C ARG D 106 -8.19 20.75 12.96
N ARG D 107 -9.19 20.05 13.48
CA ARG D 107 -10.42 20.71 13.90
C ARG D 107 -10.15 21.66 15.06
N ALA D 108 -9.35 21.23 16.03
CA ALA D 108 -9.05 22.08 17.18
C ALA D 108 -8.22 23.30 16.78
N SER D 109 -7.24 23.11 15.91
CA SER D 109 -6.37 24.23 15.53
C SER D 109 -7.14 25.30 14.77
N ALA D 110 -8.02 24.91 13.86
CA ALA D 110 -8.80 25.89 13.12
C ALA D 110 -9.79 26.62 14.02
N SER D 111 -10.21 25.97 15.11
CA SER D 111 -11.15 26.56 16.05
C SER D 111 -10.47 27.27 17.21
N ALA D 112 -9.14 27.34 17.23
CA ALA D 112 -8.40 27.97 18.30
C ALA D 112 -8.06 29.41 17.95
N ARG D 113 -7.79 30.20 18.99
CA ARG D 113 -7.42 31.60 18.80
C ARG D 113 -6.02 31.68 18.20
N SER D 114 -5.89 32.48 17.15
CA SER D 114 -4.60 32.63 16.48
C SER D 114 -3.61 33.39 17.37
N ARG D 115 -2.34 32.98 17.28
CA ARG D 115 -1.25 33.59 18.04
C ARG D 115 -1.55 33.60 19.54
N ALA D 122 7.14 29.23 14.09
CA ALA D 122 7.68 28.39 13.04
C ALA D 122 9.19 28.51 12.96
N PRO D 123 9.89 27.42 13.31
CA PRO D 123 11.35 27.46 13.29
C PRO D 123 11.88 27.67 11.88
N ILE D 124 13.01 28.35 11.79
CA ILE D 124 13.61 28.69 10.51
C ILE D 124 15.02 28.11 10.44
N ALA D 125 15.53 28.02 9.22
CA ALA D 125 16.92 27.67 8.98
C ALA D 125 17.69 28.95 8.74
N TYR D 126 18.76 29.16 9.50
CA TYR D 126 19.46 30.43 9.50
C TYR D 126 20.32 30.54 8.24
N GLU D 127 20.12 31.63 7.50
CA GLU D 127 20.92 31.89 6.32
C GLU D 127 22.31 32.40 6.71
N MET D 128 23.33 31.64 6.37
CA MET D 128 24.69 31.96 6.75
C MET D 128 25.38 32.78 5.68
N SER D 129 26.31 33.63 6.11
CA SER D 129 27.05 34.48 5.20
C SER D 129 28.01 33.65 4.37
N ALA D 130 28.46 34.24 3.25
CA ALA D 130 29.43 33.56 2.40
C ALA D 130 30.77 33.40 3.12
N GLU D 131 31.06 34.28 4.07
CA GLU D 131 32.29 34.16 4.83
C GLU D 131 32.22 32.98 5.80
N TRP D 132 31.02 32.68 6.32
CA TRP D 132 30.88 31.57 7.25
C TRP D 132 31.10 30.23 6.54
N VAL D 133 30.48 30.04 5.38
CA VAL D 133 30.62 28.76 4.68
C VAL D 133 32.06 28.57 4.21
N ALA D 134 32.76 29.65 3.89
CA ALA D 134 34.18 29.53 3.57
C ALA D 134 34.97 29.03 4.76
N LEU D 135 34.66 29.54 5.96
CA LEU D 135 35.32 29.05 7.16
C LEU D 135 34.93 27.61 7.46
N GLU D 136 33.64 27.27 7.29
CA GLU D 136 33.18 25.93 7.60
C GLU D 136 33.78 24.90 6.65
N THR D 137 33.90 25.25 5.37
CA THR D 137 34.53 24.33 4.42
C THR D 137 35.98 24.06 4.81
N LYS D 138 36.70 25.09 5.26
CA LYS D 138 38.06 24.88 5.75
C LYS D 138 38.08 23.99 6.97
N LEU D 139 37.14 24.20 7.90
CA LEU D 139 37.07 23.36 9.09
C LEU D 139 36.71 21.93 8.74
N SER D 140 35.74 21.74 7.84
CA SER D 140 35.36 20.39 7.43
C SER D 140 36.49 19.67 6.71
N GLU D 141 37.17 20.37 5.81
CA GLU D 141 38.28 19.76 5.08
C GLU D 141 39.43 19.40 6.01
N THR D 142 39.69 20.25 7.00
CA THR D 142 40.73 19.93 7.99
C THR D 142 40.37 18.68 8.77
N VAL D 143 39.09 18.55 9.16
CA VAL D 143 38.67 17.39 9.95
C VAL D 143 38.86 16.10 9.16
N MET D 144 38.48 16.11 7.88
CA MET D 144 38.61 14.91 7.07
C MET D 144 40.08 14.51 6.91
N ALA D 145 40.99 15.48 6.99
CA ALA D 145 42.41 15.16 6.87
C ALA D 145 42.91 14.35 8.05
N ILE D 146 42.55 14.76 9.27
CA ILE D 146 42.97 14.01 10.45
C ILE D 146 42.30 12.64 10.48
N THR D 147 40.99 12.59 10.22
CA THR D 147 40.24 11.35 10.29
C THR D 147 40.55 10.40 9.14
N GLU D 148 41.29 10.86 8.12
CA GLU D 148 41.62 9.99 6.99
C GLU D 148 42.47 8.80 7.40
N GLY D 149 43.20 8.91 8.51
CA GLY D 149 44.02 7.79 8.95
C GLY D 149 43.24 6.62 9.50
N ALA D 150 42.00 6.86 9.96
CA ALA D 150 41.16 5.80 10.51
C ALA D 150 40.32 5.11 9.45
N ALA D 151 40.36 5.57 8.21
CA ALA D 151 39.57 4.94 7.15
C ALA D 151 40.17 3.61 6.75
N GLU D 152 39.31 2.72 6.26
CA GLU D 152 39.76 1.41 5.80
C GLU D 152 40.63 1.56 4.55
N VAL D 153 41.65 0.72 4.45
CA VAL D 153 42.62 0.86 3.37
C VAL D 153 42.13 0.13 2.13
N ALA D 154 42.72 0.48 0.99
CA ALA D 154 42.34 -0.13 -0.28
C ALA D 154 42.72 -1.61 -0.31
N ASP D 155 41.94 -2.38 -1.07
CA ASP D 155 42.17 -3.81 -1.18
C ASP D 155 43.40 -4.08 -2.06
N GLU D 156 43.81 -5.35 -2.07
CA GLU D 156 44.97 -5.74 -2.86
C GLU D 156 44.61 -5.97 -4.32
N GLU D 157 43.75 -6.96 -4.59
CA GLU D 157 43.37 -7.29 -5.96
C GLU D 157 42.23 -8.29 -5.93
N GLY D 158 41.29 -8.14 -6.87
CA GLY D 158 40.23 -9.10 -7.09
C GLY D 158 40.48 -9.86 -8.37
N HIS D 159 40.05 -11.11 -8.41
CA HIS D 159 40.35 -12.01 -9.52
C HIS D 159 39.06 -12.43 -10.22
N CYS D 160 39.21 -13.35 -11.18
CA CYS D 160 38.09 -13.77 -12.03
C CYS D 160 37.04 -14.55 -11.27
N GLU D 161 37.31 -14.98 -10.04
CA GLU D 161 36.29 -15.68 -9.27
C GLU D 161 35.12 -14.78 -8.90
N GLY D 162 35.37 -13.47 -8.81
CA GLY D 162 34.30 -12.54 -8.47
C GLY D 162 33.50 -12.11 -9.68
N LEU D 163 32.25 -11.72 -9.42
CA LEU D 163 31.37 -11.27 -10.50
C LEU D 163 31.89 -9.99 -11.14
N ILE D 164 32.34 -9.04 -10.32
CA ILE D 164 32.68 -7.71 -10.80
C ILE D 164 34.14 -7.68 -11.24
N ASP D 165 34.38 -7.16 -12.43
CA ASP D 165 35.73 -6.97 -12.95
C ASP D 165 36.07 -5.48 -12.84
N TYR D 166 36.94 -5.15 -11.89
CA TYR D 166 37.24 -3.76 -11.59
C TYR D 166 38.21 -3.12 -12.57
N GLU D 167 38.91 -3.94 -13.38
CA GLU D 167 39.76 -3.37 -14.41
C GLU D 167 38.96 -2.63 -15.46
N SER D 168 37.78 -3.15 -15.79
CA SER D 168 36.91 -2.47 -16.76
C SER D 168 36.45 -1.12 -16.21
N TRP D 169 36.15 -1.06 -14.92
CA TRP D 169 35.73 0.21 -14.32
C TRP D 169 36.83 1.25 -14.41
N LYS D 170 38.08 0.85 -14.14
CA LYS D 170 39.19 1.79 -14.24
C LYS D 170 39.34 2.33 -15.66
N ARG D 171 39.13 1.46 -16.65
CA ARG D 171 39.24 1.90 -18.04
C ARG D 171 38.09 2.83 -18.41
N ARG D 172 36.92 2.62 -17.81
CA ARG D 172 35.77 3.49 -18.08
C ARG D 172 36.03 4.91 -17.60
N TRP D 173 36.55 5.04 -16.37
CA TRP D 173 36.69 6.36 -15.77
C TRP D 173 37.66 7.23 -16.57
N VAL D 174 38.78 6.65 -16.99
CA VAL D 174 39.76 7.42 -17.77
C VAL D 174 39.22 7.80 -19.13
N ALA D 175 38.23 7.06 -19.64
CA ALA D 175 37.73 7.29 -20.98
C ALA D 175 36.39 8.03 -21.02
N ILE D 176 35.59 7.95 -19.96
CA ILE D 176 34.26 8.56 -20.00
C ILE D 176 34.10 9.60 -18.91
N TYR D 177 34.17 9.18 -17.65
CA TYR D 177 33.77 10.04 -16.54
C TYR D 177 34.80 11.11 -16.21
N SER D 178 36.05 10.96 -16.65
CA SER D 178 37.04 12.00 -16.44
C SER D 178 36.75 13.25 -17.24
N HIS D 179 35.85 13.19 -18.22
CA HIS D 179 35.51 14.32 -19.06
C HIS D 179 34.28 15.08 -18.55
N SER D 180 33.79 14.75 -17.37
CA SER D 180 32.57 15.36 -16.86
C SER D 180 32.74 16.86 -16.69
N ARG D 181 31.68 17.61 -17.03
CA ARG D 181 31.69 19.06 -16.96
C ARG D 181 30.91 19.59 -15.76
N ILE D 182 30.71 18.77 -14.74
CA ILE D 182 30.04 19.22 -13.53
C ILE D 182 30.95 20.22 -12.82
N ALA D 183 30.43 21.44 -12.60
CA ALA D 183 31.27 22.52 -12.08
C ALA D 183 31.73 22.25 -10.65
N GLU D 184 30.85 21.68 -9.82
CA GLU D 184 31.17 21.52 -8.41
C GLU D 184 32.26 20.49 -8.16
N ILE D 185 32.56 19.64 -9.14
CA ILE D 185 33.61 18.63 -8.99
C ILE D 185 34.59 18.77 -10.17
N ARG D 186 34.69 19.98 -10.71
CA ARG D 186 35.34 20.21 -12.00
C ARG D 186 36.76 19.64 -12.08
N PRO D 187 37.67 19.85 -11.12
CA PRO D 187 38.97 19.19 -11.23
C PRO D 187 38.83 17.70 -10.96
N LEU D 188 38.90 16.89 -12.02
CA LEU D 188 38.58 15.49 -11.90
C LEU D 188 39.85 14.64 -12.01
N PRO D 189 40.02 13.65 -11.13
CA PRO D 189 41.17 12.76 -11.24
C PRO D 189 41.09 11.93 -12.51
N ARG D 190 42.26 11.67 -13.10
CA ARG D 190 42.30 10.85 -14.31
C ARG D 190 41.83 9.43 -14.04
N HIS D 191 42.23 8.87 -12.90
CA HIS D 191 41.95 7.48 -12.58
C HIS D 191 40.91 7.38 -11.47
N ALA D 192 40.10 6.34 -11.55
CA ALA D 192 39.04 6.14 -10.56
C ALA D 192 39.62 5.88 -9.18
N LEU D 193 38.84 6.24 -8.17
CA LEU D 193 39.29 6.07 -6.79
C LEU D 193 39.39 4.58 -6.45
N PRO D 194 40.39 4.19 -5.67
CA PRO D 194 40.47 2.79 -5.23
C PRO D 194 39.36 2.45 -4.26
N LEU D 195 39.07 1.16 -4.14
CA LEU D 195 38.02 0.68 -3.25
C LEU D 195 38.64 -0.16 -2.14
N SER D 196 38.10 0.01 -0.93
CA SER D 196 38.53 -0.80 0.19
C SER D 196 37.97 -2.23 0.06
N ARG D 197 38.54 -3.14 0.83
CA ARG D 197 38.07 -4.52 0.80
C ARG D 197 36.63 -4.63 1.27
N SER D 198 36.27 -3.89 2.32
CA SER D 198 34.91 -3.93 2.83
C SER D 198 33.93 -3.36 1.82
N ALA D 199 34.36 -2.37 1.03
CA ALA D 199 33.49 -1.81 0.01
C ALA D 199 33.20 -2.82 -1.09
N THR D 200 34.21 -3.59 -1.50
CA THR D 200 34.02 -4.56 -2.57
C THR D 200 33.04 -5.65 -2.18
N GLN D 201 33.10 -6.09 -0.92
CA GLN D 201 32.14 -7.10 -0.45
C GLN D 201 30.72 -6.58 -0.53
N THR D 202 30.50 -5.32 -0.17
CA THR D 202 29.17 -4.73 -0.26
C THR D 202 28.68 -4.67 -1.70
N LEU D 203 29.57 -4.31 -2.63
CA LEU D 203 29.19 -4.29 -4.04
C LEU D 203 28.88 -5.69 -4.55
N GLU D 204 29.64 -6.69 -4.12
CA GLU D 204 29.36 -8.07 -4.49
C GLU D 204 28.00 -8.51 -3.96
N ARG D 205 27.66 -8.10 -2.74
CA ARG D 205 26.35 -8.41 -2.20
C ARG D 205 25.25 -7.64 -2.93
N CYS D 206 25.55 -6.42 -3.35
CA CYS D 206 24.54 -5.60 -4.02
C CYS D 206 24.11 -6.21 -5.35
N VAL D 207 25.08 -6.68 -6.15
CA VAL D 207 24.74 -7.27 -7.45
C VAL D 207 24.03 -8.59 -7.27
N SER D 208 24.37 -9.34 -6.21
CA SER D 208 23.65 -10.58 -5.91
C SER D 208 22.20 -10.29 -5.55
N ARG D 209 21.96 -9.22 -4.78
CA ARG D 209 20.60 -8.84 -4.44
C ARG D 209 19.82 -8.40 -5.68
N TYR D 210 20.45 -7.63 -6.56
CA TYR D 210 19.76 -7.21 -7.77
C TYR D 210 19.53 -8.37 -8.73
N THR D 211 20.46 -9.32 -8.79
CA THR D 211 20.27 -10.48 -9.65
C THR D 211 19.04 -11.28 -9.23
N ARG D 212 18.83 -11.41 -7.92
CA ARG D 212 17.59 -12.03 -7.43
C ARG D 212 16.38 -11.22 -7.86
N THR D 213 16.47 -9.89 -7.75
CA THR D 213 15.35 -9.04 -8.19
C THR D 213 15.08 -9.21 -9.68
N LEU D 214 16.14 -9.26 -10.48
CA LEU D 214 15.97 -9.43 -11.92
C LEU D 214 15.38 -10.79 -12.25
N LEU D 215 15.89 -11.85 -11.62
CA LEU D 215 15.40 -13.19 -11.91
C LEU D 215 13.94 -13.36 -11.51
N TRP D 216 13.56 -12.77 -10.39
CA TRP D 216 12.17 -12.87 -9.93
C TRP D 216 11.23 -12.02 -10.76
N CYS D 217 11.74 -11.16 -11.65
CA CYS D 217 10.89 -10.37 -12.52
C CYS D 217 10.78 -10.99 -13.92
N THR D 218 11.77 -11.79 -14.32
CA THR D 218 11.78 -12.40 -15.65
C THR D 218 11.65 -13.91 -15.58
N ALA D 219 12.56 -14.58 -14.87
CA ALA D 219 12.56 -16.04 -14.83
C ALA D 219 11.39 -16.62 -14.04
N LEU D 220 11.06 -16.04 -12.88
CA LEU D 220 9.94 -16.52 -12.09
C LEU D 220 8.60 -16.10 -12.67
N ALA D 221 8.54 -14.96 -13.35
CA ALA D 221 7.28 -14.51 -13.92
C ALA D 221 6.77 -15.47 -15.00
N GLY D 222 7.67 -15.98 -15.83
CA GLY D 222 7.31 -16.89 -16.89
C GLY D 222 7.40 -18.35 -16.49
N MET D 223 7.42 -18.61 -15.18
CA MET D 223 7.52 -19.97 -14.67
C MET D 223 6.37 -20.84 -15.15
N ALA D 224 5.20 -20.25 -15.41
CA ALA D 224 4.02 -21.02 -15.77
C ALA D 224 3.92 -21.30 -17.27
N SER D 225 4.80 -20.73 -18.09
CA SER D 225 4.77 -20.95 -19.53
C SER D 225 5.78 -22.04 -19.87
N ARG D 226 5.29 -23.25 -20.09
CA ARG D 226 6.15 -24.40 -20.36
C ARG D 226 6.40 -24.55 -21.85
N SER D 227 7.42 -25.35 -22.17
CA SER D 227 7.81 -25.63 -23.55
C SER D 227 8.01 -27.13 -23.70
N VAL D 228 8.16 -27.56 -24.95
CA VAL D 228 8.37 -28.96 -25.29
C VAL D 228 9.83 -29.13 -25.69
N SER D 229 10.50 -30.08 -25.05
CA SER D 229 11.91 -30.36 -25.35
C SER D 229 11.98 -31.08 -26.69
N ALA D 230 12.23 -30.31 -27.76
CA ALA D 230 12.25 -30.88 -29.10
C ALA D 230 13.42 -31.84 -29.27
N ARG D 231 14.62 -31.42 -28.88
CA ARG D 231 15.83 -32.22 -29.07
C ARG D 231 16.13 -33.04 -27.81
N ALA D 232 15.15 -33.85 -27.44
CA ALA D 232 15.27 -34.70 -26.26
C ALA D 232 16.22 -35.87 -26.53
N SER D 240 8.45 -34.57 -19.54
CA SER D 240 8.25 -33.34 -18.77
C SER D 240 8.34 -32.11 -19.67
N LEU D 241 7.70 -31.03 -19.26
CA LEU D 241 7.70 -29.78 -20.02
C LEU D 241 8.50 -28.73 -19.28
N PRO D 242 9.72 -28.41 -19.73
CA PRO D 242 10.54 -27.44 -19.01
C PRO D 242 10.07 -26.00 -19.25
N THR D 243 10.65 -25.10 -18.48
CA THR D 243 10.45 -23.67 -18.65
C THR D 243 11.73 -23.07 -19.22
N VAL D 244 11.60 -22.30 -20.30
CA VAL D 244 12.73 -21.77 -21.04
C VAL D 244 12.68 -20.26 -20.99
N VAL D 245 13.80 -19.64 -20.60
CA VAL D 245 13.96 -18.20 -20.60
C VAL D 245 14.74 -17.81 -21.84
N THR D 246 14.23 -16.83 -22.59
CA THR D 246 14.84 -16.39 -23.83
C THR D 246 15.10 -14.90 -23.77
N ARG D 247 16.02 -14.44 -24.63
CA ARG D 247 16.33 -13.02 -24.70
C ARG D 247 15.10 -12.21 -25.07
N ARG D 248 14.20 -12.78 -25.87
CA ARG D 248 12.96 -12.10 -26.20
C ARG D 248 12.12 -11.82 -24.95
N GLN D 249 12.04 -12.80 -24.05
CA GLN D 249 11.25 -12.62 -22.83
C GLN D 249 11.94 -11.67 -21.85
N VAL D 250 13.27 -11.69 -21.79
CA VAL D 250 13.98 -10.83 -20.86
C VAL D 250 13.84 -9.37 -21.26
N GLU D 251 14.05 -9.07 -22.55
CA GLU D 251 13.88 -7.70 -23.01
C GLU D 251 12.44 -7.23 -22.88
N ARG D 252 11.48 -8.11 -23.16
CA ARG D 252 10.08 -7.76 -22.97
C ARG D 252 9.77 -7.46 -21.51
N ALA D 253 10.32 -8.26 -20.60
CA ALA D 253 10.10 -8.01 -19.17
C ALA D 253 10.73 -6.70 -18.73
N LEU D 254 11.92 -6.39 -19.24
CA LEU D 254 12.60 -5.16 -18.83
C LEU D 254 11.83 -3.92 -19.27
N CYS D 255 11.25 -3.95 -20.47
CA CYS D 255 10.62 -2.75 -21.00
C CYS D 255 9.20 -2.57 -20.48
N THR D 256 8.44 -3.64 -20.32
CA THR D 256 7.03 -3.56 -19.96
C THR D 256 6.78 -3.73 -18.47
N GLU D 257 7.82 -3.82 -17.65
CA GLU D 257 7.61 -3.92 -16.21
C GLU D 257 7.33 -2.54 -15.62
N ALA D 258 6.79 -2.55 -14.42
CA ALA D 258 6.52 -1.30 -13.71
C ALA D 258 7.82 -0.58 -13.40
N ARG D 259 7.80 0.75 -13.53
CA ARG D 259 8.98 1.55 -13.26
C ARG D 259 9.41 1.49 -11.79
N SER D 260 8.49 1.14 -10.90
CA SER D 260 8.85 0.95 -9.49
C SER D 260 9.71 -0.28 -9.27
N ARG D 261 9.74 -1.21 -10.24
CA ARG D 261 10.55 -2.40 -10.10
C ARG D 261 12.04 -2.12 -10.24
N ASP D 262 12.41 -0.91 -10.66
CA ASP D 262 13.79 -0.43 -10.70
C ASP D 262 14.70 -1.30 -11.56
N LEU D 263 14.10 -1.96 -12.55
CA LEU D 263 14.83 -2.78 -13.50
C LEU D 263 15.58 -1.87 -14.47
N HIS D 264 16.86 -2.16 -14.70
CA HIS D 264 17.72 -1.32 -15.50
C HIS D 264 17.91 -1.89 -16.90
N VAL D 265 17.99 -0.99 -17.89
CA VAL D 265 18.21 -1.35 -19.28
C VAL D 265 19.50 -0.69 -19.73
N LEU D 266 20.42 -1.49 -20.29
CA LEU D 266 21.76 -0.98 -20.59
C LEU D 266 21.76 0.16 -21.60
N PRO D 267 21.10 0.07 -22.76
CA PRO D 267 21.11 1.23 -23.67
C PRO D 267 20.52 2.48 -23.05
N ARG D 268 19.50 2.34 -22.20
CA ARG D 268 18.94 3.49 -21.51
C ARG D 268 19.94 4.07 -20.51
N ARG D 269 20.76 3.22 -19.89
CA ARG D 269 21.74 3.69 -18.93
C ARG D 269 22.79 4.58 -19.59
N ILE D 270 23.14 4.30 -20.85
CA ILE D 270 24.20 5.04 -21.52
C ILE D 270 23.79 6.49 -21.73
N VAL D 271 22.58 6.72 -22.24
CA VAL D 271 22.13 8.10 -22.45
C VAL D 271 21.94 8.82 -21.13
N LEU D 272 21.51 8.10 -20.09
CA LEU D 272 21.35 8.71 -18.77
C LEU D 272 22.69 9.12 -18.19
N THR D 273 23.72 8.29 -18.38
CA THR D 273 25.05 8.61 -17.88
C THR D 273 25.60 9.89 -18.51
N LEU D 274 25.42 10.03 -19.83
CA LEU D 274 25.94 11.20 -20.52
C LEU D 274 25.27 12.48 -20.06
N ARG D 275 23.96 12.44 -19.81
CA ARG D 275 23.27 13.62 -19.29
C ARG D 275 23.67 13.89 -17.85
N LYS D 276 23.78 12.83 -17.04
CA LYS D 276 24.04 13.00 -15.61
C LYS D 276 25.38 13.66 -15.36
N TRP D 277 26.41 13.28 -16.12
CA TRP D 277 27.74 13.84 -15.94
C TRP D 277 28.02 15.00 -16.88
N GLU D 278 27.04 15.42 -17.69
CA GLU D 278 27.14 16.57 -18.57
C GLU D 278 28.35 16.44 -19.50
N LEU D 279 28.54 15.23 -20.02
CA LEU D 279 29.63 14.93 -20.94
C LEU D 279 29.29 15.45 -22.33
N ASP D 280 30.33 15.94 -23.02
CA ASP D 280 30.17 16.41 -24.39
C ASP D 280 30.55 15.28 -25.35
N TYR D 281 29.61 14.90 -26.21
CA TYR D 281 29.83 13.84 -27.17
C TYR D 281 29.17 14.21 -28.49
N PRO D 282 29.67 13.69 -29.61
CA PRO D 282 29.03 13.98 -30.89
C PRO D 282 27.63 13.40 -30.97
N ARG D 283 26.76 14.11 -31.69
CA ARG D 283 25.37 13.70 -31.83
C ARG D 283 25.04 13.17 -33.22
N GLU D 284 25.91 13.37 -34.22
CA GLU D 284 25.61 12.92 -35.56
C GLU D 284 25.75 11.41 -35.69
N GLY D 285 26.80 10.84 -35.10
CA GLY D 285 27.05 9.41 -35.23
C GLY D 285 26.09 8.57 -34.41
N LYS D 286 26.14 7.26 -34.65
CA LYS D 286 25.29 6.33 -33.94
C LYS D 286 25.86 6.07 -32.55
N LEU D 287 25.00 6.17 -31.54
CA LEU D 287 25.46 5.99 -30.16
C LEU D 287 25.71 4.51 -29.86
N PHE D 288 24.83 3.64 -30.33
CA PHE D 288 24.91 2.21 -30.03
C PHE D 288 25.57 1.47 -31.18
N ARG D 289 26.31 0.42 -30.83
CA ARG D 289 27.08 -0.31 -31.84
C ARG D 289 26.18 -1.18 -32.72
N THR D 290 25.20 -1.85 -32.13
CA THR D 290 24.35 -2.78 -32.85
C THR D 290 22.93 -2.23 -32.97
N LYS D 291 22.24 -2.66 -34.04
CA LYS D 291 20.86 -2.25 -34.23
C LYS D 291 19.94 -2.85 -33.19
N GLU D 292 20.27 -4.05 -32.69
CA GLU D 292 19.40 -4.71 -31.71
C GLU D 292 19.31 -3.90 -30.43
N MET D 293 20.45 -3.39 -29.94
CA MET D 293 20.43 -2.64 -28.69
C MET D 293 19.98 -1.21 -28.92
N ALA D 294 20.20 -0.67 -30.12
CA ALA D 294 19.58 0.60 -30.48
C ALA D 294 18.08 0.46 -30.54
N HIS D 295 17.58 -0.67 -31.05
CA HIS D 295 16.15 -0.94 -31.02
C HIS D 295 15.66 -1.12 -29.60
N LEU D 296 16.46 -1.75 -28.74
CA LEU D 296 16.07 -1.93 -27.34
C LEU D 296 15.91 -0.59 -26.64
N PHE D 297 16.76 0.39 -26.99
CA PHE D 297 16.62 1.72 -26.41
C PHE D 297 15.30 2.34 -26.81
N LEU D 298 14.89 2.17 -28.07
CA LEU D 298 13.63 2.74 -28.52
C LEU D 298 12.44 2.09 -27.83
N GLN D 299 12.51 0.77 -27.61
CA GLN D 299 11.41 0.08 -26.93
C GLN D 299 11.25 0.56 -25.49
N SER D 300 12.37 0.78 -24.80
CA SER D 300 12.30 1.20 -23.40
C SER D 300 11.75 2.62 -23.27
N GLN D 301 12.15 3.52 -24.17
CA GLN D 301 11.69 4.91 -24.08
C GLN D 301 10.19 5.02 -24.28
N LEU D 302 9.63 4.25 -25.22
CA LEU D 302 8.20 4.34 -25.51
C LEU D 302 7.36 3.61 -24.48
N SER D 303 7.98 2.82 -23.60
CA SER D 303 7.25 2.09 -22.57
C SER D 303 7.37 2.80 -21.22
N ARG D 340 9.13 44.85 -0.05
CA ARG D 340 9.37 45.14 1.35
C ARG D 340 8.74 44.07 2.24
N ASP D 341 9.44 42.96 2.43
CA ASP D 341 8.95 41.85 3.23
C ASP D 341 9.59 41.93 4.61
N GLU D 342 8.78 42.32 5.61
CA GLU D 342 9.28 42.44 6.97
C GLU D 342 9.66 41.09 7.57
N ILE D 343 9.07 40.00 7.09
CA ILE D 343 9.46 38.67 7.55
C ILE D 343 10.89 38.38 7.14
N ASP D 344 11.27 38.75 5.92
CA ASP D 344 12.62 38.50 5.45
C ASP D 344 13.66 39.26 6.27
N GLU D 345 13.38 40.53 6.58
CA GLU D 345 14.34 41.31 7.36
C GLU D 345 14.53 40.74 8.76
N ALA D 346 13.44 40.28 9.38
CA ALA D 346 13.55 39.66 10.69
C ALA D 346 14.39 38.39 10.63
N ASP D 347 14.19 37.56 9.59
CA ASP D 347 14.97 36.34 9.46
C ASP D 347 16.43 36.65 9.18
N LEU D 348 16.71 37.69 8.40
CA LEU D 348 18.09 38.07 8.15
C LEU D 348 18.78 38.52 9.43
N PHE D 349 18.07 39.27 10.28
CA PHE D 349 18.67 39.70 11.54
C PHE D 349 18.92 38.53 12.48
N ARG D 350 17.97 37.61 12.57
CA ARG D 350 18.16 36.44 13.43
C ARG D 350 19.30 35.57 12.94
N SER D 351 19.43 35.41 11.62
CA SER D 351 20.53 34.65 11.05
C SER D 351 21.87 35.32 11.34
N ALA D 352 21.92 36.64 11.23
CA ALA D 352 23.16 37.36 11.51
C ALA D 352 23.56 37.22 12.97
N LEU D 353 22.58 37.28 13.87
CA LEU D 353 22.87 37.07 15.29
C LEU D 353 23.29 35.64 15.56
N HIS D 354 22.63 34.67 14.92
CA HIS D 354 22.98 33.27 15.12
C HIS D 354 24.40 32.98 14.67
N GLU D 355 24.80 33.52 13.52
CA GLU D 355 26.18 33.38 13.07
C GLU D 355 27.15 34.07 14.02
N ASN D 356 26.73 35.23 14.56
CA ASN D 356 27.59 35.96 15.48
C ASN D 356 27.89 35.17 16.74
N GLN D 357 26.88 34.51 17.30
CA GLN D 357 27.09 33.72 18.52
C GLN D 357 27.94 32.49 18.25
N LEU D 358 27.90 31.96 17.03
CA LEU D 358 28.75 30.82 16.69
C LEU D 358 30.20 31.27 16.52
N LEU D 359 30.42 32.39 15.84
CA LEU D 359 31.78 32.89 15.63
C LEU D 359 32.44 33.26 16.95
N LYS D 360 31.70 33.90 17.85
CA LYS D 360 32.26 34.25 19.16
C LYS D 360 32.62 33.00 19.95
N TRP D 361 31.78 31.97 19.86
CA TRP D 361 32.05 30.72 20.55
C TRP D 361 33.34 30.07 20.06
N LEU D 362 33.56 30.10 18.74
CA LEU D 362 34.79 29.53 18.19
C LEU D 362 36.00 30.44 18.46
N SER D 363 35.79 31.75 18.44
CA SER D 363 36.91 32.68 18.64
C SER D 363 37.49 32.61 20.05
N LYS D 364 36.77 32.04 21.00
CA LYS D 364 37.27 31.90 22.36
C LYS D 364 38.46 30.94 22.41
N GLU E 36 -52.77 -20.25 9.33
CA GLU E 36 -52.02 -21.01 10.32
C GLU E 36 -50.53 -20.66 10.28
N THR E 37 -49.70 -21.59 10.75
CA THR E 37 -48.25 -21.37 10.76
C THR E 37 -47.61 -21.68 9.41
N LEU E 38 -48.35 -22.22 8.46
CA LEU E 38 -47.78 -22.54 7.16
C LEU E 38 -47.30 -21.30 6.43
N LYS E 39 -48.07 -20.21 6.50
CA LYS E 39 -47.67 -18.98 5.84
C LYS E 39 -46.38 -18.42 6.43
N SER E 40 -46.22 -18.50 7.75
CA SER E 40 -44.95 -18.12 8.37
C SER E 40 -43.82 -19.03 7.92
N ALA E 41 -44.09 -20.34 7.86
CA ALA E 41 -43.09 -21.29 7.38
C ALA E 41 -42.76 -21.05 5.92
N ASN E 42 -43.77 -20.72 5.10
CA ASN E 42 -43.52 -20.43 3.70
C ASN E 42 -42.65 -19.18 3.55
N GLU E 43 -42.91 -18.15 4.37
CA GLU E 43 -42.08 -16.96 4.33
C GLU E 43 -40.66 -17.27 4.80
N LEU E 44 -40.52 -18.15 5.79
CA LEU E 44 -39.20 -18.56 6.25
C LEU E 44 -38.43 -19.27 5.14
N LEU E 45 -39.10 -20.16 4.41
CA LEU E 45 -38.43 -20.89 3.33
C LEU E 45 -38.01 -19.95 2.21
N ASP E 46 -38.87 -18.98 1.86
CA ASP E 46 -38.55 -18.06 0.78
C ASP E 46 -37.33 -17.22 1.10
N SER E 47 -37.19 -16.79 2.36
CA SER E 47 -36.03 -16.00 2.76
C SER E 47 -34.75 -16.79 2.61
N LEU E 48 -34.77 -18.08 2.99
CA LEU E 48 -33.58 -18.91 2.84
C LEU E 48 -33.21 -19.07 1.37
N GLU E 49 -34.21 -19.30 0.51
CA GLU E 49 -33.95 -19.41 -0.91
C GLU E 49 -33.45 -18.09 -1.49
N HIS E 50 -34.03 -16.98 -1.03
CA HIS E 50 -33.60 -15.67 -1.51
C HIS E 50 -32.16 -15.38 -1.09
N SER E 51 -31.79 -15.72 0.14
CA SER E 51 -30.42 -15.52 0.58
C SER E 51 -29.46 -16.43 -0.16
N HIS E 52 -29.88 -17.68 -0.41
CA HIS E 52 -29.02 -18.62 -1.12
C HIS E 52 -28.76 -18.16 -2.55
N ARG E 53 -29.73 -17.49 -3.16
CA ARG E 53 -29.58 -17.04 -4.54
C ARG E 53 -28.69 -15.79 -4.64
N VAL E 54 -28.81 -14.88 -3.67
CA VAL E 54 -28.22 -13.55 -3.82
C VAL E 54 -26.70 -13.63 -3.74
N ASP E 55 -26.17 -14.38 -2.79
CA ASP E 55 -24.72 -14.38 -2.57
C ASP E 55 -23.99 -14.95 -3.78
N LEU E 56 -23.01 -14.20 -4.27
CA LEU E 56 -22.28 -14.57 -5.47
C LEU E 56 -21.01 -15.37 -5.18
N SER E 57 -20.42 -15.18 -4.00
CA SER E 57 -19.15 -15.83 -3.71
C SER E 57 -19.27 -17.34 -3.73
N LEU E 58 -20.35 -17.88 -3.16
CA LEU E 58 -20.52 -19.33 -3.13
C LEU E 58 -20.88 -19.88 -4.49
N HIS E 59 -21.50 -19.07 -5.36
CA HIS E 59 -21.80 -19.52 -6.70
C HIS E 59 -20.57 -19.47 -7.60
N LEU E 60 -19.71 -18.47 -7.40
CA LEU E 60 -18.43 -18.46 -8.09
C LEU E 60 -17.56 -19.63 -7.64
N TYR E 61 -17.58 -19.94 -6.35
CA TYR E 61 -16.82 -21.07 -5.85
C TYR E 61 -17.34 -22.40 -6.39
N SER E 62 -18.66 -22.54 -6.46
CA SER E 62 -19.24 -23.79 -6.97
C SER E 62 -18.84 -24.02 -8.42
N ALA E 63 -18.79 -22.95 -9.22
CA ALA E 63 -18.32 -23.08 -10.59
C ALA E 63 -16.87 -23.54 -10.64
N TYR E 64 -16.03 -23.01 -9.74
CA TYR E 64 -14.64 -23.45 -9.68
C TYR E 64 -14.54 -24.92 -9.28
N LEU E 65 -15.32 -25.34 -8.29
CA LEU E 65 -15.23 -26.71 -7.81
C LEU E 65 -15.77 -27.69 -8.84
N LEU E 66 -16.80 -27.30 -9.60
CA LEU E 66 -17.34 -28.18 -10.62
C LEU E 66 -16.30 -28.46 -11.71
N LYS E 67 -15.61 -27.42 -12.16
CA LYS E 67 -14.62 -27.61 -13.22
C LYS E 67 -13.41 -28.38 -12.70
N ARG E 68 -12.98 -28.10 -11.46
CA ARG E 68 -11.81 -28.79 -10.92
C ARG E 68 -12.10 -30.25 -10.64
N LEU E 69 -13.26 -30.56 -10.08
CA LEU E 69 -13.59 -31.95 -9.77
C LEU E 69 -13.81 -32.76 -11.04
N LEU E 70 -14.39 -32.15 -12.06
CA LEU E 70 -14.62 -32.86 -13.32
C LEU E 70 -13.29 -33.27 -13.97
N TYR E 71 -12.31 -32.36 -13.97
CA TYR E 71 -11.02 -32.68 -14.57
C TYR E 71 -10.29 -33.76 -13.79
N LYS E 72 -10.26 -33.66 -12.47
CA LYS E 72 -9.52 -34.63 -11.67
C LYS E 72 -10.09 -36.02 -11.81
N ALA E 73 -11.42 -36.15 -11.84
CA ALA E 73 -12.04 -37.45 -11.99
C ALA E 73 -11.93 -38.00 -13.40
N ASN E 74 -11.59 -37.17 -14.39
CA ASN E 74 -11.59 -37.60 -15.78
C ASN E 74 -10.34 -37.15 -16.53
N GLU E 75 -9.22 -36.98 -15.83
CA GLU E 75 -7.98 -36.63 -16.50
C GLU E 75 -7.14 -37.85 -16.82
N LYS E 76 -7.15 -38.86 -15.95
CA LYS E 76 -6.36 -40.07 -16.22
C LYS E 76 -6.87 -40.79 -17.45
N LYS E 77 -8.18 -40.86 -17.61
CA LYS E 77 -8.80 -41.38 -18.82
C LYS E 77 -9.87 -40.41 -19.30
N HIS E 78 -10.12 -40.43 -20.60
CA HIS E 78 -11.12 -39.56 -21.22
C HIS E 78 -10.82 -38.08 -20.95
N PHE E 79 -9.56 -37.69 -21.09
CA PHE E 79 -9.23 -36.28 -20.95
C PHE E 79 -9.84 -35.45 -22.07
N TYR E 80 -9.84 -35.98 -23.29
CA TYR E 80 -10.42 -35.25 -24.42
C TYR E 80 -11.91 -35.01 -24.20
N GLU E 81 -12.62 -36.03 -23.73
CA GLU E 81 -14.06 -35.88 -23.52
C GLU E 81 -14.37 -34.83 -22.47
N VAL E 82 -13.68 -34.88 -21.32
CA VAL E 82 -13.97 -33.94 -20.25
C VAL E 82 -13.54 -32.53 -20.64
N ASN E 83 -12.41 -32.39 -21.35
CA ASN E 83 -11.99 -31.06 -21.78
C ASN E 83 -12.98 -30.45 -22.76
N GLN E 84 -13.48 -31.25 -23.71
CA GLN E 84 -14.50 -30.77 -24.63
C GLN E 84 -15.81 -30.52 -23.89
N PHE E 85 -16.15 -31.39 -22.94
CA PHE E 85 -17.39 -31.23 -22.18
C PHE E 85 -17.36 -29.95 -21.38
N VAL E 86 -16.24 -29.67 -20.70
CA VAL E 86 -16.13 -28.46 -19.90
C VAL E 86 -16.10 -27.23 -20.80
N LYS E 87 -15.28 -27.27 -21.85
CA LYS E 87 -15.07 -26.07 -22.67
C LYS E 87 -16.32 -25.68 -23.46
N THR E 88 -17.09 -26.65 -23.94
CA THR E 88 -18.23 -26.34 -24.79
C THR E 88 -19.51 -26.13 -24.02
N GLN E 89 -19.65 -26.72 -22.83
CA GLN E 89 -20.86 -26.58 -22.04
C GLN E 89 -20.71 -25.60 -20.88
N ILE E 90 -19.72 -25.79 -20.02
CA ILE E 90 -19.40 -24.80 -18.97
C ILE E 90 -18.38 -23.87 -19.60
N LYS E 91 -18.87 -22.92 -20.38
CA LYS E 91 -17.99 -22.07 -21.16
C LYS E 91 -17.22 -21.12 -20.27
N ASP E 92 -16.14 -20.56 -20.81
CA ASP E 92 -15.37 -19.56 -20.09
C ASP E 92 -16.21 -18.33 -19.77
N ASN E 93 -17.15 -17.98 -20.65
CA ASN E 93 -17.99 -16.80 -20.43
C ASN E 93 -19.01 -17.01 -19.33
N TRP E 94 -19.02 -18.16 -18.67
CA TRP E 94 -19.89 -18.34 -17.52
C TRP E 94 -19.49 -17.44 -16.37
N THR E 95 -18.18 -17.30 -16.13
CA THR E 95 -17.67 -16.49 -15.05
C THR E 95 -16.72 -15.38 -15.50
N SER E 96 -16.43 -15.29 -16.80
CA SER E 96 -15.51 -14.28 -17.28
C SER E 96 -16.10 -12.88 -17.10
N TRP E 97 -15.24 -11.93 -16.74
CA TRP E 97 -15.66 -10.56 -16.45
C TRP E 97 -14.46 -9.65 -16.60
N PRO E 98 -14.67 -8.35 -16.85
CA PRO E 98 -15.93 -7.67 -17.16
C PRO E 98 -16.30 -7.74 -18.65
N ASN E 99 -17.56 -7.48 -18.97
CA ASN E 99 -18.04 -7.52 -20.34
C ASN E 99 -18.80 -6.25 -20.67
N PRO E 100 -18.87 -5.88 -21.95
CA PRO E 100 -19.81 -4.81 -22.34
C PRO E 100 -21.24 -5.18 -22.04
N ASN E 101 -21.56 -6.47 -22.02
CA ASN E 101 -22.85 -6.96 -21.55
C ASN E 101 -22.81 -7.06 -20.03
N THR E 102 -23.80 -7.75 -19.45
CA THR E 102 -23.93 -7.97 -18.00
C THR E 102 -23.52 -6.74 -17.19
N ILE E 103 -24.13 -5.60 -17.53
CA ILE E 103 -24.00 -4.38 -16.74
C ILE E 103 -25.11 -4.44 -15.69
N ILE E 104 -24.81 -5.13 -14.58
CA ILE E 104 -25.81 -5.41 -13.55
C ILE E 104 -25.62 -4.43 -12.42
N ASP E 105 -26.62 -3.58 -12.19
CA ASP E 105 -26.55 -2.56 -11.15
C ASP E 105 -27.05 -3.14 -9.84
N PRO E 106 -26.21 -3.32 -8.82
CA PRO E 106 -26.74 -3.74 -7.52
C PRO E 106 -27.70 -2.74 -6.91
N SER E 107 -27.46 -1.44 -7.12
CA SER E 107 -28.31 -0.37 -6.62
C SER E 107 -28.53 -0.50 -5.11
N VAL E 108 -27.42 -0.53 -4.37
CA VAL E 108 -27.47 -0.65 -2.92
C VAL E 108 -27.50 0.69 -2.20
N ASP E 109 -27.19 1.79 -2.89
CA ASP E 109 -27.26 3.09 -2.27
C ASP E 109 -28.68 3.60 -2.11
N LYS E 110 -29.66 2.93 -2.70
CA LYS E 110 -31.07 3.27 -2.55
C LYS E 110 -31.79 2.38 -1.55
N LEU E 111 -31.05 1.65 -0.73
CA LEU E 111 -31.65 0.69 0.21
C LEU E 111 -31.41 1.01 1.67
N TYR E 112 -30.26 1.58 2.02
CA TYR E 112 -29.89 1.83 3.41
C TYR E 112 -29.80 3.33 3.67
N GLU E 113 -29.64 3.67 4.94
CA GLU E 113 -29.36 5.05 5.34
C GLU E 113 -28.14 5.10 6.25
N ASP E 114 -27.75 3.96 6.80
CA ASP E 114 -26.54 3.85 7.59
C ASP E 114 -25.31 3.78 6.68
N ILE E 115 -25.15 4.82 5.87
CA ILE E 115 -24.13 4.86 4.83
C ILE E 115 -23.45 6.22 4.83
N PRO E 116 -22.23 6.35 4.26
CA PRO E 116 -21.54 7.64 4.19
C PRO E 116 -22.37 8.71 3.48
N VAL E 124 -29.46 6.46 -12.71
CA VAL E 124 -28.73 6.16 -13.93
C VAL E 124 -29.52 5.14 -14.77
N GLN E 125 -29.54 5.36 -16.08
CA GLN E 125 -30.24 4.45 -16.97
C GLN E 125 -29.57 3.08 -16.97
N PRO E 126 -30.33 2.00 -17.09
CA PRO E 126 -29.74 0.67 -17.06
C PRO E 126 -28.84 0.43 -18.26
N GLY E 127 -27.75 -0.30 -18.02
CA GLY E 127 -26.80 -0.58 -19.09
C GLY E 127 -25.94 0.58 -19.51
N GLU E 128 -25.93 1.67 -18.75
CA GLU E 128 -25.18 2.86 -19.14
C GLU E 128 -23.72 2.71 -18.78
N ILE E 129 -22.85 3.14 -19.68
CA ILE E 129 -21.41 3.19 -19.46
C ILE E 129 -21.00 4.65 -19.63
N SER E 130 -20.74 5.32 -18.52
CA SER E 130 -20.35 6.73 -18.54
C SER E 130 -19.74 7.08 -17.19
N ASN E 131 -19.26 8.32 -17.07
CA ASN E 131 -18.67 8.76 -15.80
C ASN E 131 -19.71 8.85 -14.71
N ARG E 132 -20.97 9.14 -15.06
CA ARG E 132 -22.04 9.11 -14.06
C ARG E 132 -22.19 7.73 -13.46
N ALA E 133 -22.14 6.70 -14.31
CA ALA E 133 -22.18 5.33 -13.80
C ALA E 133 -20.94 5.02 -12.97
N LEU E 134 -19.78 5.50 -13.40
CA LEU E 134 -18.55 5.29 -12.64
C LEU E 134 -18.63 5.96 -11.27
N MET E 135 -19.11 7.20 -11.23
CA MET E 135 -19.31 7.86 -9.95
C MET E 135 -20.35 7.14 -9.10
N HIS E 136 -21.41 6.64 -9.75
CA HIS E 136 -22.40 5.85 -9.04
C HIS E 136 -21.79 4.56 -8.49
N ALA E 137 -20.90 3.92 -9.27
CA ALA E 137 -20.28 2.69 -8.82
C ALA E 137 -19.39 2.92 -7.60
N SER E 138 -18.66 4.04 -7.59
CA SER E 138 -17.80 4.34 -6.45
C SER E 138 -18.60 4.57 -5.19
N ASP E 139 -19.77 5.20 -5.32
CA ASP E 139 -20.61 5.47 -4.15
C ASP E 139 -21.02 4.18 -3.46
N MET E 140 -21.38 3.15 -4.24
CA MET E 140 -21.75 1.88 -3.64
C MET E 140 -20.52 1.12 -3.15
N MET E 141 -19.34 1.38 -3.72
CA MET E 141 -18.12 0.77 -3.20
C MET E 141 -17.81 1.27 -1.80
N ARG E 142 -18.01 2.58 -1.56
CA ARG E 142 -17.79 3.13 -0.23
C ARG E 142 -18.75 2.52 0.78
N VAL E 143 -19.95 2.15 0.33
CA VAL E 143 -20.89 1.46 1.19
C VAL E 143 -20.33 0.11 1.62
N GLU E 144 -19.74 -0.62 0.68
CA GLU E 144 -19.19 -1.93 1.00
C GLU E 144 -17.99 -1.82 1.94
N LEU E 145 -17.13 -0.83 1.73
CA LEU E 145 -16.00 -0.63 2.63
C LEU E 145 -16.49 -0.26 4.03
N ASP E 146 -17.55 0.53 4.12
CA ASP E 146 -18.11 0.90 5.42
C ASP E 146 -18.59 -0.33 6.18
N ALA E 147 -19.22 -1.27 5.47
CA ALA E 147 -19.68 -2.50 6.12
C ALA E 147 -18.51 -3.28 6.69
N GLN E 148 -17.41 -3.38 5.92
CA GLN E 148 -16.23 -4.07 6.42
C GLN E 148 -15.61 -3.34 7.61
N TRP E 149 -15.57 -2.01 7.55
CA TRP E 149 -15.01 -1.22 8.64
C TRP E 149 -15.79 -1.44 9.93
N GLN E 150 -17.12 -1.38 9.86
CA GLN E 150 -17.93 -1.54 11.06
C GLN E 150 -17.92 -2.97 11.56
N LYS E 151 -17.83 -3.94 10.65
CA LYS E 151 -17.80 -5.34 11.06
C LYS E 151 -16.52 -5.67 11.81
N PHE E 152 -15.39 -5.14 11.36
CA PHE E 152 -14.11 -5.38 12.04
C PHE E 152 -14.12 -4.81 13.44
N LEU E 153 -14.57 -3.55 13.58
CA LEU E 153 -14.55 -2.91 14.88
C LEU E 153 -15.50 -3.57 15.86
N SER E 154 -16.70 -3.94 15.38
CA SER E 154 -17.69 -4.57 16.25
C SER E 154 -17.18 -5.90 16.78
N LYS E 155 -16.54 -6.70 15.92
CA LYS E 155 -15.98 -7.96 16.38
C LYS E 155 -14.88 -7.74 17.42
N SER E 156 -14.01 -6.76 17.18
CA SER E 156 -12.93 -6.48 18.12
C SER E 156 -13.47 -5.94 19.45
N ALA E 157 -14.50 -5.11 19.39
CA ALA E 157 -15.05 -4.51 20.61
C ALA E 157 -15.60 -5.58 21.54
N LEU E 158 -16.30 -6.57 20.99
CA LEU E 158 -16.86 -7.63 21.82
C LEU E 158 -15.77 -8.43 22.52
N ASP E 159 -14.67 -8.72 21.81
CA ASP E 159 -13.58 -9.47 22.42
C ASP E 159 -12.94 -8.67 23.55
N HIS E 160 -12.78 -7.36 23.37
CA HIS E 160 -12.15 -6.50 24.36
C HIS E 160 -13.16 -5.84 25.30
N ASP E 161 -14.45 -6.18 25.16
CA ASP E 161 -15.51 -5.73 26.07
C ASP E 161 -15.58 -4.20 26.11
N VAL E 162 -15.89 -3.64 24.94
CA VAL E 162 -15.99 -2.19 24.78
C VAL E 162 -17.31 -1.88 24.08
N THR E 163 -18.06 -0.91 24.61
CA THR E 163 -19.26 -0.44 23.94
C THR E 163 -18.89 0.68 22.97
N LEU E 164 -19.45 0.61 21.76
CA LEU E 164 -19.11 1.54 20.71
C LEU E 164 -20.17 2.62 20.55
N ASP E 165 -19.72 3.83 20.23
CA ASP E 165 -20.62 4.92 19.89
C ASP E 165 -21.05 4.76 18.44
N VAL E 166 -22.37 4.66 18.23
CA VAL E 166 -22.88 4.37 16.89
C VAL E 166 -22.79 5.55 15.95
N ASP E 167 -22.46 6.74 16.45
CA ASP E 167 -22.36 7.93 15.61
C ASP E 167 -20.98 8.11 14.99
N GLU E 168 -20.02 7.23 15.31
CA GLU E 168 -18.66 7.36 14.79
C GLU E 168 -18.16 6.09 14.10
N LEU E 169 -19.04 5.10 13.90
CA LEU E 169 -18.63 3.85 13.28
C LEU E 169 -18.35 3.98 11.79
N ASN E 170 -18.71 5.11 11.18
CA ASN E 170 -18.49 5.30 9.75
C ASN E 170 -17.00 5.31 9.42
N ILE E 171 -16.64 4.68 8.30
CA ILE E 171 -15.25 4.72 7.86
C ILE E 171 -14.89 6.17 7.51
N PRO E 172 -13.73 6.67 7.92
CA PRO E 172 -13.36 8.05 7.57
C PRO E 172 -13.29 8.23 6.06
N ASN E 173 -13.70 9.42 5.61
CA ASN E 173 -13.76 9.69 4.17
C ASN E 173 -12.37 9.62 3.54
N GLU E 174 -11.36 10.15 4.22
CA GLU E 174 -10.01 10.12 3.67
C GLU E 174 -9.49 8.70 3.53
N ILE E 175 -9.85 7.82 4.47
CA ILE E 175 -9.41 6.43 4.39
C ILE E 175 -10.08 5.71 3.22
N SER E 176 -11.39 5.86 3.10
CA SER E 176 -12.12 5.17 2.04
C SER E 176 -11.68 5.66 0.66
N ARG E 177 -11.44 6.97 0.53
CA ARG E 177 -10.98 7.50 -0.75
C ARG E 177 -9.63 6.92 -1.14
N ASN E 178 -8.80 6.58 -0.15
CA ASN E 178 -7.49 6.02 -0.44
C ASN E 178 -7.60 4.56 -0.88
N ILE E 179 -8.56 3.82 -0.31
CA ILE E 179 -8.74 2.42 -0.71
C ILE E 179 -9.27 2.34 -2.13
N LEU E 180 -10.17 3.25 -2.51
CA LEU E 180 -10.67 3.27 -3.88
C LEU E 180 -9.56 3.60 -4.87
N VAL E 181 -8.64 4.49 -4.47
CA VAL E 181 -7.48 4.79 -5.33
C VAL E 181 -6.61 3.56 -5.48
N LYS E 182 -6.44 2.80 -4.40
CA LYS E 182 -5.66 1.57 -4.47
C LYS E 182 -6.30 0.57 -5.42
N LEU E 183 -7.62 0.38 -5.30
CA LEU E 183 -8.31 -0.54 -6.19
C LEU E 183 -8.22 -0.08 -7.63
N ASP E 184 -8.36 1.22 -7.87
CA ASP E 184 -8.21 1.77 -9.21
C ASP E 184 -6.81 1.53 -9.74
N SER E 185 -5.79 1.71 -8.89
CA SER E 185 -4.41 1.52 -9.32
C SER E 185 -4.11 0.05 -9.61
N LEU E 186 -4.82 -0.86 -8.94
CA LEU E 186 -4.61 -2.28 -9.20
C LEU E 186 -4.99 -2.65 -10.63
N PHE E 187 -6.12 -2.12 -11.11
CA PHE E 187 -6.58 -2.47 -12.44
C PHE E 187 -5.77 -1.76 -13.51
N GLU E 188 -5.37 -0.51 -13.25
CA GLU E 188 -4.59 0.22 -14.24
C GLU E 188 -3.19 -0.37 -14.39
N GLY E 189 -2.67 -1.02 -13.34
CA GLY E 189 -1.41 -1.72 -13.48
C GLY E 189 -1.52 -2.92 -14.40
N LEU E 190 -2.63 -3.66 -14.30
CA LEU E 190 -2.86 -4.78 -15.20
C LEU E 190 -3.08 -4.29 -16.62
N HIS E 191 -3.86 -3.22 -16.78
CA HIS E 191 -4.12 -2.70 -18.12
C HIS E 191 -2.87 -2.10 -18.74
N ASP E 192 -2.05 -1.42 -17.93
CA ASP E 192 -0.83 -0.82 -18.46
C ASP E 192 0.14 -1.89 -18.98
N LYS E 193 0.26 -3.01 -18.27
CA LYS E 193 1.13 -4.07 -18.72
C LYS E 193 0.67 -4.65 -20.05
N ILE E 194 -0.64 -4.83 -20.22
CA ILE E 194 -1.17 -5.35 -21.47
C ILE E 194 -0.91 -4.37 -22.61
N ALA E 195 -1.18 -3.08 -22.36
CA ALA E 195 -0.98 -2.07 -23.39
C ALA E 195 0.49 -1.95 -23.76
N LYS E 196 1.38 -1.97 -22.77
CA LYS E 196 2.81 -1.87 -23.05
C LYS E 196 3.32 -3.11 -23.78
N GLU E 197 2.82 -4.29 -23.41
CA GLU E 197 3.22 -5.51 -24.10
C GLU E 197 2.77 -5.51 -25.55
N ASN E 198 1.55 -5.01 -25.81
CA ASN E 198 1.07 -4.92 -27.18
C ASN E 198 1.94 -3.97 -28.00
N GLU E 199 2.31 -2.82 -27.43
CA GLU E 199 3.19 -1.90 -28.14
C GLU E 199 4.57 -2.51 -28.38
N PHE E 200 5.07 -3.27 -27.39
CA PHE E 200 6.36 -3.93 -27.56
C PHE E 200 6.30 -4.95 -28.70
N ASP E 201 5.21 -5.72 -28.77
CA ASP E 201 5.08 -6.72 -29.83
C ASP E 201 4.90 -6.05 -31.19
N VAL E 202 4.15 -4.95 -31.24
CA VAL E 202 3.94 -4.27 -32.51
C VAL E 202 5.25 -3.68 -33.03
N ARG E 203 6.02 -3.04 -32.15
CA ARG E 203 7.27 -2.42 -32.58
C ARG E 203 8.26 -3.45 -33.10
N GLN E 204 8.39 -4.58 -32.42
CA GLN E 204 9.30 -5.62 -32.90
C GLN E 204 8.84 -6.20 -34.23
N ASP E 205 7.53 -6.39 -34.39
CA ASP E 205 7.00 -6.89 -35.65
C ASP E 205 7.30 -5.92 -36.80
N LYS E 206 7.11 -4.62 -36.56
CA LYS E 206 7.46 -3.63 -37.57
C LYS E 206 8.96 -3.61 -37.81
N HIS E 207 9.76 -3.69 -36.75
CA HIS E 207 11.21 -3.69 -36.91
C HIS E 207 11.68 -4.93 -37.65
N SER E 208 11.10 -6.10 -37.35
CA SER E 208 11.49 -7.32 -38.04
C SER E 208 11.14 -7.26 -39.52
N ASN E 209 9.95 -6.76 -39.85
CA ASN E 209 9.53 -6.65 -41.24
C ASN E 209 10.09 -5.38 -41.88
N LYS E 228 -5.96 -14.00 -19.76
CA LYS E 228 -6.75 -14.57 -18.68
C LYS E 228 -6.01 -14.48 -17.35
N TYR E 229 -6.72 -14.08 -16.31
CA TYR E 229 -6.15 -13.91 -14.99
C TYR E 229 -6.89 -14.79 -13.99
N THR E 230 -6.15 -15.44 -13.12
CA THR E 230 -6.69 -16.27 -12.05
C THR E 230 -6.28 -15.68 -10.72
N TYR E 231 -6.58 -16.41 -9.64
CA TYR E 231 -6.19 -15.93 -8.31
C TYR E 231 -4.67 -15.92 -8.15
N HIS E 232 -3.96 -16.71 -8.94
CA HIS E 232 -2.51 -16.65 -8.93
C HIS E 232 -2.01 -15.28 -9.39
N ASP E 233 -2.65 -14.72 -10.41
CA ASP E 233 -2.23 -13.42 -10.92
C ASP E 233 -2.61 -12.29 -9.98
N LEU E 234 -3.76 -12.42 -9.31
CA LEU E 234 -4.17 -11.41 -8.34
C LEU E 234 -3.23 -11.38 -7.15
N VAL E 235 -2.78 -12.56 -6.68
CA VAL E 235 -1.78 -12.61 -5.63
C VAL E 235 -0.47 -11.98 -6.10
N SER E 236 -0.06 -12.29 -7.32
CA SER E 236 1.17 -11.72 -7.86
C SER E 236 1.06 -10.20 -7.99
N ARG E 237 -0.10 -9.71 -8.44
CA ARG E 237 -0.29 -8.27 -8.59
C ARG E 237 -0.18 -7.55 -7.24
N GLY E 238 -0.76 -8.14 -6.19
CA GLY E 238 -0.64 -7.55 -4.87
C GLY E 238 0.80 -7.49 -4.39
N CYS E 239 1.59 -8.51 -4.70
CA CYS E 239 3.00 -8.50 -4.34
C CYS E 239 3.74 -7.39 -5.08
N GLU E 240 3.34 -7.12 -6.34
CA GLU E 240 3.95 -6.03 -7.07
C GLU E 240 3.65 -4.68 -6.44
N MET E 241 2.50 -4.57 -5.77
CA MET E 241 2.12 -3.34 -5.06
C MET E 241 2.68 -3.29 -3.65
N ASN E 242 3.67 -4.13 -3.34
CA ASN E 242 4.38 -4.12 -2.06
C ASN E 242 3.42 -4.34 -0.88
N GLU E 243 2.53 -5.32 -1.04
CA GLU E 243 1.64 -5.75 0.03
C GLU E 243 2.08 -7.11 0.53
N ASP E 244 1.74 -7.41 1.78
CA ASP E 244 2.03 -8.71 2.39
C ASP E 244 0.87 -9.64 2.09
N MET E 245 1.07 -10.56 1.15
CA MET E 245 0.03 -11.48 0.72
C MET E 245 0.18 -12.86 1.35
N THR E 246 0.96 -12.97 2.42
CA THR E 246 1.15 -14.27 3.07
C THR E 246 -0.16 -14.80 3.63
N ASP E 247 -0.97 -13.93 4.24
CA ASP E 247 -2.24 -14.36 4.81
C ASP E 247 -3.22 -14.78 3.73
N ILE E 248 -3.32 -13.99 2.66
CA ILE E 248 -4.25 -14.31 1.58
C ILE E 248 -3.81 -15.57 0.86
N TYR E 249 -2.51 -15.74 0.66
CA TYR E 249 -2.01 -16.95 0.01
C TYR E 249 -2.35 -18.19 0.81
N MET E 250 -2.21 -18.12 2.13
CA MET E 250 -2.58 -19.26 2.97
C MET E 250 -4.08 -19.54 2.89
N LYS E 251 -4.90 -18.50 2.84
CA LYS E 251 -6.34 -18.69 2.69
C LYS E 251 -6.67 -19.23 1.31
N SER E 252 -5.92 -18.81 0.29
CA SER E 252 -6.17 -19.29 -1.07
C SER E 252 -5.84 -20.78 -1.20
N LEU E 253 -4.82 -21.23 -0.48
CA LEU E 253 -4.46 -22.65 -0.51
C LEU E 253 -5.58 -23.51 0.05
N GLU E 254 -6.19 -23.08 1.16
CA GLU E 254 -7.28 -23.84 1.75
C GLU E 254 -8.49 -23.89 0.82
N LEU E 255 -8.85 -22.74 0.25
CA LEU E 255 -10.06 -22.66 -0.54
C LEU E 255 -9.93 -23.39 -1.87
N TYR E 256 -8.75 -23.31 -2.51
CA TYR E 256 -8.59 -23.82 -3.85
C TYR E 256 -7.84 -25.14 -3.93
N ASN E 257 -7.13 -25.53 -2.88
CA ASN E 257 -6.37 -26.78 -2.89
C ASN E 257 -6.82 -27.75 -1.81
N ASP E 258 -6.92 -27.30 -0.56
CA ASP E 258 -7.20 -28.22 0.54
C ASP E 258 -8.65 -28.68 0.56
N ILE E 259 -9.61 -27.77 0.36
CA ILE E 259 -11.02 -28.15 0.38
C ILE E 259 -11.37 -29.14 -0.74
N PRO E 260 -10.98 -28.90 -2.00
CA PRO E 260 -11.39 -29.85 -3.05
C PRO E 260 -10.85 -31.25 -2.85
N GLU E 261 -9.79 -31.43 -2.06
CA GLU E 261 -9.29 -32.77 -1.78
C GLU E 261 -10.25 -33.57 -0.91
N LYS E 262 -11.14 -32.91 -0.18
CA LYS E 262 -12.12 -33.62 0.63
C LYS E 262 -13.15 -34.35 -0.21
N TYR E 263 -13.49 -33.82 -1.39
CA TYR E 263 -14.48 -34.44 -2.25
C TYR E 263 -13.97 -35.78 -2.78
N LYS E 264 -14.90 -36.71 -2.98
CA LYS E 264 -14.59 -38.01 -3.56
C LYS E 264 -14.79 -37.95 -5.06
N LYS E 265 -13.70 -38.20 -5.82
CA LYS E 265 -13.76 -38.07 -7.26
C LYS E 265 -14.67 -39.10 -7.93
N ARG E 266 -14.99 -40.20 -7.23
CA ARG E 266 -15.83 -41.23 -7.82
C ARG E 266 -17.21 -40.70 -8.19
N LYS E 267 -17.71 -39.71 -7.46
CA LYS E 267 -19.00 -39.12 -7.73
C LYS E 267 -19.01 -38.26 -8.99
N PHE E 268 -17.84 -37.85 -9.48
CA PHE E 268 -17.74 -36.91 -10.59
C PHE E 268 -17.21 -37.56 -11.86
N ARG E 269 -17.39 -38.87 -12.01
CA ARG E 269 -17.01 -39.53 -13.26
C ARG E 269 -18.08 -39.26 -14.32
N LEU E 270 -17.62 -38.95 -15.52
CA LEU E 270 -18.54 -38.65 -16.61
C LEU E 270 -19.35 -39.89 -16.97
N PRO E 271 -20.65 -39.74 -17.23
CA PRO E 271 -21.47 -40.90 -17.59
C PRO E 271 -21.15 -41.39 -18.99
N LYS E 272 -21.61 -42.61 -19.27
CA LYS E 272 -21.31 -43.24 -20.56
C LYS E 272 -21.94 -42.48 -21.72
N GLN E 273 -23.12 -41.89 -21.49
CA GLN E 273 -23.79 -41.15 -22.56
C GLN E 273 -22.97 -39.95 -23.00
N ILE E 274 -22.40 -39.20 -22.05
CA ILE E 274 -21.59 -38.04 -22.39
C ILE E 274 -20.30 -38.46 -23.06
N LEU E 275 -19.71 -39.57 -22.59
CA LEU E 275 -18.45 -40.04 -23.15
C LEU E 275 -18.59 -40.40 -24.63
N LYS E 276 -19.70 -41.03 -24.99
CA LYS E 276 -19.93 -41.39 -26.39
C LYS E 276 -20.16 -40.16 -27.27
N LYS E 277 -20.66 -39.07 -26.67
CA LYS E 277 -20.97 -37.88 -27.45
C LYS E 277 -19.70 -37.19 -27.96
N TYR E 278 -18.65 -37.16 -27.15
CA TYR E 278 -17.44 -36.40 -27.45
C TYR E 278 -16.29 -37.31 -27.88
N HIS E 279 -16.59 -38.36 -28.64
CA HIS E 279 -15.54 -39.26 -29.11
C HIS E 279 -14.63 -38.55 -30.11
N GLN E 280 -13.34 -38.81 -30.00
CA GLN E 280 -12.38 -38.26 -30.95
C GLN E 280 -12.01 -39.30 -31.99
N PRO E 281 -11.58 -38.87 -33.18
CA PRO E 281 -11.17 -39.84 -34.20
C PRO E 281 -10.00 -40.69 -33.73
N LYS E 282 -10.02 -41.96 -34.10
CA LYS E 282 -9.01 -42.92 -33.71
C LYS E 282 -8.28 -43.45 -34.93
N LYS E 283 -7.12 -44.06 -34.69
CA LYS E 283 -6.30 -44.66 -35.74
C LYS E 283 -5.85 -43.60 -36.75
N THR E 284 -5.22 -42.55 -36.23
CA THR E 284 -4.69 -41.46 -37.04
C THR E 284 -3.19 -41.32 -36.79
N SER E 285 -2.46 -41.11 -37.89
CA SER E 285 -1.00 -41.05 -37.84
C SER E 285 -0.57 -39.84 -37.01
N SER E 286 0.25 -40.08 -35.99
CA SER E 286 0.77 -38.99 -35.17
C SER E 286 1.87 -38.24 -35.92
N TYR E 287 1.89 -36.92 -35.76
CA TYR E 287 2.87 -36.08 -36.43
C TYR E 287 3.81 -35.37 -35.47
N LEU E 288 3.61 -35.52 -34.15
CA LEU E 288 4.43 -34.78 -33.19
C LEU E 288 5.90 -35.18 -33.29
N LYS E 289 6.17 -36.48 -33.40
CA LYS E 289 7.55 -36.93 -33.47
C LYS E 289 8.24 -36.41 -34.73
N GLU E 290 7.56 -36.49 -35.87
CA GLU E 290 8.11 -35.95 -37.11
C GLU E 290 8.28 -34.45 -37.03
N LEU E 291 7.30 -33.76 -36.42
CA LEU E 291 7.39 -32.31 -36.30
C LEU E 291 8.56 -31.89 -35.42
N LEU E 292 8.76 -32.59 -34.31
CA LEU E 292 9.82 -32.22 -33.37
C LEU E 292 11.20 -32.44 -33.99
N SER E 293 11.36 -33.49 -34.77
CA SER E 293 12.67 -33.79 -35.35
C SER E 293 13.10 -32.72 -36.35
N LYS E 294 12.17 -32.22 -37.15
CA LYS E 294 12.49 -31.30 -38.23
C LYS E 294 12.46 -29.83 -37.81
N THR E 295 12.08 -29.53 -36.57
CA THR E 295 11.98 -28.15 -36.15
C THR E 295 13.37 -27.53 -36.01
N ARG E 296 13.41 -26.19 -36.12
CA ARG E 296 14.66 -25.45 -36.02
C ARG E 296 14.97 -25.06 -34.58
N GLU E 297 13.97 -24.53 -33.87
CA GLU E 297 14.19 -24.07 -32.51
C GLU E 297 14.40 -25.25 -31.56
N ASP E 298 15.25 -25.03 -30.56
CA ASP E 298 15.54 -26.08 -29.58
C ASP E 298 14.31 -26.40 -28.73
N PHE E 299 13.54 -25.38 -28.36
CA PHE E 299 12.34 -25.56 -27.56
C PHE E 299 11.17 -24.90 -28.25
N ILE E 300 10.01 -25.53 -28.19
CA ILE E 300 8.78 -25.04 -28.79
C ILE E 300 7.81 -24.73 -27.66
N PRO E 301 7.30 -23.50 -27.57
CA PRO E 301 6.29 -23.20 -26.54
C PRO E 301 5.04 -24.05 -26.76
N VAL E 302 4.42 -24.44 -25.64
CA VAL E 302 3.25 -25.30 -25.70
C VAL E 302 2.09 -24.58 -26.35
N GLU E 303 1.91 -23.30 -26.05
CA GLU E 303 0.77 -22.55 -26.61
C GLU E 303 0.85 -22.47 -28.12
N LYS E 304 2.04 -22.24 -28.67
CA LYS E 304 2.21 -22.26 -30.12
C LYS E 304 1.96 -23.65 -30.68
N LEU E 305 2.38 -24.69 -29.95
CA LEU E 305 2.24 -26.04 -30.44
C LEU E 305 0.80 -26.54 -30.37
N LEU E 306 0.01 -25.99 -29.45
CA LEU E 306 -1.38 -26.44 -29.32
C LEU E 306 -2.25 -25.93 -30.46
N LYS E 307 -1.94 -24.75 -30.98
CA LYS E 307 -2.73 -24.17 -32.05
C LYS E 307 -2.26 -24.57 -33.44
N ASP E 308 -1.17 -25.34 -33.54
CA ASP E 308 -0.66 -25.74 -34.85
C ASP E 308 -1.58 -26.79 -35.46
N LYS E 309 -1.89 -26.61 -36.75
CA LYS E 309 -2.81 -27.49 -37.46
C LYS E 309 -2.15 -28.75 -37.98
N ARG E 310 -0.83 -28.89 -37.81
CA ARG E 310 -0.13 -30.09 -38.24
C ARG E 310 -0.21 -31.22 -37.22
N LEU E 311 -0.82 -30.98 -36.07
CA LEU E 311 -0.94 -31.98 -35.02
C LEU E 311 -2.37 -32.51 -34.97
N THR E 312 -2.50 -33.83 -34.83
CA THR E 312 -3.81 -34.45 -34.75
C THR E 312 -4.46 -34.15 -33.40
N SER E 313 -5.75 -34.49 -33.29
CA SER E 313 -6.47 -34.26 -32.05
C SER E 313 -5.88 -35.07 -30.90
N LYS E 314 -5.48 -36.31 -31.17
CA LYS E 314 -4.88 -37.13 -30.12
C LYS E 314 -3.54 -36.55 -29.68
N ASP E 315 -2.77 -35.98 -30.60
CA ASP E 315 -1.51 -35.35 -30.23
C ASP E 315 -1.74 -34.17 -29.30
N LYS E 316 -2.73 -33.33 -29.61
CA LYS E 316 -3.01 -32.17 -28.78
C LYS E 316 -3.58 -32.58 -27.43
N SER E 317 -4.38 -33.66 -27.40
CA SER E 317 -4.99 -34.10 -26.16
C SER E 317 -3.93 -34.51 -25.14
N LYS E 318 -2.92 -35.24 -25.58
CA LYS E 318 -1.85 -35.63 -24.67
C LYS E 318 -1.02 -34.44 -24.23
N LEU E 319 -0.76 -33.50 -25.14
CA LEU E 319 -0.03 -32.29 -24.77
C LEU E 319 -0.83 -31.44 -23.79
N GLN E 320 -2.14 -31.30 -24.03
CA GLN E 320 -2.97 -30.49 -23.14
C GLN E 320 -3.03 -31.09 -21.75
N ARG E 321 -3.09 -32.42 -21.65
CA ARG E 321 -3.10 -33.07 -20.34
C ARG E 321 -1.78 -32.83 -19.61
N LEU E 322 -0.66 -32.98 -20.31
CA LEU E 322 0.64 -32.74 -19.69
C LEU E 322 0.80 -31.28 -19.31
N ASN E 323 0.36 -30.36 -20.19
CA ASN E 323 0.50 -28.95 -19.90
C ASN E 323 -0.31 -28.54 -18.67
N ARG E 324 -1.53 -29.07 -18.54
CA ARG E 324 -2.37 -28.72 -17.40
C ARG E 324 -1.75 -29.19 -16.09
N GLU E 325 -1.17 -30.39 -16.10
CA GLU E 325 -0.53 -30.90 -14.89
C GLU E 325 0.71 -30.09 -14.53
N GLU E 326 1.54 -29.78 -15.52
CA GLU E 326 2.79 -29.07 -15.25
C GLU E 326 2.54 -27.60 -14.91
N THR E 327 1.56 -26.97 -15.56
CA THR E 327 1.28 -25.57 -15.27
C THR E 327 0.80 -25.38 -13.84
N GLU E 328 -0.05 -26.29 -13.35
CA GLU E 328 -0.57 -26.16 -12.00
C GLU E 328 0.56 -26.24 -10.96
N ASP E 329 1.50 -27.16 -11.16
CA ASP E 329 2.66 -27.23 -10.27
C ASP E 329 3.51 -25.97 -10.40
N ALA E 330 3.72 -25.51 -11.64
CA ALA E 330 4.50 -24.29 -11.85
C ALA E 330 3.79 -23.07 -11.26
N LEU E 331 2.47 -22.99 -11.41
CA LEU E 331 1.73 -21.86 -10.87
C LEU E 331 1.75 -21.88 -9.34
N ASN E 332 1.64 -23.06 -8.74
CA ASN E 332 1.66 -23.15 -7.28
C ASN E 332 3.02 -22.73 -6.73
N LYS E 333 4.10 -23.14 -7.40
CA LYS E 333 5.43 -22.78 -6.94
C LYS E 333 5.71 -21.31 -7.19
N ARG E 334 5.23 -20.77 -8.31
CA ARG E 334 5.54 -19.38 -8.66
C ARG E 334 4.94 -18.41 -7.65
N THR E 335 3.68 -18.62 -7.27
CA THR E 335 3.06 -17.71 -6.32
C THR E 335 3.54 -17.97 -4.90
N PHE E 336 3.98 -19.20 -4.61
CA PHE E 336 4.57 -19.47 -3.30
C PHE E 336 5.81 -18.63 -3.09
N PHE E 337 6.69 -18.56 -4.09
CA PHE E 337 7.91 -17.78 -3.95
C PHE E 337 7.62 -16.29 -4.00
N GLN E 338 6.76 -15.84 -4.92
CA GLN E 338 6.44 -14.42 -5.01
C GLN E 338 5.88 -13.90 -3.69
N VAL E 339 5.07 -14.71 -3.01
CA VAL E 339 4.60 -14.34 -1.67
C VAL E 339 5.77 -14.27 -0.70
N LYS E 340 6.68 -15.26 -0.76
CA LYS E 340 7.81 -15.27 0.14
C LYS E 340 8.73 -14.07 -0.07
N GLY E 341 8.94 -13.67 -1.32
CA GLY E 341 9.78 -12.54 -1.62
C GLY E 341 11.20 -12.95 -1.96
N TYR E 342 11.86 -12.11 -2.75
CA TYR E 342 13.20 -12.40 -3.23
C TYR E 342 14.29 -12.18 -2.18
N LEU E 343 13.95 -11.56 -1.05
CA LEU E 343 14.94 -11.32 0.00
C LEU E 343 15.08 -12.54 0.91
N GLU E 344 15.30 -13.71 0.31
CA GLU E 344 15.51 -14.91 1.10
C GLU E 344 16.99 -15.13 1.43
N ASP E 345 17.89 -14.45 0.71
CA ASP E 345 19.31 -14.56 1.03
C ASP E 345 19.61 -14.03 2.43
N GLU E 346 18.88 -12.99 2.86
CA GLU E 346 19.02 -12.37 4.16
C GLU E 346 20.42 -11.79 4.37
N ASN E 347 21.16 -11.57 3.29
CA ASN E 347 22.44 -10.85 3.35
C ASN E 347 22.21 -9.36 3.24
N GLU E 348 21.45 -8.84 4.20
CA GLU E 348 21.04 -7.44 4.17
C GLU E 348 22.24 -6.51 4.29
N ILE E 349 22.20 -5.42 3.54
CA ILE E 349 23.20 -4.38 3.64
C ILE E 349 22.74 -3.37 4.67
N SER E 350 23.64 -3.02 5.60
CA SER E 350 23.30 -2.08 6.64
C SER E 350 22.98 -0.71 6.04
N ASP E 351 22.02 -0.01 6.66
CA ASP E 351 21.64 1.30 6.19
C ASP E 351 22.61 2.36 6.71
N TYR E 352 22.58 3.53 6.08
CA TYR E 352 23.34 4.67 6.56
C TYR E 352 22.81 5.08 7.94
N GLU E 353 23.61 4.85 8.97
CA GLU E 353 23.15 5.00 10.35
C GLU E 353 23.96 6.07 11.07
N LEU E 354 23.63 6.23 12.37
CA LEU E 354 24.29 7.23 13.18
C LEU E 354 25.79 6.94 13.32
N ASP E 355 26.16 5.67 13.43
CA ASP E 355 27.55 5.32 13.65
C ASP E 355 28.44 5.72 12.48
N ASP E 356 27.88 5.79 11.27
CA ASP E 356 28.68 6.13 10.10
C ASP E 356 28.95 7.62 9.96
N CYS E 357 28.37 8.45 10.81
CA CYS E 357 28.48 9.90 10.67
C CYS E 357 29.30 10.57 11.75
N LEU E 358 29.46 9.95 12.92
CA LEU E 358 30.17 10.60 14.01
C LEU E 358 31.66 10.72 13.70
N ILE E 359 32.31 11.66 14.37
CA ILE E 359 33.74 11.90 14.19
C ILE E 359 34.47 11.57 15.49
N GLU E 360 35.55 10.82 15.38
CA GLU E 360 36.44 10.54 16.51
C GLU E 360 37.84 11.02 16.16
N LEU E 361 38.51 11.63 17.13
CA LEU E 361 39.85 12.17 16.90
C LEU E 361 40.91 11.40 17.67
N ASP F 2 -29.66 -19.30 -18.50
CA ASP F 2 -29.00 -18.03 -18.84
C ASP F 2 -27.63 -18.28 -19.45
N ARG F 3 -26.84 -17.21 -19.54
CA ARG F 3 -25.50 -17.30 -20.11
C ARG F 3 -24.42 -16.85 -19.13
N ASN F 4 -24.81 -16.42 -17.94
CA ASN F 4 -23.88 -15.88 -16.95
C ASN F 4 -24.29 -16.30 -15.55
N VAL F 5 -23.32 -16.31 -14.65
CA VAL F 5 -23.62 -16.49 -13.23
C VAL F 5 -24.02 -15.18 -12.58
N TYR F 6 -23.65 -14.04 -13.20
CA TYR F 6 -24.05 -12.75 -12.66
C TYR F 6 -25.53 -12.48 -12.89
N GLU F 7 -26.03 -12.81 -14.08
CA GLU F 7 -27.47 -12.69 -14.33
C GLU F 7 -28.25 -13.71 -13.49
N ALA F 8 -27.69 -14.91 -13.33
CA ALA F 8 -28.37 -15.94 -12.54
C ALA F 8 -28.40 -15.63 -11.06
N CYS F 9 -27.52 -14.74 -10.59
CA CYS F 9 -27.49 -14.34 -9.18
C CYS F 9 -28.04 -12.94 -8.97
N SER F 10 -28.66 -12.34 -9.99
CA SER F 10 -29.20 -10.99 -9.85
C SER F 10 -30.66 -11.03 -9.47
N VAL F 20 -36.85 -17.46 -9.03
CA VAL F 20 -36.97 -18.65 -8.19
C VAL F 20 -35.86 -19.64 -8.52
N VAL F 21 -35.28 -19.49 -9.72
CA VAL F 21 -34.24 -20.39 -10.18
C VAL F 21 -32.87 -19.78 -9.85
N SER F 22 -32.07 -20.52 -9.10
CA SER F 22 -30.76 -20.07 -8.68
C SER F 22 -29.71 -20.39 -9.75
N ALA F 23 -28.49 -19.89 -9.52
CA ALA F 23 -27.41 -20.14 -10.46
C ALA F 23 -27.01 -21.62 -10.47
N ASP F 24 -27.20 -22.32 -9.35
CA ASP F 24 -26.89 -23.74 -9.30
C ASP F 24 -27.79 -24.51 -10.26
N GLU F 25 -29.07 -24.19 -10.29
CA GLU F 25 -29.99 -24.86 -11.21
C GLU F 25 -29.65 -24.56 -12.66
N VAL F 26 -29.27 -23.32 -12.96
CA VAL F 26 -28.91 -22.97 -14.33
C VAL F 26 -27.68 -23.75 -14.78
N LEU F 27 -26.68 -23.87 -13.89
CA LEU F 27 -25.49 -24.63 -14.23
C LEU F 27 -25.80 -26.13 -14.38
N ALA F 28 -26.70 -26.65 -13.54
CA ALA F 28 -27.05 -28.06 -13.62
C ALA F 28 -27.74 -28.40 -14.94
N GLU F 29 -28.66 -27.55 -15.39
CA GLU F 29 -29.28 -27.77 -16.69
C GLU F 29 -28.35 -27.40 -17.84
N LYS F 30 -27.30 -26.61 -17.57
CA LYS F 30 -26.30 -26.32 -18.59
C LYS F 30 -25.45 -27.53 -18.93
N ILE F 31 -25.33 -28.48 -18.01
CA ILE F 31 -24.56 -29.70 -18.23
C ILE F 31 -25.48 -30.92 -18.31
N ASP F 32 -26.79 -30.71 -18.41
CA ASP F 32 -27.77 -31.80 -18.48
C ASP F 32 -27.71 -32.71 -17.26
N ASN F 33 -27.36 -32.14 -16.10
CA ASN F 33 -27.31 -32.87 -14.84
C ASN F 33 -26.41 -34.10 -14.93
N ALA F 34 -25.30 -33.96 -15.64
CA ALA F 34 -24.37 -35.08 -15.78
C ALA F 34 -23.74 -35.45 -14.44
N VAL F 35 -23.33 -34.46 -13.68
CA VAL F 35 -22.67 -34.68 -12.38
C VAL F 35 -23.33 -33.78 -11.34
N PRO F 36 -23.29 -34.15 -10.05
CA PRO F 36 -23.83 -33.26 -9.03
C PRO F 36 -23.07 -31.93 -8.98
N ILE F 37 -23.80 -30.86 -8.71
CA ILE F 37 -23.21 -29.52 -8.59
C ILE F 37 -22.61 -29.38 -7.20
N PRO F 38 -21.30 -29.11 -7.09
CA PRO F 38 -20.64 -29.01 -5.77
C PRO F 38 -20.83 -27.67 -5.08
N PHE F 39 -21.96 -27.54 -4.37
CA PHE F 39 -22.26 -26.33 -3.62
C PHE F 39 -21.77 -26.48 -2.19
N LYS F 40 -21.01 -25.49 -1.72
CA LYS F 40 -20.46 -25.48 -0.37
C LYS F 40 -20.86 -24.18 0.31
N THR F 41 -21.68 -24.28 1.35
CA THR F 41 -22.12 -23.10 2.07
C THR F 41 -20.98 -22.56 2.95
N ARG F 42 -21.20 -21.37 3.49
CA ARG F 42 -20.19 -20.75 4.34
C ARG F 42 -19.94 -21.59 5.59
N GLU F 43 -21.00 -22.14 6.18
CA GLU F 43 -20.85 -22.96 7.38
C GLU F 43 -20.04 -24.22 7.08
N GLU F 44 -20.29 -24.85 5.94
CA GLU F 44 -19.52 -26.04 5.57
C GLU F 44 -18.08 -25.70 5.22
N ILE F 45 -17.85 -24.55 4.59
CA ILE F 45 -16.49 -24.17 4.21
C ILE F 45 -15.63 -23.99 5.46
N ASP F 46 -16.18 -23.33 6.47
CA ASP F 46 -15.43 -23.15 7.72
C ASP F 46 -15.26 -24.46 8.46
N ALA F 47 -16.20 -25.39 8.30
CA ALA F 47 -16.09 -26.69 8.97
C ALA F 47 -14.93 -27.52 8.42
N ASP F 48 -14.56 -27.32 7.16
CA ASP F 48 -13.46 -28.10 6.58
C ASP F 48 -12.10 -27.43 6.74
N VAL F 49 -12.03 -26.29 7.43
CA VAL F 49 -10.77 -25.62 7.69
C VAL F 49 -10.58 -25.38 9.19
N GLU F 50 -11.44 -25.96 10.03
CA GLU F 50 -11.34 -25.71 11.46
C GLU F 50 -10.10 -26.34 12.07
N LYS F 51 -9.63 -27.46 11.51
CA LYS F 51 -8.41 -28.07 12.02
C LYS F 51 -7.20 -27.19 11.78
N ASP F 52 -7.09 -26.62 10.59
CA ASP F 52 -5.97 -25.71 10.30
C ASP F 52 -6.17 -24.36 10.97
N ARG F 53 -7.42 -23.95 11.15
CA ARG F 53 -7.68 -22.69 11.86
C ARG F 53 -7.23 -22.78 13.31
N ASN F 54 -7.47 -23.93 13.95
CA ASN F 54 -7.05 -24.12 15.34
C ASN F 54 -5.54 -24.05 15.47
N GLU F 55 -4.81 -24.60 14.49
CA GLU F 55 -3.35 -24.56 14.52
C GLU F 55 -2.80 -23.16 14.31
N GLY F 56 -3.64 -22.20 13.90
CA GLY F 56 -3.16 -20.84 13.71
C GLY F 56 -2.42 -20.59 12.43
N VAL F 57 -2.51 -21.49 11.45
CA VAL F 57 -1.85 -21.27 10.17
C VAL F 57 -2.46 -20.08 9.44
N PHE F 58 -3.75 -19.81 9.68
CA PHE F 58 -4.39 -18.62 9.14
C PHE F 58 -5.51 -18.20 10.08
N GLU F 59 -5.95 -16.96 9.93
CA GLU F 59 -7.03 -16.40 10.73
C GLU F 59 -8.02 -15.68 9.82
N GLY F 60 -9.26 -15.59 10.29
CA GLY F 60 -10.32 -14.97 9.52
C GLY F 60 -11.00 -15.95 8.59
N ASN F 61 -11.90 -15.41 7.77
CA ASN F 61 -12.64 -16.23 6.82
C ASN F 61 -11.88 -16.35 5.51
N ILE F 62 -11.96 -17.53 4.90
CA ILE F 62 -11.29 -17.75 3.62
C ILE F 62 -12.19 -17.39 2.45
N ILE F 63 -13.49 -17.26 2.67
CA ILE F 63 -14.43 -16.83 1.65
C ILE F 63 -14.90 -15.42 1.97
N PRO F 64 -14.82 -14.48 1.04
CA PRO F 64 -15.11 -13.07 1.38
C PRO F 64 -16.55 -12.86 1.80
N ASP F 65 -16.75 -11.91 2.72
CA ASP F 65 -18.08 -11.48 3.12
C ASP F 65 -18.53 -10.22 2.39
N ILE F 66 -17.63 -9.55 1.67
CA ILE F 66 -18.01 -8.36 0.93
C ILE F 66 -18.93 -8.75 -0.20
N ASP F 67 -19.75 -7.80 -0.64
CA ASP F 67 -20.70 -8.04 -1.72
C ASP F 67 -19.95 -8.01 -3.05
N LEU F 68 -19.65 -9.19 -3.60
CA LEU F 68 -18.90 -9.26 -4.84
C LEU F 68 -19.66 -8.67 -6.01
N ARG F 69 -20.99 -8.54 -5.91
CA ARG F 69 -21.75 -7.88 -6.96
C ARG F 69 -21.37 -6.42 -7.07
N VAL F 70 -21.16 -5.75 -5.93
CA VAL F 70 -20.73 -4.35 -5.96
C VAL F 70 -19.33 -4.23 -6.53
N VAL F 71 -18.44 -5.14 -6.15
CA VAL F 71 -17.09 -5.13 -6.71
C VAL F 71 -17.13 -5.39 -8.20
N HIS F 72 -18.00 -6.31 -8.65
CA HIS F 72 -18.10 -6.62 -10.06
C HIS F 72 -18.62 -5.42 -10.85
N TYR F 73 -19.64 -4.72 -10.32
CA TYR F 73 -20.19 -3.57 -11.03
C TYR F 73 -19.17 -2.44 -11.11
N TYR F 74 -18.42 -2.20 -10.04
CA TYR F 74 -17.39 -1.16 -10.07
C TYR F 74 -16.29 -1.53 -11.06
N ALA F 75 -15.84 -2.79 -11.04
CA ALA F 75 -14.81 -3.22 -11.97
C ALA F 75 -15.31 -3.14 -13.41
N THR F 76 -16.60 -3.44 -13.63
CA THR F 76 -17.17 -3.32 -14.96
C THR F 76 -17.14 -1.87 -15.44
N GLN F 77 -17.61 -0.94 -14.60
CA GLN F 77 -17.65 0.45 -15.00
C GLN F 77 -16.25 1.03 -15.16
N LEU F 78 -15.34 0.67 -14.25
CA LEU F 78 -13.97 1.18 -14.33
C LEU F 78 -13.27 0.69 -15.58
N CYS F 79 -13.41 -0.60 -15.90
CA CYS F 79 -12.71 -1.16 -17.05
C CYS F 79 -13.34 -0.71 -18.36
N LEU F 80 -14.66 -0.63 -18.41
CA LEU F 80 -15.32 -0.25 -19.65
C LEU F 80 -15.16 1.23 -19.97
N ASN F 81 -14.63 2.02 -19.04
CA ASN F 81 -14.44 3.45 -19.28
C ASN F 81 -12.98 3.85 -19.42
N LYS F 82 -12.05 3.08 -18.86
CA LYS F 82 -10.65 3.47 -18.87
C LYS F 82 -9.73 2.38 -19.39
N TYR F 83 -10.10 1.12 -19.18
CA TYR F 83 -9.23 -0.02 -19.48
C TYR F 83 -9.98 -1.02 -20.35
N PRO F 84 -10.12 -0.73 -21.64
CA PRO F 84 -10.86 -1.66 -22.52
C PRO F 84 -10.10 -2.94 -22.85
N HIS F 85 -8.85 -3.08 -22.42
CA HIS F 85 -8.08 -4.29 -22.68
C HIS F 85 -8.31 -5.37 -21.64
N LEU F 86 -9.09 -5.10 -20.60
CA LEU F 86 -9.35 -6.05 -19.54
C LEU F 86 -10.70 -6.75 -19.70
N ILE F 87 -11.34 -6.62 -20.86
CA ILE F 87 -12.61 -7.30 -21.09
C ILE F 87 -12.40 -8.81 -21.05
N ASN F 88 -13.21 -9.49 -20.25
CA ASN F 88 -13.19 -10.96 -20.16
C ASN F 88 -11.84 -11.51 -19.71
N ALA F 89 -11.05 -10.72 -19.02
CA ALA F 89 -9.69 -11.11 -18.65
C ALA F 89 -9.59 -11.79 -17.30
N PHE F 90 -10.70 -11.95 -16.58
CA PHE F 90 -10.69 -12.53 -15.25
C PHE F 90 -11.67 -13.68 -15.18
N ASP F 91 -11.45 -14.56 -14.21
CA ASP F 91 -12.31 -15.70 -13.96
C ASP F 91 -12.89 -15.62 -12.54
N GLU F 92 -13.54 -16.70 -12.12
CA GLU F 92 -14.22 -16.68 -10.83
C GLU F 92 -13.25 -16.52 -9.67
N THR F 93 -12.08 -17.16 -9.76
CA THR F 93 -11.12 -17.08 -8.66
C THR F 93 -10.57 -15.68 -8.49
N SER F 94 -10.45 -14.92 -9.58
CA SER F 94 -9.97 -13.55 -9.48
C SER F 94 -10.94 -12.68 -8.69
N LEU F 95 -12.25 -12.85 -8.90
CA LEU F 95 -13.23 -12.06 -8.18
C LEU F 95 -13.27 -12.42 -6.71
N ILE F 96 -13.14 -13.71 -6.39
CA ILE F 96 -13.14 -14.13 -4.99
C ILE F 96 -11.89 -13.59 -4.29
N THR F 97 -10.73 -13.73 -4.92
CA THR F 97 -9.50 -13.22 -4.33
C THR F 97 -9.52 -11.70 -4.22
N LEU F 98 -10.12 -11.02 -5.18
CA LEU F 98 -10.23 -9.57 -5.11
C LEU F 98 -10.98 -9.12 -3.87
N GLY F 99 -12.04 -9.85 -3.51
CA GLY F 99 -12.76 -9.53 -2.29
C GLY F 99 -11.91 -9.71 -1.04
N LEU F 100 -11.12 -10.78 -1.00
CA LEU F 100 -10.22 -11.00 0.13
C LEU F 100 -9.18 -9.89 0.23
N LEU F 101 -8.66 -9.43 -0.90
CA LEU F 101 -7.65 -8.38 -0.89
C LEU F 101 -8.24 -7.04 -0.46
N ILE F 102 -9.47 -6.74 -0.89
CA ILE F 102 -10.12 -5.51 -0.47
C ILE F 102 -10.38 -5.54 1.04
N GLU F 103 -10.81 -6.69 1.54
CA GLU F 103 -10.99 -6.85 2.99
C GLU F 103 -9.67 -6.65 3.71
N LYS F 104 -8.57 -7.08 3.10
CA LYS F 104 -7.25 -6.89 3.71
C LYS F 104 -6.89 -5.42 3.82
N TRP F 105 -7.24 -4.63 2.81
CA TRP F 105 -6.89 -3.21 2.80
C TRP F 105 -7.59 -2.47 3.94
N VAL F 106 -8.86 -2.80 4.19
CA VAL F 106 -9.59 -2.16 5.27
C VAL F 106 -9.01 -2.55 6.62
N LYS F 107 -8.72 -3.84 6.81
CA LYS F 107 -8.17 -4.30 8.09
C LYS F 107 -6.76 -3.78 8.31
N ASP F 108 -6.08 -3.36 7.24
CA ASP F 108 -4.74 -2.79 7.39
C ASP F 108 -4.78 -1.53 8.23
N TYR F 109 -5.81 -0.71 8.05
CA TYR F 109 -5.97 0.53 8.79
C TYR F 109 -6.40 0.32 10.22
N LEU F 110 -6.49 -0.91 10.74
CA LEU F 110 -6.96 -1.13 12.10
C LEU F 110 -6.03 -2.01 12.92
N THR F 111 -5.05 -2.67 12.31
CA THR F 111 -4.19 -3.60 13.02
C THR F 111 -2.96 -2.88 13.57
N SER F 112 -2.40 -3.43 14.63
CA SER F 112 -1.22 -2.87 15.27
C SER F 112 -0.44 -4.01 15.93
N ILE F 113 0.85 -3.73 16.18
CA ILE F 113 1.74 -4.71 16.81
C ILE F 113 1.41 -4.73 18.30
N GLN F 114 0.73 -5.79 18.74
CA GLN F 114 0.34 -5.94 20.13
C GLN F 114 0.92 -7.23 20.69
N THR F 115 1.42 -7.17 21.91
CA THR F 115 1.99 -8.33 22.57
C THR F 115 1.05 -8.84 23.66
N GLU F 116 1.29 -10.06 24.11
CA GLU F 116 0.47 -10.66 25.15
C GLU F 116 1.35 -11.32 26.22
N ARG F 119 6.46 -12.89 22.67
CA ARG F 119 5.99 -12.85 21.28
C ARG F 119 4.98 -11.74 21.05
N GLN F 120 4.92 -11.26 19.81
CA GLN F 120 4.06 -10.16 19.41
C GLN F 120 3.21 -10.59 18.23
N SER F 121 2.02 -10.00 18.11
CA SER F 121 1.10 -10.33 17.03
C SER F 121 0.55 -9.05 16.43
N LYS F 122 0.29 -9.10 15.12
CA LYS F 122 -0.28 -7.97 14.39
C LYS F 122 -1.79 -8.18 14.31
N VAL F 123 -2.52 -7.61 15.28
CA VAL F 123 -3.94 -7.82 15.41
C VAL F 123 -4.63 -6.49 15.69
N ILE F 124 -5.94 -6.56 15.89
CA ILE F 124 -6.72 -5.40 16.32
C ILE F 124 -6.86 -5.46 17.83
N GLY F 125 -6.44 -4.41 18.52
CA GLY F 125 -6.41 -4.42 19.96
C GLY F 125 -7.25 -3.32 20.59
N LYS F 126 -6.76 -2.84 21.73
CA LYS F 126 -7.41 -1.78 22.50
C LYS F 126 -7.76 -0.55 21.67
N GLY F 127 -6.81 -0.04 20.89
CA GLY F 127 -6.87 1.30 20.36
C GLY F 127 -8.15 1.70 19.64
N PRO F 128 -8.41 1.10 18.48
CA PRO F 128 -9.55 1.57 17.66
C PRO F 128 -10.88 1.47 18.37
N CYS F 129 -11.06 0.49 19.25
CA CYS F 129 -12.33 0.36 19.97
C CYS F 129 -12.51 1.51 20.97
N GLU F 130 -11.49 1.78 21.78
CA GLU F 130 -11.60 2.84 22.77
C GLU F 130 -11.62 4.22 22.13
N PHE F 131 -11.02 4.38 20.96
CA PHE F 131 -10.99 5.69 20.31
C PHE F 131 -12.38 6.17 19.97
N ILE F 132 -13.34 5.25 19.80
CA ILE F 132 -14.71 5.61 19.49
C ILE F 132 -15.63 5.03 20.55
N SER F 133 -15.11 4.83 21.75
CA SER F 133 -15.85 4.18 22.81
C SER F 133 -16.94 5.10 23.36
N LYS F 134 -17.91 4.50 24.03
CA LYS F 134 -18.98 5.24 24.70
C LYS F 134 -19.62 4.33 25.73
N HIS F 135 -19.47 4.67 27.01
CA HIS F 135 -20.11 3.91 28.07
C HIS F 135 -21.55 4.38 28.25
N ILE F 136 -22.48 3.45 28.17
CA ILE F 136 -23.91 3.74 28.23
C ILE F 136 -24.51 2.99 29.42
N ASP F 137 -25.33 3.68 30.20
CA ASP F 137 -26.07 3.08 31.32
C ASP F 137 -27.55 3.24 31.00
N TYR F 138 -28.11 2.26 30.28
CA TYR F 138 -29.51 2.34 29.86
C TYR F 138 -30.47 2.24 31.04
N ARG F 139 -30.02 1.72 32.18
CA ARG F 139 -30.90 1.63 33.34
C ARG F 139 -31.31 3.00 33.85
N HIS F 140 -30.38 3.95 33.87
CA HIS F 140 -30.63 5.30 34.37
C HIS F 140 -30.60 6.36 33.29
N ALA F 141 -29.83 6.17 32.22
CA ALA F 141 -29.72 7.14 31.14
C ALA F 141 -29.96 6.44 29.81
N PRO F 142 -31.21 6.11 29.49
CA PRO F 142 -31.50 5.44 28.21
C PRO F 142 -31.47 6.37 27.01
N GLY F 143 -31.35 7.68 27.22
CA GLY F 143 -31.35 8.63 26.12
C GLY F 143 -30.05 8.77 25.38
N ASN F 144 -28.96 8.19 25.90
CA ASN F 144 -27.67 8.27 25.20
C ASN F 144 -27.72 7.55 23.87
N ILE F 145 -28.16 6.29 23.88
CA ILE F 145 -28.25 5.46 22.69
C ILE F 145 -26.92 5.43 21.92
N GLU G 3 33.97 20.75 31.80
CA GLU G 3 32.97 21.05 30.77
C GLU G 3 31.93 22.03 31.28
N LEU G 4 31.77 22.08 32.61
CA LEU G 4 30.87 23.05 33.22
C LEU G 4 31.33 24.48 32.95
N ASN G 5 32.64 24.73 33.06
CA ASN G 5 33.17 26.04 32.71
C ASN G 5 33.00 26.33 31.23
N ASP G 6 33.04 25.28 30.41
CA ASP G 6 32.83 25.46 28.98
C ASP G 6 31.42 25.92 28.68
N TYR G 7 30.43 25.39 29.40
CA TYR G 7 29.05 25.82 29.20
C TYR G 7 28.84 27.24 29.70
N SER G 8 29.64 27.68 30.67
CA SER G 8 29.50 29.04 31.19
C SER G 8 29.80 30.08 30.12
N THR G 9 30.80 29.80 29.28
CA THR G 9 31.11 30.72 28.18
C THR G 9 29.95 30.82 27.21
N MET G 10 29.28 29.70 26.94
CA MET G 10 28.12 29.71 26.04
C MET G 10 27.00 30.57 26.60
N ILE G 11 26.74 30.46 27.91
CA ILE G 11 25.68 31.26 28.52
C ILE G 11 26.03 32.74 28.47
N ASP G 12 27.30 33.09 28.72
CA ASP G 12 27.71 34.48 28.69
C ASP G 12 27.53 35.08 27.29
N ILE G 13 27.86 34.32 26.25
CA ILE G 13 27.70 34.81 24.88
C ILE G 13 26.22 35.02 24.57
N LEU G 14 25.37 34.07 24.96
CA LEU G 14 23.95 34.17 24.65
C LEU G 14 23.31 35.37 25.34
N LEU G 15 23.66 35.61 26.60
CA LEU G 15 23.04 36.69 27.36
C LEU G 15 23.45 38.07 26.87
N SER G 16 24.56 38.17 26.16
CA SER G 16 25.07 39.48 25.75
C SER G 16 24.26 40.11 24.62
N ASP G 17 23.33 39.37 24.00
CA ASP G 17 22.62 39.86 22.83
C ASP G 17 21.11 39.71 22.93
N MET G 18 20.58 39.44 24.12
CA MET G 18 19.13 39.36 24.32
C MET G 18 18.73 40.32 25.43
N ASP G 19 17.61 41.01 25.23
CA ASP G 19 17.11 41.94 26.23
C ASP G 19 16.73 41.19 27.51
N LEU G 20 17.05 41.80 28.66
CA LEU G 20 16.89 41.16 29.95
C LEU G 20 15.48 41.30 30.51
N GLU G 21 14.58 42.00 29.81
CA GLU G 21 13.24 42.20 30.34
C GLU G 21 12.45 40.90 30.44
N THR G 22 12.53 40.05 29.41
CA THR G 22 11.74 38.83 29.35
C THR G 22 12.61 37.58 29.41
N VAL G 23 13.81 37.67 29.96
CA VAL G 23 14.70 36.51 30.02
C VAL G 23 14.18 35.53 31.05
N THR G 24 14.09 34.27 30.66
CA THR G 24 13.70 33.19 31.56
C THR G 24 14.76 32.09 31.49
N THR G 25 14.91 31.35 32.59
CA THR G 25 15.87 30.26 32.61
C THR G 25 15.57 29.23 31.53
N LYS G 26 14.29 29.04 31.21
CA LYS G 26 13.94 28.15 30.11
C LYS G 26 14.30 28.76 28.76
N LYS G 27 14.15 30.08 28.63
CA LYS G 27 14.45 30.74 27.36
C LYS G 27 15.92 30.64 27.01
N VAL G 28 16.80 30.85 27.99
CA VAL G 28 18.23 30.70 27.75
C VAL G 28 18.58 29.24 27.51
N ARG G 29 17.95 28.33 28.25
CA ARG G 29 18.19 26.91 28.05
C ARG G 29 17.76 26.46 26.66
N MET G 30 16.66 27.00 26.15
CA MET G 30 16.25 26.71 24.79
C MET G 30 17.25 27.28 23.79
N ALA G 31 17.77 28.47 24.06
CA ALA G 31 18.72 29.10 23.14
C ALA G 31 20.04 28.32 23.08
N LEU G 32 20.39 27.63 24.17
CA LEU G 32 21.61 26.83 24.17
C LEU G 32 21.51 25.70 23.16
N LYS G 33 20.36 25.04 23.10
CA LYS G 33 20.17 23.96 22.13
C LYS G 33 20.02 24.50 20.71
N GLU G 34 19.46 25.70 20.56
CA GLU G 34 19.23 26.24 19.24
C GLU G 34 20.52 26.68 18.55
N VAL G 35 21.49 27.19 19.31
CA VAL G 35 22.72 27.71 18.74
C VAL G 35 23.85 26.71 18.80
N TYR G 36 24.01 26.01 19.94
CA TYR G 36 25.14 25.12 20.15
C TYR G 36 24.75 23.65 20.18
N ALA G 37 23.46 23.34 20.10
CA ALA G 37 22.98 21.96 20.02
C ALA G 37 23.43 21.12 21.21
N ILE G 38 23.70 21.76 22.34
CA ILE G 38 24.09 21.03 23.55
C ILE G 38 22.85 20.43 24.19
N ASP G 39 22.97 19.21 24.70
CA ASP G 39 21.83 18.51 25.27
C ASP G 39 21.54 19.04 26.66
N VAL G 40 20.37 19.64 26.84
CA VAL G 40 20.03 20.25 28.12
C VAL G 40 19.37 19.27 29.07
N GLU G 41 18.87 18.13 28.56
CA GLU G 41 18.17 17.19 29.41
C GLU G 41 19.09 16.59 30.47
N SER G 42 20.28 16.15 30.06
CA SER G 42 21.27 15.67 31.03
C SER G 42 21.80 16.85 31.84
N GLN G 43 22.20 16.57 33.08
CA GLN G 43 22.58 17.58 34.07
C GLN G 43 21.76 18.87 33.93
N GLY G 44 20.45 18.69 33.82
CA GLY G 44 19.57 19.84 33.67
C GLY G 44 19.55 20.72 34.91
N LYS G 45 19.51 20.12 36.09
CA LYS G 45 19.51 20.89 37.33
C LYS G 45 20.81 21.67 37.48
N ALA G 46 21.94 21.05 37.16
CA ALA G 46 23.21 21.76 37.19
C ALA G 46 23.24 22.89 36.17
N ILE G 47 22.68 22.64 34.98
CA ILE G 47 22.63 23.67 33.95
C ILE G 47 21.80 24.85 34.41
N ASN G 48 20.63 24.58 35.00
CA ASN G 48 19.75 25.67 35.42
C ASN G 48 20.39 26.53 36.48
N LYS G 49 21.25 25.94 37.32
CA LYS G 49 21.95 26.73 38.33
C LYS G 49 22.87 27.76 37.68
N LEU G 50 23.53 27.39 36.58
CA LEU G 50 24.42 28.32 35.90
C LEU G 50 23.66 29.51 35.33
N ILE G 51 22.49 29.27 34.75
CA ILE G 51 21.71 30.38 34.19
C ILE G 51 21.29 31.34 35.29
N ARG G 52 20.78 30.82 36.41
CA ARG G 52 20.38 31.69 37.51
C ARG G 52 21.57 32.45 38.08
N LYS G 53 22.72 31.77 38.21
CA LYS G 53 23.92 32.44 38.68
C LYS G 53 24.36 33.53 37.70
N HIS G 54 24.29 33.24 36.40
CA HIS G 54 24.73 34.21 35.42
C HIS G 54 23.71 35.33 35.24
N LEU G 55 22.44 35.07 35.54
CA LEU G 55 21.41 36.08 35.35
C LEU G 55 21.51 37.20 36.39
N ASP G 56 22.12 36.91 37.54
CA ASP G 56 22.31 37.97 38.53
C ASP G 56 23.43 38.91 38.12
N LEU G 57 24.42 38.42 37.39
CA LEU G 57 25.58 39.21 37.02
C LEU G 57 25.34 40.12 35.83
N VAL G 58 24.27 39.90 35.06
CA VAL G 58 24.03 40.72 33.88
C VAL G 58 23.16 41.94 34.18
N LYS G 59 22.80 42.15 35.45
CA LYS G 59 22.10 43.39 35.80
C LYS G 59 23.06 44.55 35.97
N GLU G 60 24.36 44.28 36.09
CA GLU G 60 25.33 45.35 36.30
C GLU G 60 25.55 46.17 35.05
N ARG G 61 25.89 45.52 33.95
CA ARG G 61 26.14 46.24 32.70
C ARG G 61 24.83 46.73 32.10
N PRO G 62 24.87 47.72 31.22
CA PRO G 62 23.63 48.21 30.61
C PRO G 62 23.30 47.53 29.30
N ARG G 63 22.16 47.91 28.73
CA ARG G 63 21.68 47.25 27.52
C ARG G 63 22.20 47.95 26.27
N PHE G 64 22.95 47.22 25.47
CA PHE G 64 23.48 47.71 24.21
C PHE G 64 22.85 46.94 23.07
N GLU G 65 22.22 47.67 22.15
CA GLU G 65 21.57 47.08 20.99
C GLU G 65 22.34 47.48 19.74
N ARG G 66 22.75 46.48 18.96
CA ARG G 66 23.48 46.72 17.72
C ARG G 66 22.62 46.30 16.53
N SER G 67 22.62 47.14 15.50
CA SER G 67 21.78 46.93 14.34
C SER G 67 22.33 45.79 13.48
N LEU G 68 21.65 45.56 12.35
CA LEU G 68 22.09 44.51 11.43
C LEU G 68 23.44 44.85 10.82
N GLU G 69 23.68 46.13 10.51
CA GLU G 69 24.94 46.52 9.91
C GLU G 69 26.11 46.20 10.82
N ASP G 70 26.00 46.52 12.12
CA ASP G 70 27.09 46.23 13.05
C ASP G 70 27.36 44.75 13.15
N LEU G 71 26.30 43.93 13.16
CA LEU G 71 26.48 42.48 13.20
C LEU G 71 27.19 41.98 11.95
N LEU G 72 26.83 42.49 10.78
CA LEU G 72 27.40 42.01 9.53
C LEU G 72 28.90 42.30 9.46
N LYS G 73 29.30 43.51 9.81
CA LYS G 73 30.70 43.88 9.70
C LYS G 73 31.56 43.13 10.71
N GLU G 74 31.03 42.90 11.92
CA GLU G 74 31.80 42.20 12.94
C GLU G 74 31.86 40.71 12.66
N ASN G 75 30.79 40.16 12.07
CA ASN G 75 30.82 38.76 11.66
C ASN G 75 31.89 38.52 10.61
N ALA G 76 32.02 39.45 9.66
CA ALA G 76 33.07 39.32 8.65
C ALA G 76 34.45 39.38 9.29
N THR G 77 34.64 40.25 10.28
CA THR G 77 35.92 40.35 10.95
C THR G 77 36.28 39.04 11.66
N LEU G 78 35.31 38.46 12.36
CA LEU G 78 35.57 37.21 13.08
C LEU G 78 35.83 36.07 12.12
N ALA G 79 35.09 36.02 11.01
CA ALA G 79 35.22 34.89 10.09
C ALA G 79 36.58 34.89 9.40
N ILE G 80 37.00 36.03 8.86
CA ILE G 80 38.28 36.07 8.16
C ILE G 80 39.44 35.85 9.13
N GLU G 81 39.32 36.35 10.37
CA GLU G 81 40.36 36.13 11.35
C GLU G 81 40.46 34.65 11.71
N LEU G 82 39.32 33.97 11.87
CA LEU G 82 39.35 32.57 12.23
C LEU G 82 39.97 31.70 11.15
N THR G 83 39.84 32.10 9.88
CA THR G 83 40.45 31.34 8.79
C THR G 83 41.97 31.42 8.84
N LYS G 84 42.50 32.54 9.33
CA LYS G 84 43.95 32.70 9.41
C LYS G 84 44.60 31.73 10.39
N GLU G 85 43.97 31.47 11.54
CA GLU G 85 44.55 30.52 12.48
C GLU G 85 44.55 29.11 11.92
N ILE G 86 43.71 28.85 10.92
CA ILE G 86 43.70 27.55 10.25
C ILE G 86 44.58 27.59 9.02
N VAL H 66 -24.38 -26.35 18.27
CA VAL H 66 -23.84 -26.90 17.03
C VAL H 66 -24.48 -26.25 15.78
N PRO H 67 -25.81 -26.15 15.71
CA PRO H 67 -26.42 -25.48 14.55
C PRO H 67 -26.08 -24.00 14.54
N THR H 68 -26.07 -23.43 13.34
CA THR H 68 -25.75 -22.02 13.13
C THR H 68 -27.05 -21.24 12.96
N LEU H 69 -27.23 -20.21 13.78
CA LEU H 69 -28.39 -19.33 13.66
C LEU H 69 -28.24 -18.42 12.45
N GLN H 70 -29.38 -18.05 11.86
CA GLN H 70 -29.40 -17.14 10.72
C GLN H 70 -30.14 -15.84 11.01
N ASN H 71 -31.38 -15.93 11.50
CA ASN H 71 -32.23 -14.76 11.70
C ASN H 71 -32.47 -14.53 13.18
N ILE H 72 -32.45 -13.26 13.58
CA ILE H 72 -32.73 -12.84 14.95
C ILE H 72 -33.68 -11.67 14.88
N VAL H 73 -34.76 -11.72 15.67
CA VAL H 73 -35.74 -10.65 15.75
C VAL H 73 -35.77 -10.12 17.17
N ALA H 74 -35.55 -8.81 17.33
CA ALA H 74 -35.51 -8.17 18.62
C ALA H 74 -36.71 -7.25 18.77
N THR H 75 -37.21 -7.14 20.00
CA THR H 75 -38.33 -6.29 20.33
C THR H 75 -37.82 -5.10 21.14
N VAL H 76 -37.90 -3.91 20.56
CA VAL H 76 -37.46 -2.68 21.20
C VAL H 76 -38.61 -1.67 21.15
N THR H 77 -38.94 -1.08 22.29
CA THR H 77 -40.04 -0.14 22.40
C THR H 77 -39.46 1.26 22.61
N LEU H 78 -39.95 2.22 21.83
CA LEU H 78 -39.57 3.61 22.02
C LEU H 78 -40.63 4.33 22.85
N GLY H 79 -40.17 5.05 23.87
CA GLY H 79 -41.11 5.71 24.77
C GLY H 79 -41.97 6.75 24.08
N CYS H 80 -41.37 7.50 23.15
CA CYS H 80 -42.10 8.55 22.47
C CYS H 80 -43.07 7.96 21.43
N ARG H 81 -43.98 8.81 20.97
CA ARG H 81 -44.95 8.44 19.94
C ARG H 81 -44.40 8.92 18.60
N LEU H 82 -44.37 8.01 17.62
CA LEU H 82 -43.71 8.27 16.35
C LEU H 82 -44.71 8.64 15.27
N ASP H 83 -44.35 9.62 14.45
CA ASP H 83 -45.14 9.98 13.28
C ASP H 83 -44.49 9.34 12.05
N LEU H 84 -45.18 8.35 11.46
CA LEU H 84 -44.59 7.58 10.38
C LEU H 84 -44.40 8.42 9.12
N LYS H 85 -45.28 9.38 8.88
CA LYS H 85 -45.18 10.20 7.67
C LYS H 85 -43.93 11.05 7.67
N THR H 86 -43.62 11.70 8.79
CA THR H 86 -42.48 12.61 8.83
C THR H 86 -41.15 11.87 8.83
N VAL H 87 -41.09 10.75 9.55
CA VAL H 87 -39.82 10.01 9.65
C VAL H 87 -39.43 9.44 8.30
N ALA H 88 -40.42 9.03 7.50
CA ALA H 88 -40.11 8.50 6.17
C ALA H 88 -39.48 9.58 5.29
N LEU H 89 -40.02 10.80 5.33
CA LEU H 89 -39.46 11.89 4.55
C LEU H 89 -38.05 12.24 5.01
N HIS H 90 -37.83 12.27 6.34
CA HIS H 90 -36.51 12.59 6.85
C HIS H 90 -35.50 11.49 6.54
N ALA H 91 -35.91 10.23 6.62
CA ALA H 91 -35.01 9.13 6.34
C ALA H 91 -34.61 9.13 4.87
N ARG H 92 -33.37 8.74 4.60
CA ARG H 92 -32.84 8.81 3.23
C ARG H 92 -33.50 7.78 2.32
N ASN H 93 -33.60 6.52 2.78
CA ASN H 93 -34.07 5.45 1.92
C ASN H 93 -35.21 4.63 2.50
N ALA H 94 -35.75 5.00 3.67
CA ALA H 94 -36.88 4.27 4.21
C ALA H 94 -38.14 4.53 3.39
N GLU H 95 -38.85 3.46 3.07
CA GLU H 95 -40.06 3.53 2.25
C GLU H 95 -41.27 3.22 3.11
N TYR H 96 -42.26 4.12 3.09
CA TYR H 96 -43.46 3.98 3.90
C TYR H 96 -44.69 4.16 3.02
N ASN H 97 -45.62 3.20 3.13
CA ASN H 97 -46.90 3.26 2.41
C ASN H 97 -47.96 2.60 3.27
N PRO H 98 -48.81 3.38 3.93
CA PRO H 98 -49.75 2.80 4.91
C PRO H 98 -50.84 1.95 4.28
N LYS H 99 -51.02 2.02 2.95
CA LYS H 99 -52.10 1.26 2.32
C LYS H 99 -51.91 -0.24 2.48
N ARG H 100 -50.68 -0.72 2.32
CA ARG H 100 -50.40 -2.16 2.43
C ARG H 100 -49.93 -2.51 3.85
N PHE H 101 -48.91 -1.81 4.33
CA PHE H 101 -48.36 -2.05 5.66
C PHE H 101 -48.30 -0.74 6.43
N ALA H 102 -48.58 -0.80 7.72
CA ALA H 102 -48.63 0.38 8.58
C ALA H 102 -47.33 0.58 9.34
N ALA H 103 -46.19 0.26 8.73
CA ALA H 103 -44.90 0.39 9.38
C ALA H 103 -43.90 0.98 8.40
N VAL H 104 -42.89 1.65 8.96
CA VAL H 104 -41.80 2.19 8.16
C VAL H 104 -40.71 1.13 8.05
N ILE H 105 -40.24 0.89 6.83
CA ILE H 105 -39.23 -0.12 6.55
C ILE H 105 -37.92 0.58 6.24
N MET H 106 -36.88 0.23 6.98
CA MET H 106 -35.54 0.70 6.65
C MET H 106 -34.54 -0.40 6.99
N ARG H 107 -33.41 -0.41 6.27
CA ARG H 107 -32.39 -1.41 6.46
C ARG H 107 -31.04 -0.73 6.69
N ILE H 108 -30.19 -1.38 7.48
CA ILE H 108 -28.82 -0.95 7.71
C ILE H 108 -27.90 -1.99 7.07
N ARG H 109 -26.71 -1.54 6.65
CA ARG H 109 -25.86 -2.39 5.82
C ARG H 109 -25.09 -3.41 6.66
N GLU H 110 -24.26 -2.95 7.58
CA GLU H 110 -23.32 -3.86 8.24
C GLU H 110 -24.01 -4.98 9.00
N PRO H 111 -24.98 -4.74 9.89
CA PRO H 111 -25.68 -5.86 10.53
C PRO H 111 -26.64 -6.58 9.59
N LYS H 112 -26.92 -6.02 8.42
CA LYS H 112 -27.86 -6.61 7.46
C LYS H 112 -29.20 -6.89 8.12
N THR H 113 -29.70 -5.90 8.84
CA THR H 113 -30.91 -6.03 9.65
C THR H 113 -31.99 -5.12 9.11
N THR H 114 -33.22 -5.61 9.08
CA THR H 114 -34.39 -4.86 8.65
C THR H 114 -35.29 -4.61 9.86
N ALA H 115 -35.71 -3.36 10.04
CA ALA H 115 -36.51 -2.97 11.19
C ALA H 115 -37.88 -2.50 10.76
N LEU H 116 -38.90 -2.90 11.53
CA LEU H 116 -40.26 -2.43 11.34
C LEU H 116 -40.57 -1.38 12.40
N ILE H 117 -40.93 -0.17 11.96
CA ILE H 117 -41.11 0.97 12.84
C ILE H 117 -42.59 1.30 12.88
N PHE H 118 -43.19 1.19 14.06
CA PHE H 118 -44.60 1.47 14.25
C PHE H 118 -44.80 2.89 14.77
N ALA H 119 -46.00 3.43 14.53
CA ALA H 119 -46.33 4.74 15.07
C ALA H 119 -46.46 4.71 16.58
N SER H 120 -46.80 3.55 17.16
CA SER H 120 -46.94 3.42 18.60
C SER H 120 -45.60 3.43 19.32
N GLY H 121 -44.49 3.35 18.60
CA GLY H 121 -43.17 3.34 19.19
C GLY H 121 -42.54 1.97 19.27
N LYS H 122 -43.31 0.90 19.13
CA LYS H 122 -42.75 -0.44 19.12
C LYS H 122 -41.97 -0.67 17.83
N MET H 123 -40.77 -1.22 17.96
CA MET H 123 -39.91 -1.48 16.83
C MET H 123 -39.36 -2.90 16.93
N VAL H 124 -39.46 -3.65 15.83
CA VAL H 124 -38.91 -5.00 15.75
C VAL H 124 -37.94 -5.05 14.58
N VAL H 125 -36.73 -5.50 14.85
CA VAL H 125 -35.69 -5.62 13.84
C VAL H 125 -35.63 -7.07 13.40
N THR H 126 -35.08 -7.30 12.21
CA THR H 126 -35.04 -8.64 11.63
C THR H 126 -33.80 -8.78 10.77
N GLY H 127 -33.09 -9.89 10.95
CA GLY H 127 -31.92 -10.21 10.15
C GLY H 127 -30.60 -10.21 10.90
N ALA H 128 -30.60 -10.09 12.22
CA ALA H 128 -29.34 -10.08 12.96
C ALA H 128 -28.72 -11.48 13.01
N LYS H 129 -27.39 -11.51 12.95
CA LYS H 129 -26.69 -12.79 12.96
C LYS H 129 -26.46 -13.27 14.39
N SER H 130 -26.66 -12.39 15.38
CA SER H 130 -26.41 -12.72 16.76
C SER H 130 -27.26 -11.83 17.66
N GLU H 131 -27.43 -12.25 18.92
CA GLU H 131 -28.19 -11.45 19.87
C GLU H 131 -27.47 -10.13 20.17
N ASP H 132 -26.15 -10.19 20.35
CA ASP H 132 -25.37 -8.98 20.58
C ASP H 132 -25.39 -8.06 19.37
N ASP H 133 -25.29 -8.62 18.16
CA ASP H 133 -25.39 -7.81 16.95
C ASP H 133 -26.77 -7.19 16.82
N SER H 134 -27.80 -7.90 17.27
CA SER H 134 -29.14 -7.33 17.28
C SER H 134 -29.22 -6.12 18.18
N LYS H 135 -28.58 -6.19 19.36
CA LYS H 135 -28.54 -5.03 20.25
C LYS H 135 -27.80 -3.88 19.59
N LEU H 136 -26.67 -4.16 18.93
CA LEU H 136 -25.95 -3.12 18.21
C LEU H 136 -26.78 -2.56 17.06
N ALA H 137 -27.45 -3.44 16.31
CA ALA H 137 -28.32 -2.98 15.23
C ALA H 137 -29.49 -2.18 15.78
N SER H 138 -30.07 -2.62 16.90
CA SER H 138 -31.17 -1.88 17.50
C SER H 138 -30.73 -0.49 17.95
N ARG H 139 -29.51 -0.39 18.49
CA ARG H 139 -29.00 0.92 18.91
C ARG H 139 -28.88 1.87 17.73
N LYS H 140 -28.37 1.38 16.59
CA LYS H 140 -28.26 2.23 15.41
C LYS H 140 -29.64 2.64 14.90
N TYR H 141 -30.59 1.73 14.91
CA TYR H 141 -31.96 2.07 14.50
C TYR H 141 -32.56 3.12 15.43
N ALA H 142 -32.37 2.96 16.75
CA ALA H 142 -32.84 3.96 17.69
C ALA H 142 -32.10 5.28 17.50
N ARG H 143 -30.80 5.22 17.23
CA ARG H 143 -30.02 6.43 17.02
C ARG H 143 -30.51 7.19 15.79
N ILE H 144 -30.83 6.48 14.72
CA ILE H 144 -31.32 7.13 13.50
C ILE H 144 -32.65 7.83 13.78
N ILE H 145 -33.56 7.15 14.49
CA ILE H 145 -34.85 7.74 14.80
C ILE H 145 -34.67 8.97 15.70
N GLN H 146 -33.79 8.85 16.71
CA GLN H 146 -33.54 9.99 17.59
C GLN H 146 -32.92 11.16 16.83
N LYS H 147 -32.02 10.88 15.87
CA LYS H 147 -31.39 11.94 15.11
C LYS H 147 -32.39 12.76 14.29
N ILE H 148 -33.57 12.18 13.99
CA ILE H 148 -34.61 12.96 13.33
C ILE H 148 -35.10 14.08 14.23
N GLY H 149 -35.15 13.84 15.53
CA GLY H 149 -35.62 14.82 16.48
C GLY H 149 -36.91 14.46 17.21
N PHE H 150 -37.30 13.19 17.22
CA PHE H 150 -38.54 12.76 17.86
C PHE H 150 -38.32 12.31 19.30
N ALA H 151 -37.09 12.38 19.80
CA ALA H 151 -36.78 12.08 21.21
C ALA H 151 -37.20 10.66 21.59
N ALA H 152 -36.83 9.70 20.76
CA ALA H 152 -37.08 8.31 21.06
C ALA H 152 -36.15 7.84 22.18
N LYS H 153 -36.57 6.79 22.87
CA LYS H 153 -35.82 6.23 23.99
C LYS H 153 -35.60 4.74 23.77
N PHE H 154 -34.41 4.27 24.13
CA PHE H 154 -34.04 2.86 23.97
C PHE H 154 -34.25 2.15 25.30
N THR H 155 -35.37 1.45 25.43
CA THR H 155 -35.70 0.77 26.66
C THR H 155 -36.33 -0.59 26.35
N ASP H 156 -36.17 -1.51 27.31
CA ASP H 156 -36.81 -2.83 27.26
C ASP H 156 -36.40 -3.59 25.99
N PHE H 157 -35.12 -3.91 25.90
CA PHE H 157 -34.64 -4.77 24.82
C PHE H 157 -35.00 -6.22 25.12
N LYS H 158 -35.62 -6.88 24.16
CA LYS H 158 -36.07 -8.26 24.36
C LYS H 158 -35.97 -9.04 23.07
N ILE H 159 -35.19 -10.11 23.10
CA ILE H 159 -35.11 -11.04 21.98
C ILE H 159 -36.34 -11.94 22.01
N GLN H 160 -37.08 -11.97 20.90
CA GLN H 160 -38.36 -12.67 20.86
C GLN H 160 -38.32 -14.00 20.13
N ASN H 161 -37.36 -14.21 19.23
CA ASN H 161 -37.29 -15.48 18.51
C ASN H 161 -35.89 -15.60 17.91
N ILE H 162 -35.34 -16.81 17.96
CA ILE H 162 -34.05 -17.13 17.37
C ILE H 162 -34.23 -18.32 16.45
N VAL H 163 -33.74 -18.19 15.21
CA VAL H 163 -33.88 -19.21 14.19
C VAL H 163 -32.51 -19.82 13.94
N GLY H 164 -32.41 -21.13 14.11
CA GLY H 164 -31.16 -21.85 13.89
C GLY H 164 -31.38 -23.06 13.01
N SER H 165 -30.32 -23.50 12.35
CA SER H 165 -30.39 -24.64 11.45
C SER H 165 -29.02 -25.29 11.33
N CYS H 166 -29.03 -26.55 10.87
CA CYS H 166 -27.80 -27.29 10.64
C CYS H 166 -28.05 -28.30 9.53
N ASP H 167 -26.96 -28.74 8.90
CA ASP H 167 -27.01 -29.73 7.83
C ASP H 167 -26.35 -31.00 8.33
N VAL H 168 -27.10 -32.11 8.31
CA VAL H 168 -26.57 -33.39 8.79
C VAL H 168 -25.73 -34.10 7.73
N LYS H 169 -25.73 -33.61 6.49
CA LYS H 169 -24.96 -34.18 5.38
C LYS H 169 -25.35 -35.62 5.08
N PHE H 170 -26.46 -36.09 5.64
CA PHE H 170 -26.97 -37.42 5.37
C PHE H 170 -28.38 -37.32 4.81
N PRO H 171 -28.54 -37.44 3.48
CA PRO H 171 -29.87 -37.47 2.88
C PRO H 171 -30.85 -38.37 3.62
N ILE H 172 -31.94 -37.80 4.11
CA ILE H 172 -32.91 -38.54 4.92
C ILE H 172 -34.30 -38.36 4.31
N ARG H 173 -34.98 -39.48 4.08
CA ARG H 173 -36.36 -39.47 3.62
C ARG H 173 -37.29 -38.93 4.71
N LEU H 174 -38.23 -38.07 4.31
CA LEU H 174 -39.15 -37.45 5.26
C LEU H 174 -40.50 -38.17 5.31
N GLU H 175 -40.74 -39.12 4.41
CA GLU H 175 -42.02 -39.83 4.40
C GLU H 175 -42.18 -40.70 5.63
N GLY H 176 -41.09 -41.34 6.07
CA GLY H 176 -41.19 -42.24 7.20
C GLY H 176 -41.57 -41.56 8.48
N LEU H 177 -41.06 -40.35 8.70
CA LEU H 177 -41.38 -39.60 9.92
C LEU H 177 -42.82 -39.13 9.93
N ALA H 178 -43.51 -39.21 8.79
CA ALA H 178 -44.91 -38.78 8.74
C ALA H 178 -45.81 -39.73 9.54
N PHE H 179 -45.67 -41.03 9.32
CA PHE H 179 -46.56 -41.99 9.95
C PHE H 179 -45.94 -42.70 11.15
N SER H 180 -44.62 -42.72 11.27
CA SER H 180 -44.00 -43.33 12.45
C SER H 180 -44.40 -42.56 13.71
N HIS H 181 -44.39 -41.23 13.65
CA HIS H 181 -44.91 -40.40 14.73
C HIS H 181 -45.72 -39.27 14.06
N GLY H 182 -47.00 -39.53 13.86
CA GLY H 182 -47.89 -38.61 13.19
C GLY H 182 -48.81 -37.81 14.08
N THR H 183 -48.75 -38.00 15.39
CA THR H 183 -49.63 -37.27 16.30
C THR H 183 -49.24 -35.81 16.37
N PHE H 184 -48.00 -35.52 16.78
CA PHE H 184 -47.50 -34.16 16.87
C PHE H 184 -46.76 -33.71 15.63
N SER H 185 -46.63 -34.56 14.62
CA SER H 185 -45.92 -34.23 13.39
C SER H 185 -46.85 -34.41 12.20
N SER H 186 -46.86 -33.43 11.31
CA SER H 186 -47.71 -33.44 10.13
C SER H 186 -46.85 -33.28 8.88
N TYR H 187 -47.25 -33.96 7.81
CA TYR H 187 -46.55 -33.90 6.53
C TYR H 187 -47.60 -33.80 5.44
N GLU H 188 -47.94 -32.57 5.06
CA GLU H 188 -48.80 -32.31 3.91
C GLU H 188 -47.91 -32.01 2.72
N PRO H 189 -47.71 -32.96 1.80
CA PRO H 189 -46.80 -32.70 0.66
C PRO H 189 -47.25 -31.52 -0.20
N GLU H 190 -48.56 -31.34 -0.37
CA GLU H 190 -49.04 -30.24 -1.20
C GLU H 190 -48.84 -28.89 -0.51
N LEU H 191 -49.12 -28.82 0.79
CA LEU H 191 -49.02 -27.55 1.50
C LEU H 191 -47.57 -27.12 1.68
N PHE H 192 -46.69 -28.07 2.01
CA PHE H 192 -45.28 -27.74 2.26
C PHE H 192 -44.38 -28.84 1.71
N PRO H 193 -43.26 -28.48 1.07
CA PRO H 193 -42.31 -29.50 0.61
C PRO H 193 -41.62 -30.25 1.73
N GLY H 194 -41.62 -29.73 2.95
CA GLY H 194 -40.96 -30.39 4.06
C GLY H 194 -41.95 -30.99 5.05
N LEU H 195 -41.43 -31.52 6.16
CA LEU H 195 -42.25 -32.13 7.19
C LEU H 195 -42.31 -31.23 8.40
N ILE H 196 -43.53 -30.98 8.90
CA ILE H 196 -43.74 -30.16 10.08
C ILE H 196 -43.63 -31.06 11.30
N TYR H 197 -42.70 -30.74 12.19
CA TYR H 197 -42.45 -31.53 13.40
C TYR H 197 -42.50 -30.59 14.60
N ARG H 198 -43.33 -30.92 15.57
CA ARG H 198 -43.46 -30.14 16.80
C ARG H 198 -43.15 -31.02 17.99
N MET H 199 -42.06 -30.73 18.68
CA MET H 199 -41.65 -31.46 19.87
C MET H 199 -41.84 -30.57 21.10
N VAL H 200 -42.21 -31.18 22.22
CA VAL H 200 -42.77 -30.42 23.34
C VAL H 200 -41.68 -29.66 24.08
N LYS H 201 -40.68 -30.36 24.61
CA LYS H 201 -39.71 -29.70 25.49
C LYS H 201 -38.28 -29.98 25.06
N PRO H 202 -37.44 -28.95 24.87
CA PRO H 202 -37.83 -27.53 24.97
C PRO H 202 -38.62 -27.05 23.74
N LYS H 203 -39.33 -25.93 23.89
CA LYS H 203 -40.30 -25.49 22.87
C LYS H 203 -39.58 -24.84 21.70
N ILE H 204 -39.20 -25.66 20.72
CA ILE H 204 -38.67 -25.20 19.44
C ILE H 204 -39.38 -25.95 18.32
N VAL H 205 -39.87 -25.20 17.33
CA VAL H 205 -40.49 -25.78 16.15
C VAL H 205 -39.42 -26.07 15.11
N LEU H 206 -39.41 -27.28 14.57
CA LEU H 206 -38.40 -27.70 13.62
C LEU H 206 -39.04 -28.38 12.43
N LEU H 207 -38.38 -28.27 11.28
CA LEU H 207 -38.88 -28.79 10.01
C LEU H 207 -37.89 -29.77 9.42
N ILE H 208 -38.41 -30.89 8.92
CA ILE H 208 -37.61 -31.93 8.27
C ILE H 208 -37.70 -31.74 6.76
N PHE H 209 -36.55 -31.70 6.10
CA PHE H 209 -36.47 -31.57 4.65
C PHE H 209 -35.97 -32.86 4.04
N VAL H 210 -36.12 -32.95 2.71
CA VAL H 210 -35.70 -34.15 1.99
C VAL H 210 -34.19 -34.30 2.03
N SER H 211 -33.47 -33.21 1.77
CA SER H 211 -32.00 -33.27 1.77
C SER H 211 -31.46 -33.55 3.16
N GLY H 212 -32.05 -32.94 4.19
CA GLY H 212 -31.59 -33.13 5.54
C GLY H 212 -31.18 -31.84 6.22
N LYS H 213 -31.59 -30.71 5.65
CA LYS H 213 -31.28 -29.39 6.21
C LYS H 213 -32.30 -29.09 7.30
N ILE H 214 -32.08 -29.69 8.47
CA ILE H 214 -33.01 -29.49 9.59
C ILE H 214 -32.91 -28.05 10.07
N VAL H 215 -34.04 -27.36 10.10
CA VAL H 215 -34.11 -25.97 10.57
C VAL H 215 -34.89 -25.95 11.88
N LEU H 216 -34.57 -24.99 12.73
CA LEU H 216 -35.17 -24.85 14.05
C LEU H 216 -35.60 -23.41 14.25
N THR H 217 -36.78 -23.20 14.83
CA THR H 217 -37.27 -21.85 15.08
C THR H 217 -38.18 -21.86 16.30
N GLY H 218 -38.29 -20.69 16.93
CA GLY H 218 -39.15 -20.52 18.08
C GLY H 218 -38.47 -20.59 19.43
N ALA H 219 -37.14 -20.63 19.48
CA ALA H 219 -36.42 -20.70 20.74
C ALA H 219 -36.20 -19.30 21.30
N LYS H 220 -35.44 -19.23 22.40
CA LYS H 220 -35.16 -17.98 23.09
C LYS H 220 -33.68 -17.64 23.14
N GLN H 221 -32.82 -18.60 23.48
CA GLN H 221 -31.39 -18.35 23.59
C GLN H 221 -30.62 -19.50 22.95
N ARG H 222 -29.29 -19.40 22.98
CA ARG H 222 -28.44 -20.39 22.34
C ARG H 222 -28.41 -21.70 23.12
N GLU H 223 -28.53 -21.65 24.44
CA GLU H 223 -28.50 -22.88 25.23
C GLU H 223 -29.67 -23.79 24.89
N GLU H 224 -30.87 -23.22 24.77
CA GLU H 224 -32.03 -24.02 24.44
C GLU H 224 -31.95 -24.59 23.04
N ILE H 225 -31.47 -23.79 22.08
CA ILE H 225 -31.50 -24.22 20.68
C ILE H 225 -30.50 -25.34 20.45
N TYR H 226 -29.38 -25.34 21.19
CA TYR H 226 -28.42 -26.42 21.06
C TYR H 226 -28.99 -27.73 21.61
N GLN H 227 -29.67 -27.65 22.76
CA GLN H 227 -30.23 -28.85 23.36
C GLN H 227 -31.32 -29.46 22.49
N ALA H 228 -32.05 -28.63 21.76
CA ALA H 228 -33.06 -29.14 20.84
C ALA H 228 -32.42 -29.98 19.74
N PHE H 229 -31.29 -29.53 19.20
CA PHE H 229 -30.57 -30.32 18.21
C PHE H 229 -30.03 -31.61 18.79
N GLU H 230 -29.51 -31.55 20.03
CA GLU H 230 -28.96 -32.74 20.65
C GLU H 230 -30.01 -33.81 20.86
N ALA H 231 -31.24 -33.40 21.22
CA ALA H 231 -32.32 -34.37 21.36
C ALA H 231 -32.67 -35.03 20.03
N ILE H 232 -32.65 -34.25 18.94
CA ILE H 232 -33.02 -34.78 17.64
C ILE H 232 -31.83 -35.24 16.82
N TYR H 233 -30.61 -35.10 17.33
CA TYR H 233 -29.44 -35.58 16.61
C TYR H 233 -29.48 -37.08 16.35
N PRO H 234 -29.72 -37.95 17.34
CA PRO H 234 -29.81 -39.38 17.04
C PRO H 234 -30.96 -39.74 16.11
N VAL H 235 -32.07 -39.01 16.18
CA VAL H 235 -33.22 -39.31 15.33
C VAL H 235 -32.87 -39.09 13.86
N LEU H 236 -32.16 -38.00 13.56
CA LEU H 236 -31.83 -37.70 12.17
C LEU H 236 -30.77 -38.64 11.61
N SER H 237 -29.89 -39.18 12.47
CA SER H 237 -28.87 -40.10 12.00
C SER H 237 -29.46 -41.40 11.46
N GLU H 238 -30.44 -41.97 12.15
CA GLU H 238 -31.13 -43.17 11.71
C GLU H 238 -32.48 -42.78 11.10
N PHE H 239 -33.31 -43.78 10.83
CA PHE H 239 -34.48 -43.62 9.94
C PHE H 239 -34.03 -43.11 8.57
N ARG H 240 -33.23 -43.95 7.91
CA ARG H 240 -32.69 -43.63 6.59
C ARG H 240 -33.80 -43.46 5.56
#